data_5OW2
# 
_entry.id   5OW2 
# 
_audit_conform.dict_name       mmcif_pdbx.dic 
_audit_conform.dict_version    5.383 
_audit_conform.dict_location   http://mmcif.pdb.org/dictionaries/ascii/mmcif_pdbx.dic 
# 
loop_
_database_2.database_id 
_database_2.database_code 
_database_2.pdbx_database_accession 
_database_2.pdbx_DOI 
PDB   5OW2         pdb_00005ow2 10.2210/pdb5ow2/pdb 
WWPDB D_1200006125 ?            ?                   
# 
loop_
_pdbx_audit_revision_history.ordinal 
_pdbx_audit_revision_history.data_content_type 
_pdbx_audit_revision_history.major_revision 
_pdbx_audit_revision_history.minor_revision 
_pdbx_audit_revision_history.revision_date 
1 'Structure model' 1 0 2018-10-10 
2 'Structure model' 1 1 2019-07-24 
3 'Structure model' 1 2 2024-01-17 
# 
_pdbx_audit_revision_details.ordinal             1 
_pdbx_audit_revision_details.revision_ordinal    1 
_pdbx_audit_revision_details.data_content_type   'Structure model' 
_pdbx_audit_revision_details.provider            repository 
_pdbx_audit_revision_details.type                'Initial release' 
_pdbx_audit_revision_details.description         ? 
_pdbx_audit_revision_details.details             ? 
# 
loop_
_pdbx_audit_revision_group.ordinal 
_pdbx_audit_revision_group.revision_ordinal 
_pdbx_audit_revision_group.data_content_type 
_pdbx_audit_revision_group.group 
1 2 'Structure model' 'Data collection'        
2 2 'Structure model' 'Database references'    
3 2 'Structure model' 'Structure summary'      
4 3 'Structure model' 'Data collection'        
5 3 'Structure model' 'Database references'    
6 3 'Structure model' 'Refinement description' 
# 
loop_
_pdbx_audit_revision_category.ordinal 
_pdbx_audit_revision_category.revision_ordinal 
_pdbx_audit_revision_category.data_content_type 
_pdbx_audit_revision_category.category 
1 2 'Structure model' citation                      
2 2 'Structure model' citation_author               
3 2 'Structure model' entity                        
4 3 'Structure model' chem_comp_atom                
5 3 'Structure model' chem_comp_bond                
6 3 'Structure model' citation                      
7 3 'Structure model' database_2                    
8 3 'Structure model' pdbx_initial_refinement_model 
9 3 'Structure model' struct_ncs_dom_lim            
# 
loop_
_pdbx_audit_revision_item.ordinal 
_pdbx_audit_revision_item.revision_ordinal 
_pdbx_audit_revision_item.data_content_type 
_pdbx_audit_revision_item.item 
1  2 'Structure model' '_citation.journal_abbrev'              
2  2 'Structure model' '_citation.journal_id_CSD'              
3  2 'Structure model' '_citation.journal_id_ISSN'             
4  2 'Structure model' '_citation.journal_volume'              
5  2 'Structure model' '_citation.pdbx_database_id_DOI'        
6  2 'Structure model' '_citation.pdbx_database_id_PubMed'     
7  2 'Structure model' '_citation.title'                       
8  2 'Structure model' '_citation.year'                        
9  2 'Structure model' '_entity.formula_weight'                
10 3 'Structure model' '_citation.country'                     
11 3 'Structure model' '_database_2.pdbx_DOI'                  
12 3 'Structure model' '_database_2.pdbx_database_accession'   
13 3 'Structure model' '_struct_ncs_dom_lim.beg_auth_comp_id'  
14 3 'Structure model' '_struct_ncs_dom_lim.beg_label_asym_id' 
15 3 'Structure model' '_struct_ncs_dom_lim.beg_label_comp_id' 
16 3 'Structure model' '_struct_ncs_dom_lim.beg_label_seq_id'  
17 3 'Structure model' '_struct_ncs_dom_lim.end_auth_comp_id'  
18 3 'Structure model' '_struct_ncs_dom_lim.end_label_asym_id' 
19 3 'Structure model' '_struct_ncs_dom_lim.end_label_comp_id' 
20 3 'Structure model' '_struct_ncs_dom_lim.end_label_seq_id'  
# 
_pdbx_database_status.status_code                     REL 
_pdbx_database_status.status_code_sf                  REL 
_pdbx_database_status.status_code_mr                  ? 
_pdbx_database_status.entry_id                        5OW2 
_pdbx_database_status.recvd_initial_deposition_date   2017-08-30 
_pdbx_database_status.SG_entry                        N 
_pdbx_database_status.deposit_site                    PDBE 
_pdbx_database_status.process_site                    PDBE 
_pdbx_database_status.status_code_cs                  ? 
_pdbx_database_status.methods_development_category    ? 
_pdbx_database_status.pdb_format_compatible           Y 
_pdbx_database_status.status_code_nmr_data            ? 
# 
loop_
_audit_author.name 
_audit_author.pdbx_ordinal 
_audit_author.identifier_ORCID 
'Poonsiri, T.'   1 ? 
'Wright, G.S.A.' 2 ? 
'Antonyuk, S.V.' 3 ? 
# 
_citation.abstract                  ? 
_citation.abstract_id_CAS           ? 
_citation.book_id_ISBN              ? 
_citation.book_publisher            ? 
_citation.book_publisher_city       ? 
_citation.book_title                ? 
_citation.coordinate_linkage        ? 
_citation.country                   CH 
_citation.database_id_Medline       ? 
_citation.details                   ? 
_citation.id                        primary 
_citation.journal_abbrev            Viruses 
_citation.journal_id_ASTM           ? 
_citation.journal_id_CSD            ? 
_citation.journal_id_ISSN           1999-4915 
_citation.journal_full              ? 
_citation.journal_issue             ? 
_citation.journal_volume            11 
_citation.language                  ? 
_citation.page_first                ? 
_citation.page_last                 ? 
_citation.title                     'Crystal Structure of the Japanese Encephalitis Virus Capsid Protein.' 
_citation.year                      2019 
_citation.database_id_CSD           ? 
_citation.pdbx_database_id_DOI      10.3390/v11070623 
_citation.pdbx_database_id_PubMed   31284608 
_citation.unpublished_flag          ? 
# 
loop_
_citation_author.citation_id 
_citation_author.name 
_citation_author.ordinal 
_citation_author.identifier_ORCID 
primary 'Poonsiri, T.'   1 ?                   
primary 'Wright, G.S.A.' 2 0000-0002-3756-9634 
primary 'Solomon, T.'    3 ?                   
primary 'Antonyuk, S.V.' 4 0000-0002-2779-9946 
# 
loop_
_entity.id 
_entity.type 
_entity.src_method 
_entity.pdbx_description 
_entity.formula_weight 
_entity.pdbx_number_of_molecules 
_entity.pdbx_ec 
_entity.pdbx_mutation 
_entity.pdbx_fragment 
_entity.details 
1 polymer     man 'capsid protein' 12398.034 2  ? ? ? ? 
2 non-polymer syn 1,2-ETHANEDIOL   62.068    4  ? ? ? ? 
3 non-polymer syn 'CITRATE ANION'  189.100   1  ? ? ? ? 
4 water       nat water            18.015    56 ? ? ? ? 
# 
_entity_poly.entity_id                      1 
_entity_poly.type                           'polypeptide(L)' 
_entity_poly.nstd_linkage                   no 
_entity_poly.nstd_monomer                   no 
_entity_poly.pdbx_seq_one_letter_code       
;AMADIGSMTKKPGGPGKNRAINMLKRGLPRVFPLVGVKRVVMSLLDGRGPVRFVLALITFFKFTALAPTKALLGRWKAVE
KSVAMKHLTSFKRELGTLIDAVNKRGRKQNKR
;
_entity_poly.pdbx_seq_one_letter_code_can   
;AMADIGSMTKKPGGPGKNRAINMLKRGLPRVFPLVGVKRVVMSLLDGRGPVRFVLALITFFKFTALAPTKALLGRWKAVE
KSVAMKHLTSFKRELGTLIDAVNKRGRKQNKR
;
_entity_poly.pdbx_strand_id                 A,B 
_entity_poly.pdbx_target_identifier         ? 
# 
loop_
_pdbx_entity_nonpoly.entity_id 
_pdbx_entity_nonpoly.name 
_pdbx_entity_nonpoly.comp_id 
2 1,2-ETHANEDIOL  EDO 
3 'CITRATE ANION' FLC 
4 water           HOH 
# 
loop_
_entity_poly_seq.entity_id 
_entity_poly_seq.num 
_entity_poly_seq.mon_id 
_entity_poly_seq.hetero 
1 1   ALA n 
1 2   MET n 
1 3   ALA n 
1 4   ASP n 
1 5   ILE n 
1 6   GLY n 
1 7   SER n 
1 8   MET n 
1 9   THR n 
1 10  LYS n 
1 11  LYS n 
1 12  PRO n 
1 13  GLY n 
1 14  GLY n 
1 15  PRO n 
1 16  GLY n 
1 17  LYS n 
1 18  ASN n 
1 19  ARG n 
1 20  ALA n 
1 21  ILE n 
1 22  ASN n 
1 23  MET n 
1 24  LEU n 
1 25  LYS n 
1 26  ARG n 
1 27  GLY n 
1 28  LEU n 
1 29  PRO n 
1 30  ARG n 
1 31  VAL n 
1 32  PHE n 
1 33  PRO n 
1 34  LEU n 
1 35  VAL n 
1 36  GLY n 
1 37  VAL n 
1 38  LYS n 
1 39  ARG n 
1 40  VAL n 
1 41  VAL n 
1 42  MET n 
1 43  SER n 
1 44  LEU n 
1 45  LEU n 
1 46  ASP n 
1 47  GLY n 
1 48  ARG n 
1 49  GLY n 
1 50  PRO n 
1 51  VAL n 
1 52  ARG n 
1 53  PHE n 
1 54  VAL n 
1 55  LEU n 
1 56  ALA n 
1 57  LEU n 
1 58  ILE n 
1 59  THR n 
1 60  PHE n 
1 61  PHE n 
1 62  LYS n 
1 63  PHE n 
1 64  THR n 
1 65  ALA n 
1 66  LEU n 
1 67  ALA n 
1 68  PRO n 
1 69  THR n 
1 70  LYS n 
1 71  ALA n 
1 72  LEU n 
1 73  LEU n 
1 74  GLY n 
1 75  ARG n 
1 76  TRP n 
1 77  LYS n 
1 78  ALA n 
1 79  VAL n 
1 80  GLU n 
1 81  LYS n 
1 82  SER n 
1 83  VAL n 
1 84  ALA n 
1 85  MET n 
1 86  LYS n 
1 87  HIS n 
1 88  LEU n 
1 89  THR n 
1 90  SER n 
1 91  PHE n 
1 92  LYS n 
1 93  ARG n 
1 94  GLU n 
1 95  LEU n 
1 96  GLY n 
1 97  THR n 
1 98  LEU n 
1 99  ILE n 
1 100 ASP n 
1 101 ALA n 
1 102 VAL n 
1 103 ASN n 
1 104 LYS n 
1 105 ARG n 
1 106 GLY n 
1 107 ARG n 
1 108 LYS n 
1 109 GLN n 
1 110 ASN n 
1 111 LYS n 
1 112 ARG n 
# 
_entity_src_gen.entity_id                          1 
_entity_src_gen.pdbx_src_id                        1 
_entity_src_gen.pdbx_alt_source_flag               sample 
_entity_src_gen.pdbx_seq_type                      'Biological sequence' 
_entity_src_gen.pdbx_beg_seq_num                   1 
_entity_src_gen.pdbx_end_seq_num                   112 
_entity_src_gen.gene_src_common_name               ? 
_entity_src_gen.gene_src_genus                     ? 
_entity_src_gen.pdbx_gene_src_gene                 ? 
_entity_src_gen.gene_src_species                   ? 
_entity_src_gen.gene_src_strain                    ? 
_entity_src_gen.gene_src_tissue                    ? 
_entity_src_gen.gene_src_tissue_fraction           ? 
_entity_src_gen.gene_src_details                   ? 
_entity_src_gen.pdbx_gene_src_fragment             ? 
_entity_src_gen.pdbx_gene_src_scientific_name      'Japanese encephalitis virus (strain SA-14)' 
_entity_src_gen.pdbx_gene_src_ncbi_taxonomy_id     11073 
_entity_src_gen.pdbx_gene_src_variant              ? 
_entity_src_gen.pdbx_gene_src_cell_line            ? 
_entity_src_gen.pdbx_gene_src_atcc                 ? 
_entity_src_gen.pdbx_gene_src_organ                ? 
_entity_src_gen.pdbx_gene_src_organelle            ? 
_entity_src_gen.pdbx_gene_src_cell                 ? 
_entity_src_gen.pdbx_gene_src_cellular_location    ? 
_entity_src_gen.host_org_common_name               ? 
_entity_src_gen.pdbx_host_org_scientific_name      'Escherichia coli BL21(DE3)' 
_entity_src_gen.pdbx_host_org_ncbi_taxonomy_id     469008 
_entity_src_gen.host_org_genus                     ? 
_entity_src_gen.pdbx_host_org_gene                 ? 
_entity_src_gen.pdbx_host_org_organ                ? 
_entity_src_gen.host_org_species                   ? 
_entity_src_gen.pdbx_host_org_tissue               ? 
_entity_src_gen.pdbx_host_org_tissue_fraction      ? 
_entity_src_gen.pdbx_host_org_strain               ? 
_entity_src_gen.pdbx_host_org_variant              ? 
_entity_src_gen.pdbx_host_org_cell_line            ? 
_entity_src_gen.pdbx_host_org_atcc                 ? 
_entity_src_gen.pdbx_host_org_culture_collection   ? 
_entity_src_gen.pdbx_host_org_cell                 ? 
_entity_src_gen.pdbx_host_org_organelle            ? 
_entity_src_gen.pdbx_host_org_cellular_location    ? 
_entity_src_gen.pdbx_host_org_vector_type          ? 
_entity_src_gen.pdbx_host_org_vector               ? 
_entity_src_gen.host_org_details                   ? 
_entity_src_gen.expression_system_id               ? 
_entity_src_gen.plasmid_name                       ? 
_entity_src_gen.plasmid_details                    ? 
_entity_src_gen.pdbx_description                   ? 
# 
loop_
_chem_comp.id 
_chem_comp.type 
_chem_comp.mon_nstd_flag 
_chem_comp.name 
_chem_comp.pdbx_synonyms 
_chem_comp.formula 
_chem_comp.formula_weight 
ALA 'L-peptide linking' y ALANINE         ?                 'C3 H7 N O2'     89.093  
ARG 'L-peptide linking' y ARGININE        ?                 'C6 H15 N4 O2 1' 175.209 
ASN 'L-peptide linking' y ASPARAGINE      ?                 'C4 H8 N2 O3'    132.118 
ASP 'L-peptide linking' y 'ASPARTIC ACID' ?                 'C4 H7 N O4'     133.103 
EDO non-polymer         . 1,2-ETHANEDIOL  'ETHYLENE GLYCOL' 'C2 H6 O2'       62.068  
FLC non-polymer         . 'CITRATE ANION' ?                 'C6 H5 O7 -3'    189.100 
GLN 'L-peptide linking' y GLUTAMINE       ?                 'C5 H10 N2 O3'   146.144 
GLU 'L-peptide linking' y 'GLUTAMIC ACID' ?                 'C5 H9 N O4'     147.129 
GLY 'peptide linking'   y GLYCINE         ?                 'C2 H5 N O2'     75.067  
HIS 'L-peptide linking' y HISTIDINE       ?                 'C6 H10 N3 O2 1' 156.162 
HOH non-polymer         . WATER           ?                 'H2 O'           18.015  
ILE 'L-peptide linking' y ISOLEUCINE      ?                 'C6 H13 N O2'    131.173 
LEU 'L-peptide linking' y LEUCINE         ?                 'C6 H13 N O2'    131.173 
LYS 'L-peptide linking' y LYSINE          ?                 'C6 H15 N2 O2 1' 147.195 
MET 'L-peptide linking' y METHIONINE      ?                 'C5 H11 N O2 S'  149.211 
PHE 'L-peptide linking' y PHENYLALANINE   ?                 'C9 H11 N O2'    165.189 
PRO 'L-peptide linking' y PROLINE         ?                 'C5 H9 N O2'     115.130 
SER 'L-peptide linking' y SERINE          ?                 'C3 H7 N O3'     105.093 
THR 'L-peptide linking' y THREONINE       ?                 'C4 H9 N O3'     119.119 
TRP 'L-peptide linking' y TRYPTOPHAN      ?                 'C11 H12 N2 O2'  204.225 
VAL 'L-peptide linking' y VALINE          ?                 'C5 H11 N O2'    117.146 
# 
loop_
_pdbx_poly_seq_scheme.asym_id 
_pdbx_poly_seq_scheme.entity_id 
_pdbx_poly_seq_scheme.seq_id 
_pdbx_poly_seq_scheme.mon_id 
_pdbx_poly_seq_scheme.ndb_seq_num 
_pdbx_poly_seq_scheme.pdb_seq_num 
_pdbx_poly_seq_scheme.auth_seq_num 
_pdbx_poly_seq_scheme.pdb_mon_id 
_pdbx_poly_seq_scheme.auth_mon_id 
_pdbx_poly_seq_scheme.pdb_strand_id 
_pdbx_poly_seq_scheme.pdb_ins_code 
_pdbx_poly_seq_scheme.hetero 
A 1 1   ALA 1   -6  ?  ?   ?   A . n 
A 1 2   MET 2   -5  ?  ?   ?   A . n 
A 1 3   ALA 3   -4  ?  ?   ?   A . n 
A 1 4   ASP 4   -3  ?  ?   ?   A . n 
A 1 5   ILE 5   -2  ?  ?   ?   A . n 
A 1 6   GLY 6   -1  ?  ?   ?   A . n 
A 1 7   SER 7   0   ?  ?   ?   A . n 
A 1 8   MET 8   1   ?  ?   ?   A . n 
A 1 9   THR 9   2   ?  ?   ?   A . n 
A 1 10  LYS 10  3   ?  ?   ?   A . n 
A 1 11  LYS 11  4   ?  ?   ?   A . n 
A 1 12  PRO 12  5   ?  ?   ?   A . n 
A 1 13  GLY 13  6   ?  ?   ?   A . n 
A 1 14  GLY 14  7   ?  ?   ?   A . n 
A 1 15  PRO 15  8   ?  ?   ?   A . n 
A 1 16  GLY 16  9   ?  ?   ?   A . n 
A 1 17  LYS 17  10  ?  ?   ?   A . n 
A 1 18  ASN 18  11  ?  ?   ?   A . n 
A 1 19  ARG 19  12  ?  ?   ?   A . n 
A 1 20  ALA 20  13  ?  ?   ?   A . n 
A 1 21  ILE 21  14  ?  ?   ?   A . n 
A 1 22  ASN 22  15  ?  ?   ?   A . n 
A 1 23  MET 23  16  ?  ?   ?   A . n 
A 1 24  LEU 24  17  ?  ?   ?   A . n 
A 1 25  LYS 25  18  ?  ?   ?   A . n 
A 1 26  ARG 26  19  ?  ?   ?   A . n 
A 1 27  GLY 27  20  ?  ?   ?   A . n 
A 1 28  LEU 28  21  ?  ?   ?   A . n 
A 1 29  PRO 29  22  ?  ?   ?   A . n 
A 1 30  ARG 30  23  ?  ?   ?   A . n 
A 1 31  VAL 31  24  ?  ?   ?   A . n 
A 1 32  PHE 32  25  ?  ?   ?   A . n 
A 1 33  PRO 33  26  26 PRO PRO A . n 
A 1 34  LEU 34  27  27 LEU LEU A . n 
A 1 35  VAL 35  28  28 VAL VAL A . n 
A 1 36  GLY 36  29  29 GLY GLY A . n 
A 1 37  VAL 37  30  30 VAL VAL A . n 
A 1 38  LYS 38  31  31 LYS LYS A . n 
A 1 39  ARG 39  32  32 ARG ARG A . n 
A 1 40  VAL 40  33  33 VAL VAL A . n 
A 1 41  VAL 41  34  34 VAL VAL A . n 
A 1 42  MET 42  35  35 MET MET A . n 
A 1 43  SER 43  36  36 SER SER A . n 
A 1 44  LEU 44  37  37 LEU LEU A . n 
A 1 45  LEU 45  38  38 LEU LEU A . n 
A 1 46  ASP 46  39  39 ASP ASP A . n 
A 1 47  GLY 47  40  40 GLY GLY A . n 
A 1 48  ARG 48  41  41 ARG ARG A . n 
A 1 49  GLY 49  42  42 GLY GLY A . n 
A 1 50  PRO 50  43  43 PRO PRO A . n 
A 1 51  VAL 51  44  44 VAL VAL A . n 
A 1 52  ARG 52  45  45 ARG ARG A . n 
A 1 53  PHE 53  46  46 PHE PHE A . n 
A 1 54  VAL 54  47  47 VAL VAL A . n 
A 1 55  LEU 55  48  48 LEU LEU A . n 
A 1 56  ALA 56  49  49 ALA ALA A . n 
A 1 57  LEU 57  50  50 LEU LEU A . n 
A 1 58  ILE 58  51  51 ILE ILE A . n 
A 1 59  THR 59  52  52 THR THR A . n 
A 1 60  PHE 60  53  53 PHE PHE A . n 
A 1 61  PHE 61  54  54 PHE PHE A . n 
A 1 62  LYS 62  55  55 LYS LYS A . n 
A 1 63  PHE 63  56  56 PHE PHE A . n 
A 1 64  THR 64  57  57 THR THR A . n 
A 1 65  ALA 65  58  58 ALA ALA A . n 
A 1 66  LEU 66  59  59 LEU LEU A . n 
A 1 67  ALA 67  60  60 ALA ALA A . n 
A 1 68  PRO 68  61  61 PRO PRO A . n 
A 1 69  THR 69  62  62 THR THR A . n 
A 1 70  LYS 70  63  63 LYS LYS A . n 
A 1 71  ALA 71  64  64 ALA ALA A . n 
A 1 72  LEU 72  65  65 LEU LEU A . n 
A 1 73  LEU 73  66  66 LEU LEU A . n 
A 1 74  GLY 74  67  67 GLY GLY A . n 
A 1 75  ARG 75  68  68 ARG ARG A . n 
A 1 76  TRP 76  69  69 TRP TRP A . n 
A 1 77  LYS 77  70  70 LYS LYS A . n 
A 1 78  ALA 78  71  71 ALA ALA A . n 
A 1 79  VAL 79  72  72 VAL VAL A . n 
A 1 80  GLU 80  73  73 GLU GLU A . n 
A 1 81  LYS 81  74  74 LYS LYS A . n 
A 1 82  SER 82  75  75 SER SER A . n 
A 1 83  VAL 83  76  76 VAL VAL A . n 
A 1 84  ALA 84  77  77 ALA ALA A . n 
A 1 85  MET 85  78  78 MET MET A . n 
A 1 86  LYS 86  79  79 LYS LYS A . n 
A 1 87  HIS 87  80  80 HIS HIS A . n 
A 1 88  LEU 88  81  81 LEU LEU A . n 
A 1 89  THR 89  82  82 THR THR A . n 
A 1 90  SER 90  83  83 SER SER A . n 
A 1 91  PHE 91  84  84 PHE PHE A . n 
A 1 92  LYS 92  85  85 LYS LYS A . n 
A 1 93  ARG 93  86  86 ARG ARG A . n 
A 1 94  GLU 94  87  87 GLU GLU A . n 
A 1 95  LEU 95  88  88 LEU LEU A . n 
A 1 96  GLY 96  89  89 GLY GLY A . n 
A 1 97  THR 97  90  90 THR THR A . n 
A 1 98  LEU 98  91  91 LEU LEU A . n 
A 1 99  ILE 99  92  92 ILE ILE A . n 
A 1 100 ASP 100 93  93 ASP ASP A . n 
A 1 101 ALA 101 94  94 ALA ALA A . n 
A 1 102 VAL 102 95  95 VAL VAL A . n 
A 1 103 ASN 103 96  96 ASN ASN A . n 
A 1 104 LYS 104 97  97 LYS LYS A . n 
A 1 105 ARG 105 98  98 ARG ARG A . n 
A 1 106 GLY 106 99  ?  ?   ?   A . n 
A 1 107 ARG 107 100 ?  ?   ?   A . n 
A 1 108 LYS 108 101 ?  ?   ?   A . n 
A 1 109 GLN 109 102 ?  ?   ?   A . n 
A 1 110 ASN 110 103 ?  ?   ?   A . n 
A 1 111 LYS 111 104 ?  ?   ?   A . n 
A 1 112 ARG 112 105 ?  ?   ?   A . n 
B 1 1   ALA 1   -6  ?  ?   ?   B . n 
B 1 2   MET 2   -5  ?  ?   ?   B . n 
B 1 3   ALA 3   -4  ?  ?   ?   B . n 
B 1 4   ASP 4   -3  ?  ?   ?   B . n 
B 1 5   ILE 5   -2  ?  ?   ?   B . n 
B 1 6   GLY 6   -1  ?  ?   ?   B . n 
B 1 7   SER 7   0   ?  ?   ?   B . n 
B 1 8   MET 8   1   ?  ?   ?   B . n 
B 1 9   THR 9   2   ?  ?   ?   B . n 
B 1 10  LYS 10  3   ?  ?   ?   B . n 
B 1 11  LYS 11  4   ?  ?   ?   B . n 
B 1 12  PRO 12  5   ?  ?   ?   B . n 
B 1 13  GLY 13  6   ?  ?   ?   B . n 
B 1 14  GLY 14  7   ?  ?   ?   B . n 
B 1 15  PRO 15  8   ?  ?   ?   B . n 
B 1 16  GLY 16  9   ?  ?   ?   B . n 
B 1 17  LYS 17  10  ?  ?   ?   B . n 
B 1 18  ASN 18  11  ?  ?   ?   B . n 
B 1 19  ARG 19  12  ?  ?   ?   B . n 
B 1 20  ALA 20  13  ?  ?   ?   B . n 
B 1 21  ILE 21  14  ?  ?   ?   B . n 
B 1 22  ASN 22  15  ?  ?   ?   B . n 
B 1 23  MET 23  16  ?  ?   ?   B . n 
B 1 24  LEU 24  17  ?  ?   ?   B . n 
B 1 25  LYS 25  18  ?  ?   ?   B . n 
B 1 26  ARG 26  19  ?  ?   ?   B . n 
B 1 27  GLY 27  20  ?  ?   ?   B . n 
B 1 28  LEU 28  21  ?  ?   ?   B . n 
B 1 29  PRO 29  22  ?  ?   ?   B . n 
B 1 30  ARG 30  23  ?  ?   ?   B . n 
B 1 31  VAL 31  24  ?  ?   ?   B . n 
B 1 32  PHE 32  25  ?  ?   ?   B . n 
B 1 33  PRO 33  26  26 PRO PRO B . n 
B 1 34  LEU 34  27  27 LEU LEU B . n 
B 1 35  VAL 35  28  28 VAL VAL B . n 
B 1 36  GLY 36  29  29 GLY GLY B . n 
B 1 37  VAL 37  30  30 VAL VAL B . n 
B 1 38  LYS 38  31  31 LYS LYS B . n 
B 1 39  ARG 39  32  32 ARG ARG B . n 
B 1 40  VAL 40  33  33 VAL VAL B . n 
B 1 41  VAL 41  34  34 VAL VAL B . n 
B 1 42  MET 42  35  35 MET MET B . n 
B 1 43  SER 43  36  36 SER SER B . n 
B 1 44  LEU 44  37  37 LEU LEU B . n 
B 1 45  LEU 45  38  38 LEU LEU B . n 
B 1 46  ASP 46  39  39 ASP ASP B . n 
B 1 47  GLY 47  40  40 GLY GLY B . n 
B 1 48  ARG 48  41  41 ARG ARG B . n 
B 1 49  GLY 49  42  42 GLY GLY B . n 
B 1 50  PRO 50  43  43 PRO PRO B . n 
B 1 51  VAL 51  44  44 VAL VAL B . n 
B 1 52  ARG 52  45  45 ARG ARG B . n 
B 1 53  PHE 53  46  46 PHE PHE B . n 
B 1 54  VAL 54  47  47 VAL VAL B . n 
B 1 55  LEU 55  48  48 LEU LEU B . n 
B 1 56  ALA 56  49  49 ALA ALA B . n 
B 1 57  LEU 57  50  50 LEU LEU B . n 
B 1 58  ILE 58  51  51 ILE ILE B . n 
B 1 59  THR 59  52  52 THR THR B . n 
B 1 60  PHE 60  53  53 PHE PHE B . n 
B 1 61  PHE 61  54  54 PHE PHE B . n 
B 1 62  LYS 62  55  55 LYS LYS B . n 
B 1 63  PHE 63  56  56 PHE PHE B . n 
B 1 64  THR 64  57  57 THR THR B . n 
B 1 65  ALA 65  58  58 ALA ALA B . n 
B 1 66  LEU 66  59  59 LEU LEU B . n 
B 1 67  ALA 67  60  60 ALA ALA B . n 
B 1 68  PRO 68  61  61 PRO PRO B . n 
B 1 69  THR 69  62  62 THR THR B . n 
B 1 70  LYS 70  63  63 LYS LYS B . n 
B 1 71  ALA 71  64  64 ALA ALA B . n 
B 1 72  LEU 72  65  65 LEU LEU B . n 
B 1 73  LEU 73  66  66 LEU LEU B . n 
B 1 74  GLY 74  67  67 GLY GLY B . n 
B 1 75  ARG 75  68  68 ARG ARG B . n 
B 1 76  TRP 76  69  69 TRP TRP B . n 
B 1 77  LYS 77  70  70 LYS LYS B . n 
B 1 78  ALA 78  71  71 ALA ALA B . n 
B 1 79  VAL 79  72  72 VAL VAL B . n 
B 1 80  GLU 80  73  73 GLU GLU B . n 
B 1 81  LYS 81  74  74 LYS LYS B . n 
B 1 82  SER 82  75  75 SER SER B . n 
B 1 83  VAL 83  76  76 VAL VAL B . n 
B 1 84  ALA 84  77  77 ALA ALA B . n 
B 1 85  MET 85  78  78 MET MET B . n 
B 1 86  LYS 86  79  79 LYS LYS B . n 
B 1 87  HIS 87  80  80 HIS HIS B . n 
B 1 88  LEU 88  81  81 LEU LEU B . n 
B 1 89  THR 89  82  82 THR THR B . n 
B 1 90  SER 90  83  83 SER SER B . n 
B 1 91  PHE 91  84  84 PHE PHE B . n 
B 1 92  LYS 92  85  85 LYS LYS B . n 
B 1 93  ARG 93  86  86 ARG ARG B . n 
B 1 94  GLU 94  87  87 GLU GLU B . n 
B 1 95  LEU 95  88  88 LEU LEU B . n 
B 1 96  GLY 96  89  89 GLY GLY B . n 
B 1 97  THR 97  90  90 THR THR B . n 
B 1 98  LEU 98  91  91 LEU LEU B . n 
B 1 99  ILE 99  92  92 ILE ILE B . n 
B 1 100 ASP 100 93  93 ASP ASP B . n 
B 1 101 ALA 101 94  94 ALA ALA B . n 
B 1 102 VAL 102 95  95 VAL VAL B . n 
B 1 103 ASN 103 96  96 ASN ASN B . n 
B 1 104 LYS 104 97  97 LYS LYS B . n 
B 1 105 ARG 105 98  98 ARG ARG B . n 
B 1 106 GLY 106 99  ?  ?   ?   B . n 
B 1 107 ARG 107 100 ?  ?   ?   B . n 
B 1 108 LYS 108 101 ?  ?   ?   B . n 
B 1 109 GLN 109 102 ?  ?   ?   B . n 
B 1 110 ASN 110 103 ?  ?   ?   B . n 
B 1 111 LYS 111 104 ?  ?   ?   B . n 
B 1 112 ARG 112 105 ?  ?   ?   B . n 
# 
loop_
_pdbx_nonpoly_scheme.asym_id 
_pdbx_nonpoly_scheme.entity_id 
_pdbx_nonpoly_scheme.mon_id 
_pdbx_nonpoly_scheme.ndb_seq_num 
_pdbx_nonpoly_scheme.pdb_seq_num 
_pdbx_nonpoly_scheme.auth_seq_num 
_pdbx_nonpoly_scheme.pdb_mon_id 
_pdbx_nonpoly_scheme.auth_mon_id 
_pdbx_nonpoly_scheme.pdb_strand_id 
_pdbx_nonpoly_scheme.pdb_ins_code 
C 2 EDO 1  201 3  EDO EDO A . 
D 2 EDO 1  202 4  EDO EDO A . 
E 3 FLC 1  203 1  FLC FLC A . 
F 2 EDO 1  201 1  EDO EDO B . 
G 2 EDO 1  202 2  EDO EDO B . 
H 4 HOH 1  301 5  HOH HOH A . 
H 4 HOH 2  302 38 HOH HOH A . 
H 4 HOH 3  303 31 HOH HOH A . 
H 4 HOH 4  304 12 HOH HOH A . 
H 4 HOH 5  305 43 HOH HOH A . 
H 4 HOH 6  306 24 HOH HOH A . 
H 4 HOH 7  307 33 HOH HOH A . 
H 4 HOH 8  308 45 HOH HOH A . 
H 4 HOH 9  309 27 HOH HOH A . 
H 4 HOH 10 310 36 HOH HOH A . 
H 4 HOH 11 311 23 HOH HOH A . 
H 4 HOH 12 312 1  HOH HOH A . 
H 4 HOH 13 313 25 HOH HOH A . 
H 4 HOH 14 314 2  HOH HOH A . 
H 4 HOH 15 315 6  HOH HOH A . 
H 4 HOH 16 316 20 HOH HOH A . 
H 4 HOH 17 317 26 HOH HOH A . 
H 4 HOH 18 318 32 HOH HOH A . 
H 4 HOH 19 319 4  HOH HOH A . 
H 4 HOH 20 320 46 HOH HOH A . 
H 4 HOH 21 321 57 HOH HOH A . 
H 4 HOH 22 322 49 HOH HOH A . 
H 4 HOH 23 323 9  HOH HOH A . 
H 4 HOH 24 324 17 HOH HOH A . 
H 4 HOH 25 325 19 HOH HOH A . 
H 4 HOH 26 326 30 HOH HOH A . 
I 4 HOH 1  301 16 HOH HOH B . 
I 4 HOH 2  302 28 HOH HOH B . 
I 4 HOH 3  303 47 HOH HOH B . 
I 4 HOH 4  304 7  HOH HOH B . 
I 4 HOH 5  305 15 HOH HOH B . 
I 4 HOH 6  306 40 HOH HOH B . 
I 4 HOH 7  307 53 HOH HOH B . 
I 4 HOH 8  308 50 HOH HOH B . 
I 4 HOH 9  309 21 HOH HOH B . 
I 4 HOH 10 310 55 HOH HOH B . 
I 4 HOH 11 311 11 HOH HOH B . 
I 4 HOH 12 312 13 HOH HOH B . 
I 4 HOH 13 313 22 HOH HOH B . 
I 4 HOH 14 314 10 HOH HOH B . 
I 4 HOH 15 315 44 HOH HOH B . 
I 4 HOH 16 316 3  HOH HOH B . 
I 4 HOH 17 317 54 HOH HOH B . 
I 4 HOH 18 318 52 HOH HOH B . 
I 4 HOH 19 319 18 HOH HOH B . 
I 4 HOH 20 320 29 HOH HOH B . 
I 4 HOH 21 321 14 HOH HOH B . 
I 4 HOH 22 322 41 HOH HOH B . 
I 4 HOH 23 323 8  HOH HOH B . 
I 4 HOH 24 324 56 HOH HOH B . 
I 4 HOH 25 325 34 HOH HOH B . 
I 4 HOH 26 326 48 HOH HOH B . 
I 4 HOH 27 327 37 HOH HOH B . 
I 4 HOH 28 328 35 HOH HOH B . 
I 4 HOH 29 329 39 HOH HOH B . 
I 4 HOH 30 330 42 HOH HOH B . 
# 
loop_
_pdbx_unobs_or_zero_occ_atoms.id 
_pdbx_unobs_or_zero_occ_atoms.PDB_model_num 
_pdbx_unobs_or_zero_occ_atoms.polymer_flag 
_pdbx_unobs_or_zero_occ_atoms.occupancy_flag 
_pdbx_unobs_or_zero_occ_atoms.auth_asym_id 
_pdbx_unobs_or_zero_occ_atoms.auth_comp_id 
_pdbx_unobs_or_zero_occ_atoms.auth_seq_id 
_pdbx_unobs_or_zero_occ_atoms.PDB_ins_code 
_pdbx_unobs_or_zero_occ_atoms.auth_atom_id 
_pdbx_unobs_or_zero_occ_atoms.label_alt_id 
_pdbx_unobs_or_zero_occ_atoms.label_asym_id 
_pdbx_unobs_or_zero_occ_atoms.label_comp_id 
_pdbx_unobs_or_zero_occ_atoms.label_seq_id 
_pdbx_unobs_or_zero_occ_atoms.label_atom_id 
1 1 Y 1 A ARG 98 ? CG  ? A ARG 105 CG  
2 1 Y 1 A ARG 98 ? CD  ? A ARG 105 CD  
3 1 Y 1 A ARG 98 ? NE  ? A ARG 105 NE  
4 1 Y 1 A ARG 98 ? CZ  ? A ARG 105 CZ  
5 1 Y 1 A ARG 98 ? NH1 ? A ARG 105 NH1 
6 1 Y 1 A ARG 98 ? NH2 ? A ARG 105 NH2 
# 
loop_
_software.citation_id 
_software.classification 
_software.compiler_name 
_software.compiler_version 
_software.contact_author 
_software.contact_author_email 
_software.date 
_software.description 
_software.dependencies 
_software.hardware 
_software.language 
_software.location 
_software.mods 
_software.name 
_software.os 
_software.os_version 
_software.type 
_software.version 
_software.pdbx_ordinal 
? refinement       ? ? ? ? ? ? ? ? ? ? ? REFMAC ? ? ? 5.8.0135 1 
? 'data reduction' ? ? ? ? ? ? ? ? ? ? ? xia2   ? ? ? .        2 
? 'data scaling'   ? ? ? ? ? ? ? ? ? ? ? xia2   ? ? ? .        3 
? phasing          ? ? ? ? ? ? ? ? ? ? ? MOLREP ? ? ? .        4 
# 
_cell.angle_alpha                  90.00 
_cell.angle_alpha_esd              ? 
_cell.angle_beta                   90.00 
_cell.angle_beta_esd               ? 
_cell.angle_gamma                  90.00 
_cell.angle_gamma_esd              ? 
_cell.entry_id                     5OW2 
_cell.details                      ? 
_cell.formula_units_Z              ? 
_cell.length_a                     46.310 
_cell.length_a_esd                 ? 
_cell.length_b                     49.780 
_cell.length_b_esd                 ? 
_cell.length_c                     68.250 
_cell.length_c_esd                 ? 
_cell.volume                       ? 
_cell.volume_esd                   ? 
_cell.Z_PDB                        8 
_cell.reciprocal_angle_alpha       ? 
_cell.reciprocal_angle_beta        ? 
_cell.reciprocal_angle_gamma       ? 
_cell.reciprocal_angle_alpha_esd   ? 
_cell.reciprocal_angle_beta_esd    ? 
_cell.reciprocal_angle_gamma_esd   ? 
_cell.reciprocal_length_a          ? 
_cell.reciprocal_length_b          ? 
_cell.reciprocal_length_c          ? 
_cell.reciprocal_length_a_esd      ? 
_cell.reciprocal_length_b_esd      ? 
_cell.reciprocal_length_c_esd      ? 
_cell.pdbx_unique_axis             ? 
# 
_symmetry.entry_id                         5OW2 
_symmetry.cell_setting                     ? 
_symmetry.Int_Tables_number                19 
_symmetry.space_group_name_Hall            ? 
_symmetry.space_group_name_H-M             'P 21 21 21' 
_symmetry.pdbx_full_space_group_name_H-M   ? 
# 
_exptl.absorpt_coefficient_mu     ? 
_exptl.absorpt_correction_T_max   ? 
_exptl.absorpt_correction_T_min   ? 
_exptl.absorpt_correction_type    ? 
_exptl.absorpt_process_details    ? 
_exptl.entry_id                   5OW2 
_exptl.crystals_number            1 
_exptl.details                    ? 
_exptl.method                     'X-RAY DIFFRACTION' 
_exptl.method_details             ? 
# 
_exptl_crystal.colour                      ? 
_exptl_crystal.density_diffrn              ? 
_exptl_crystal.density_Matthews            2.32 
_exptl_crystal.density_method              ? 
_exptl_crystal.density_percent_sol         47 
_exptl_crystal.description                 needle 
_exptl_crystal.F_000                       ? 
_exptl_crystal.id                          1 
_exptl_crystal.preparation                 ? 
_exptl_crystal.size_max                    ? 
_exptl_crystal.size_mid                    ? 
_exptl_crystal.size_min                    ? 
_exptl_crystal.size_rad                    ? 
_exptl_crystal.colour_lustre               ? 
_exptl_crystal.colour_modifier             ? 
_exptl_crystal.colour_primary              ? 
_exptl_crystal.density_meas                ? 
_exptl_crystal.density_meas_esd            ? 
_exptl_crystal.density_meas_gt             ? 
_exptl_crystal.density_meas_lt             ? 
_exptl_crystal.density_meas_temp           ? 
_exptl_crystal.density_meas_temp_esd       ? 
_exptl_crystal.density_meas_temp_gt        ? 
_exptl_crystal.density_meas_temp_lt        ? 
_exptl_crystal.pdbx_crystal_image_url      ? 
_exptl_crystal.pdbx_crystal_image_format   ? 
_exptl_crystal.pdbx_mosaicity              ? 
_exptl_crystal.pdbx_mosaicity_esd          ? 
# 
_exptl_crystal_grow.apparatus       ? 
_exptl_crystal_grow.atmosphere      ? 
_exptl_crystal_grow.crystal_id      1 
_exptl_crystal_grow.details         ? 
_exptl_crystal_grow.method          'VAPOR DIFFUSION, HANGING DROP' 
_exptl_crystal_grow.method_ref      ? 
_exptl_crystal_grow.pH              ? 
_exptl_crystal_grow.pressure        ? 
_exptl_crystal_grow.pressure_esd    ? 
_exptl_crystal_grow.seeding         ? 
_exptl_crystal_grow.seeding_ref     ? 
_exptl_crystal_grow.temp            298 
_exptl_crystal_grow.temp_details    ? 
_exptl_crystal_grow.temp_esd        ? 
_exptl_crystal_grow.time            ? 
_exptl_crystal_grow.pdbx_details    
'18% v/v 2-propanol, 0.1 M sodium citrate tribasic dihydrate pH 5.6, 16 % w/v polyethylene glycol 4,000.' 
_exptl_crystal_grow.pdbx_pH_range   5.6 
# 
_diffrn.ambient_environment    ? 
_diffrn.ambient_temp           100 
_diffrn.ambient_temp_details   ? 
_diffrn.ambient_temp_esd       ? 
_diffrn.crystal_id             1 
_diffrn.crystal_support        ? 
_diffrn.crystal_treatment      ? 
_diffrn.details                ? 
_diffrn.id                     1 
_diffrn.ambient_pressure       ? 
_diffrn.ambient_pressure_esd   ? 
_diffrn.ambient_pressure_gt    ? 
_diffrn.ambient_pressure_lt    ? 
_diffrn.ambient_temp_gt        ? 
_diffrn.ambient_temp_lt        ? 
# 
_diffrn_detector.details                      ? 
_diffrn_detector.detector                     PIXEL 
_diffrn_detector.diffrn_id                    1 
_diffrn_detector.type                         'DECTRIS PILATUS3 S 6M' 
_diffrn_detector.area_resol_mean              ? 
_diffrn_detector.dtime                        ? 
_diffrn_detector.pdbx_frames_total            ? 
_diffrn_detector.pdbx_collection_time_total   ? 
_diffrn_detector.pdbx_collection_date         2017-07-01 
# 
_diffrn_radiation.collimation                      ? 
_diffrn_radiation.diffrn_id                        1 
_diffrn_radiation.filter_edge                      ? 
_diffrn_radiation.inhomogeneity                    ? 
_diffrn_radiation.monochromator                    ? 
_diffrn_radiation.polarisn_norm                    ? 
_diffrn_radiation.polarisn_ratio                   ? 
_diffrn_radiation.probe                            ? 
_diffrn_radiation.type                             ? 
_diffrn_radiation.xray_symbol                      ? 
_diffrn_radiation.wavelength_id                    1 
_diffrn_radiation.pdbx_monochromatic_or_laue_m_l   M 
_diffrn_radiation.pdbx_wavelength_list             ? 
_diffrn_radiation.pdbx_wavelength                  ? 
_diffrn_radiation.pdbx_diffrn_protocol             'SINGLE WAVELENGTH' 
_diffrn_radiation.pdbx_analyzer                    ? 
_diffrn_radiation.pdbx_scattering_type             x-ray 
# 
_diffrn_radiation_wavelength.id           1 
_diffrn_radiation_wavelength.wavelength   0.928 
_diffrn_radiation_wavelength.wt           1.0 
# 
_diffrn_source.current                     ? 
_diffrn_source.details                     ? 
_diffrn_source.diffrn_id                   1 
_diffrn_source.power                       ? 
_diffrn_source.size                        ? 
_diffrn_source.source                      SYNCHROTRON 
_diffrn_source.target                      ? 
_diffrn_source.type                        'DIAMOND BEAMLINE I04' 
_diffrn_source.voltage                     ? 
_diffrn_source.take-off_angle              ? 
_diffrn_source.pdbx_wavelength_list        0.928 
_diffrn_source.pdbx_wavelength             ? 
_diffrn_source.pdbx_synchrotron_beamline   I04 
_diffrn_source.pdbx_synchrotron_site       Diamond 
# 
_reflns.B_iso_Wilson_estimate            37.964 
_reflns.entry_id                         5OW2 
_reflns.data_reduction_details           ? 
_reflns.data_reduction_method            ? 
_reflns.d_resolution_high                1.98 
_reflns.d_resolution_low                 38.32 
_reflns.details                          ? 
_reflns.limit_h_max                      ? 
_reflns.limit_h_min                      ? 
_reflns.limit_k_max                      ? 
_reflns.limit_k_min                      ? 
_reflns.limit_l_max                      ? 
_reflns.limit_l_min                      ? 
_reflns.number_all                       ? 
_reflns.number_obs                       11457 
_reflns.observed_criterion               ? 
_reflns.observed_criterion_F_max         ? 
_reflns.observed_criterion_F_min         ? 
_reflns.observed_criterion_I_max         ? 
_reflns.observed_criterion_I_min         ? 
_reflns.observed_criterion_sigma_F       ? 
_reflns.observed_criterion_sigma_I       ? 
_reflns.percent_possible_obs             99.6 
_reflns.R_free_details                   ? 
_reflns.Rmerge_F_all                     ? 
_reflns.Rmerge_F_obs                     ? 
_reflns.Friedel_coverage                 ? 
_reflns.number_gt                        ? 
_reflns.threshold_expression             ? 
_reflns.pdbx_redundancy                  4.5 
_reflns.pdbx_Rmerge_I_obs                0.058 
_reflns.pdbx_Rmerge_I_all                ? 
_reflns.pdbx_Rsym_value                  ? 
_reflns.pdbx_netI_over_av_sigmaI         ? 
_reflns.pdbx_netI_over_sigmaI            12.1 
_reflns.pdbx_res_netI_over_av_sigmaI_2   ? 
_reflns.pdbx_res_netI_over_sigmaI_2      ? 
_reflns.pdbx_chi_squared                 ? 
_reflns.pdbx_scaling_rejects             ? 
_reflns.pdbx_d_res_high_opt              ? 
_reflns.pdbx_d_res_low_opt               ? 
_reflns.pdbx_d_res_opt_method            ? 
_reflns.phase_calculation_details        ? 
_reflns.pdbx_Rrim_I_all                  ? 
_reflns.pdbx_Rpim_I_all                  0.44 
_reflns.pdbx_d_opt                       ? 
_reflns.pdbx_number_measured_all         ? 
_reflns.pdbx_diffrn_id                   1 
_reflns.pdbx_ordinal                     1 
_reflns.pdbx_CC_half                     0.999 
_reflns.pdbx_R_split                     ? 
# 
_reflns_shell.d_res_high                  1.98 
_reflns_shell.d_res_low                   2.03 
_reflns_shell.meanI_over_sigI_all         ? 
_reflns_shell.meanI_over_sigI_obs         1.4 
_reflns_shell.number_measured_all         ? 
_reflns_shell.number_measured_obs         ? 
_reflns_shell.number_possible             ? 
_reflns_shell.number_unique_all           ? 
_reflns_shell.number_unique_obs           821 
_reflns_shell.percent_possible_all        99 
_reflns_shell.percent_possible_obs        ? 
_reflns_shell.Rmerge_F_all                ? 
_reflns_shell.Rmerge_F_obs                ? 
_reflns_shell.Rmerge_I_all                ? 
_reflns_shell.Rmerge_I_obs                0.862 
_reflns_shell.meanI_over_sigI_gt          ? 
_reflns_shell.meanI_over_uI_all           ? 
_reflns_shell.meanI_over_uI_gt            ? 
_reflns_shell.number_measured_gt          ? 
_reflns_shell.number_unique_gt            ? 
_reflns_shell.percent_possible_gt         ? 
_reflns_shell.Rmerge_F_gt                 ? 
_reflns_shell.Rmerge_I_gt                 ? 
_reflns_shell.pdbx_redundancy             4.3 
_reflns_shell.pdbx_Rsym_value             ? 
_reflns_shell.pdbx_chi_squared            ? 
_reflns_shell.pdbx_netI_over_sigmaI_all   ? 
_reflns_shell.pdbx_netI_over_sigmaI_obs   ? 
_reflns_shell.pdbx_Rrim_I_all             ? 
_reflns_shell.pdbx_Rpim_I_all             0.686 
_reflns_shell.pdbx_rejects                ? 
_reflns_shell.pdbx_ordinal                1 
_reflns_shell.pdbx_diffrn_id              1 
_reflns_shell.pdbx_CC_half                0.551 
_reflns_shell.pdbx_R_split                ? 
# 
_refine.aniso_B[1][1]                            2.56 
_refine.aniso_B[1][2]                            0.00 
_refine.aniso_B[1][3]                            -0.00 
_refine.aniso_B[2][2]                            -2.47 
_refine.aniso_B[2][3]                            0.00 
_refine.aniso_B[3][3]                            -0.10 
_refine.B_iso_max                                ? 
_refine.B_iso_mean                               43.620 
_refine.B_iso_min                                ? 
_refine.correlation_coeff_Fo_to_Fc               0.965 
_refine.correlation_coeff_Fo_to_Fc_free          0.928 
_refine.details                                  'HYDROGENS HAVE BEEN ADDED IN THE RIDING POSITIONS' 
_refine.diff_density_max                         ? 
_refine.diff_density_max_esd                     ? 
_refine.diff_density_min                         ? 
_refine.diff_density_min_esd                     ? 
_refine.diff_density_rms                         ? 
_refine.diff_density_rms_esd                     ? 
_refine.entry_id                                 5OW2 
_refine.pdbx_refine_id                           'X-RAY DIFFRACTION' 
_refine.ls_abs_structure_details                 ? 
_refine.ls_abs_structure_Flack                   ? 
_refine.ls_abs_structure_Flack_esd               ? 
_refine.ls_abs_structure_Rogers                  ? 
_refine.ls_abs_structure_Rogers_esd              ? 
_refine.ls_d_res_high                            1.98 
_refine.ls_d_res_low                             38.32 
_refine.ls_extinction_coef                       ? 
_refine.ls_extinction_coef_esd                   ? 
_refine.ls_extinction_expression                 ? 
_refine.ls_extinction_method                     ? 
_refine.ls_goodness_of_fit_all                   ? 
_refine.ls_goodness_of_fit_all_esd               ? 
_refine.ls_goodness_of_fit_obs                   ? 
_refine.ls_goodness_of_fit_obs_esd               ? 
_refine.ls_hydrogen_treatment                    ? 
_refine.ls_matrix_type                           ? 
_refine.ls_number_constraints                    ? 
_refine.ls_number_parameters                     ? 
_refine.ls_number_reflns_all                     ? 
_refine.ls_number_reflns_obs                     10871 
_refine.ls_number_reflns_R_free                  550 
_refine.ls_number_reflns_R_work                  ? 
_refine.ls_number_restraints                     ? 
_refine.ls_percent_reflns_obs                    99.44 
_refine.ls_percent_reflns_R_free                 4.8 
_refine.ls_R_factor_all                          ? 
_refine.ls_R_factor_obs                          0.19026 
_refine.ls_R_factor_R_free                       0.23731 
_refine.ls_R_factor_R_free_error                 ? 
_refine.ls_R_factor_R_free_error_details         ? 
_refine.ls_R_factor_R_work                       0.18791 
_refine.ls_R_Fsqd_factor_obs                     ? 
_refine.ls_R_I_factor_obs                        ? 
_refine.ls_redundancy_reflns_all                 ? 
_refine.ls_redundancy_reflns_obs                 ? 
_refine.ls_restrained_S_all                      ? 
_refine.ls_restrained_S_obs                      ? 
_refine.ls_shift_over_esd_max                    ? 
_refine.ls_shift_over_esd_mean                   ? 
_refine.ls_structure_factor_coef                 ? 
_refine.ls_weighting_details                     ? 
_refine.ls_weighting_scheme                      ? 
_refine.ls_wR_factor_all                         ? 
_refine.ls_wR_factor_obs                         ? 
_refine.ls_wR_factor_R_free                      ? 
_refine.ls_wR_factor_R_work                      ? 
_refine.occupancy_max                            ? 
_refine.occupancy_min                            ? 
_refine.solvent_model_details                    ? 
_refine.solvent_model_param_bsol                 ? 
_refine.solvent_model_param_ksol                 ? 
_refine.ls_R_factor_gt                           ? 
_refine.ls_goodness_of_fit_gt                    ? 
_refine.ls_goodness_of_fit_ref                   ? 
_refine.ls_shift_over_su_max                     ? 
_refine.ls_shift_over_su_max_lt                  ? 
_refine.ls_shift_over_su_mean                    ? 
_refine.ls_shift_over_su_mean_lt                 ? 
_refine.pdbx_ls_sigma_I                          ? 
_refine.pdbx_ls_sigma_F                          ? 
_refine.pdbx_ls_sigma_Fsqd                       ? 
_refine.pdbx_data_cutoff_high_absF               ? 
_refine.pdbx_data_cutoff_high_rms_absF           ? 
_refine.pdbx_data_cutoff_low_absF                ? 
_refine.pdbx_isotropic_thermal_model             ? 
_refine.pdbx_ls_cross_valid_method               THROUGHOUT 
_refine.pdbx_method_to_determine_struct          'MOLECULAR REPLACEMENT' 
_refine.pdbx_starting_model                      1sfk 
_refine.pdbx_stereochemistry_target_values       ? 
_refine.pdbx_R_Free_selection_details            RANDOM 
_refine.pdbx_stereochem_target_val_spec_case     ? 
_refine.pdbx_overall_ESU_R                       0.172 
_refine.pdbx_overall_ESU_R_Free                  0.161 
_refine.pdbx_solvent_vdw_probe_radii             1.20 
_refine.pdbx_solvent_ion_probe_radii             0.80 
_refine.pdbx_solvent_shrinkage_radii             0.80 
_refine.pdbx_real_space_R                        ? 
_refine.pdbx_density_correlation                 ? 
_refine.pdbx_pd_number_of_powder_patterns        ? 
_refine.pdbx_pd_number_of_points                 ? 
_refine.pdbx_pd_meas_number_of_points            ? 
_refine.pdbx_pd_proc_ls_prof_R_factor            ? 
_refine.pdbx_pd_proc_ls_prof_wR_factor           ? 
_refine.pdbx_pd_Marquardt_correlation_coeff      ? 
_refine.pdbx_pd_Fsqrd_R_factor                   ? 
_refine.pdbx_pd_ls_matrix_band_width             ? 
_refine.pdbx_overall_phase_error                 ? 
_refine.pdbx_overall_SU_R_free_Cruickshank_DPI   ? 
_refine.pdbx_overall_SU_R_free_Blow_DPI          ? 
_refine.pdbx_overall_SU_R_Blow_DPI               ? 
_refine.pdbx_TLS_residual_ADP_flag               ? 
_refine.pdbx_diffrn_id                           1 
_refine.overall_SU_B                             4.553 
_refine.overall_SU_ML                            0.124 
_refine.overall_SU_R_Cruickshank_DPI             ? 
_refine.overall_SU_R_free                        ? 
_refine.overall_FOM_free_R_set                   ? 
_refine.overall_FOM_work_R_set                   ? 
_refine.pdbx_average_fsc_overall                 ? 
_refine.pdbx_average_fsc_work                    ? 
_refine.pdbx_average_fsc_free                    ? 
# 
_refine_hist.pdbx_refine_id                   'X-RAY DIFFRACTION' 
_refine_hist.cycle_id                         1 
_refine_hist.pdbx_number_atoms_protein        1136 
_refine_hist.pdbx_number_atoms_nucleic_acid   0 
_refine_hist.pdbx_number_atoms_ligand         29 
_refine_hist.number_atoms_solvent             56 
_refine_hist.number_atoms_total               1221 
_refine_hist.d_res_high                       1.98 
_refine_hist.d_res_low                        38.32 
# 
loop_
_refine_ls_restr.pdbx_refine_id 
_refine_ls_restr.criterion 
_refine_ls_restr.dev_ideal 
_refine_ls_restr.dev_ideal_target 
_refine_ls_restr.number 
_refine_ls_restr.rejects 
_refine_ls_restr.type 
_refine_ls_restr.weight 
_refine_ls_restr.pdbx_restraint_function 
'X-RAY DIFFRACTION' ? 0.014  0.019  1189 ? r_bond_refined_d             ? ? 
'X-RAY DIFFRACTION' ? 0.002  0.020  1274 ? r_bond_other_d               ? ? 
'X-RAY DIFFRACTION' ? 1.428  2.000  1592 ? r_angle_refined_deg          ? ? 
'X-RAY DIFFRACTION' ? 0.989  3.000  2913 ? r_angle_other_deg            ? ? 
'X-RAY DIFFRACTION' ? 4.697  5.000  146  ? r_dihedral_angle_1_deg       ? ? 
'X-RAY DIFFRACTION' ? 37.981 20.000 36   ? r_dihedral_angle_2_deg       ? ? 
'X-RAY DIFFRACTION' ? 11.093 15.000 224  ? r_dihedral_angle_3_deg       ? ? 
'X-RAY DIFFRACTION' ? 6.452  15.000 11   ? r_dihedral_angle_4_deg       ? ? 
'X-RAY DIFFRACTION' ? 0.074  0.200  192  ? r_chiral_restr               ? ? 
'X-RAY DIFFRACTION' ? 0.006  0.020  1243 ? r_gen_planes_refined         ? ? 
'X-RAY DIFFRACTION' ? 0.003  0.020  260  ? r_gen_planes_other           ? ? 
'X-RAY DIFFRACTION' ? ?      ?      ?    ? r_nbd_refined                ? ? 
'X-RAY DIFFRACTION' ? ?      ?      ?    ? r_nbd_other                  ? ? 
'X-RAY DIFFRACTION' ? ?      ?      ?    ? r_nbtor_refined              ? ? 
'X-RAY DIFFRACTION' ? ?      ?      ?    ? r_nbtor_other                ? ? 
'X-RAY DIFFRACTION' ? ?      ?      ?    ? r_xyhbond_nbd_refined        ? ? 
'X-RAY DIFFRACTION' ? ?      ?      ?    ? r_xyhbond_nbd_other          ? ? 
'X-RAY DIFFRACTION' ? ?      ?      ?    ? r_metal_ion_refined          ? ? 
'X-RAY DIFFRACTION' ? ?      ?      ?    ? r_metal_ion_other            ? ? 
'X-RAY DIFFRACTION' ? ?      ?      ?    ? r_symmetry_vdw_refined       ? ? 
'X-RAY DIFFRACTION' ? ?      ?      ?    ? r_symmetry_vdw_other         ? ? 
'X-RAY DIFFRACTION' ? ?      ?      ?    ? r_symmetry_hbond_refined     ? ? 
'X-RAY DIFFRACTION' ? ?      ?      ?    ? r_symmetry_hbond_other       ? ? 
'X-RAY DIFFRACTION' ? ?      ?      ?    ? r_symmetry_metal_ion_refined ? ? 
'X-RAY DIFFRACTION' ? ?      ?      ?    ? r_symmetry_metal_ion_other   ? ? 
'X-RAY DIFFRACTION' ? 2.748  3.997  587  ? r_mcbond_it                  ? ? 
'X-RAY DIFFRACTION' ? 2.749  3.994  586  ? r_mcbond_other               ? ? 
'X-RAY DIFFRACTION' ? 3.656  5.962  732  ? r_mcangle_it                 ? ? 
'X-RAY DIFFRACTION' ? 3.655  5.964  733  ? r_mcangle_other              ? ? 
'X-RAY DIFFRACTION' ? 4.092  4.506  602  ? r_scbond_it                  ? ? 
'X-RAY DIFFRACTION' ? 4.084  4.498  600  ? r_scbond_other               ? ? 
'X-RAY DIFFRACTION' ? ?      ?      ?    ? r_scangle_it                 ? ? 
'X-RAY DIFFRACTION' ? 6.173  6.525  860  ? r_scangle_other              ? ? 
'X-RAY DIFFRACTION' ? 7.956  31.572 1290 ? r_long_range_B_refined       ? ? 
'X-RAY DIFFRACTION' ? 7.954  31.600 1291 ? r_long_range_B_other         ? ? 
'X-RAY DIFFRACTION' ? ?      ?      ?    ? r_rigid_bond_restr           ? ? 
'X-RAY DIFFRACTION' ? ?      ?      ?    ? r_sphericity_free            ? ? 
'X-RAY DIFFRACTION' ? ?      ?      ?    ? r_sphericity_bonded          ? ? 
# 
_refine_ls_restr_ncs.pdbx_refine_id      'X-RAY DIFFRACTION' 
_refine_ls_restr_ncs.dom_id              1 
_refine_ls_restr_ncs.pdbx_ens_id         1 
_refine_ls_restr_ncs.pdbx_ordinal        1 
_refine_ls_restr_ncs.ncs_model_details   ? 
_refine_ls_restr_ncs.rms_dev_position    5.17 
_refine_ls_restr_ncs.weight_position     0.50 
_refine_ls_restr_ncs.rms_dev_B_iso       ? 
_refine_ls_restr_ncs.weight_B_iso        ? 
_refine_ls_restr_ncs.pdbx_auth_asym_id   A 
_refine_ls_restr_ncs.pdbx_number         1171 
_refine_ls_restr_ncs.pdbx_type           'tight thermal' 
_refine_ls_restr_ncs.pdbx_asym_id        ? 
_refine_ls_restr_ncs.pdbx_rms            ? 
_refine_ls_restr_ncs.pdbx_weight         ? 
# 
_refine_ls_shell.pdbx_refine_id                   'X-RAY DIFFRACTION' 
_refine_ls_shell.d_res_high                       1.980 
_refine_ls_shell.d_res_low                        2.032 
_refine_ls_shell.number_reflns_all                ? 
_refine_ls_shell.number_reflns_obs                ? 
_refine_ls_shell.number_reflns_R_free             40 
_refine_ls_shell.number_reflns_R_work             779 
_refine_ls_shell.percent_reflns_obs               98.79 
_refine_ls_shell.percent_reflns_R_free            ? 
_refine_ls_shell.R_factor_all                     ? 
_refine_ls_shell.R_factor_obs                     ? 
_refine_ls_shell.R_factor_R_free                  0.262 
_refine_ls_shell.R_factor_R_free_error            ? 
_refine_ls_shell.R_factor_R_work                  0.317 
_refine_ls_shell.redundancy_reflns_all            ? 
_refine_ls_shell.redundancy_reflns_obs            ? 
_refine_ls_shell.wR_factor_all                    ? 
_refine_ls_shell.wR_factor_obs                    ? 
_refine_ls_shell.wR_factor_R_free                 ? 
_refine_ls_shell.wR_factor_R_work                 ? 
_refine_ls_shell.pdbx_total_number_of_bins_used   20 
_refine_ls_shell.pdbx_phase_error                 ? 
_refine_ls_shell.pdbx_fsc_work                    ? 
_refine_ls_shell.pdbx_fsc_free                    ? 
# 
loop_
_struct_ncs_oper.id 
_struct_ncs_oper.code 
_struct_ncs_oper.details 
_struct_ncs_oper.matrix[1][1] 
_struct_ncs_oper.matrix[1][2] 
_struct_ncs_oper.matrix[1][3] 
_struct_ncs_oper.matrix[2][1] 
_struct_ncs_oper.matrix[2][2] 
_struct_ncs_oper.matrix[2][3] 
_struct_ncs_oper.matrix[3][1] 
_struct_ncs_oper.matrix[3][2] 
_struct_ncs_oper.matrix[3][3] 
_struct_ncs_oper.vector[1] 
_struct_ncs_oper.vector[2] 
_struct_ncs_oper.vector[3] 
1 given ? 1.000000    0.000000   0.000000   0.000000   1.000000    0.000000   0.000000   0.000000   1.000000   0.00000 0.00000 0.00000  
2 given ? -0.58383177 0.22009459 0.78147234 0.23301340 -0.87663114 0.42097713 0.77771828 0.42787346 0.46052091 0.00749 0.29298 -0.14391 
# 
loop_
_struct_ncs_dom.id 
_struct_ncs_dom.details 
_struct_ncs_dom.pdbx_ens_id 
1 A 1 
2 B 1 
# 
loop_
_struct_ncs_dom_lim.pdbx_ens_id 
_struct_ncs_dom_lim.dom_id 
_struct_ncs_dom_lim.pdbx_component_id 
_struct_ncs_dom_lim.beg_label_asym_id 
_struct_ncs_dom_lim.beg_label_comp_id 
_struct_ncs_dom_lim.beg_label_seq_id 
_struct_ncs_dom_lim.beg_label_alt_id 
_struct_ncs_dom_lim.end_label_asym_id 
_struct_ncs_dom_lim.end_label_comp_id 
_struct_ncs_dom_lim.end_label_seq_id 
_struct_ncs_dom_lim.end_label_alt_id 
_struct_ncs_dom_lim.beg_auth_asym_id 
_struct_ncs_dom_lim.beg_auth_comp_id 
_struct_ncs_dom_lim.beg_auth_seq_id 
_struct_ncs_dom_lim.end_auth_asym_id 
_struct_ncs_dom_lim.end_auth_comp_id 
_struct_ncs_dom_lim.end_auth_seq_id 
_struct_ncs_dom_lim.pdbx_refine_code 
_struct_ncs_dom_lim.selection_details 
1 1 1 A PRO 33 . A ARG 105 . A PRO 26 A ARG 98 1 ? 
1 2 1 B PRO 33 . B ARG 105 . B PRO 26 B ARG 98 1 ? 
# 
_struct_ncs_ens.id        1 
_struct_ncs_ens.details   ? 
# 
_struct.entry_id                     5OW2 
_struct.title                        'Japanese encephalitis virus capsid protein' 
_struct.pdbx_model_details           ? 
_struct.pdbx_formula_weight          ? 
_struct.pdbx_formula_weight_method   ? 
_struct.pdbx_model_type_details      ? 
_struct.pdbx_CASP_flag               N 
# 
_struct_keywords.entry_id        5OW2 
_struct_keywords.text            'Japanese encephalitis virus, capsid, Flavivirus, VIRAL PROTEIN' 
_struct_keywords.pdbx_keywords   'VIRAL PROTEIN' 
# 
loop_
_struct_asym.id 
_struct_asym.pdbx_blank_PDB_chainid_flag 
_struct_asym.pdbx_modified 
_struct_asym.entity_id 
_struct_asym.details 
A N N 1 ? 
B N N 1 ? 
C N N 2 ? 
D N N 2 ? 
E N N 3 ? 
F N N 2 ? 
G N N 2 ? 
H N N 4 ? 
I N N 4 ? 
# 
_struct_ref.id                         1 
_struct_ref.db_name                    UNP 
_struct_ref.db_code                    POLG_JAEV1 
_struct_ref.pdbx_db_accession          P27395 
_struct_ref.pdbx_db_isoform            ? 
_struct_ref.entity_id                  1 
_struct_ref.pdbx_seq_one_letter_code   
;MTKKPGGPGKNRAINMLKRGLPRVFPLVGVKRVVMSLLDGRGPVRFVLALITFFKFTALAPTKALLGRWKAVEKSVAMKH
LTSFKRELGTLIDAVNKRGRKQNKR
;
_struct_ref.pdbx_align_begin           1 
# 
loop_
_struct_ref_seq.align_id 
_struct_ref_seq.ref_id 
_struct_ref_seq.pdbx_PDB_id_code 
_struct_ref_seq.pdbx_strand_id 
_struct_ref_seq.seq_align_beg 
_struct_ref_seq.pdbx_seq_align_beg_ins_code 
_struct_ref_seq.seq_align_end 
_struct_ref_seq.pdbx_seq_align_end_ins_code 
_struct_ref_seq.pdbx_db_accession 
_struct_ref_seq.db_align_beg 
_struct_ref_seq.pdbx_db_align_beg_ins_code 
_struct_ref_seq.db_align_end 
_struct_ref_seq.pdbx_db_align_end_ins_code 
_struct_ref_seq.pdbx_auth_seq_align_beg 
_struct_ref_seq.pdbx_auth_seq_align_end 
1 1 5OW2 A 8 ? 112 ? P27395 1 ? 105 ? 1 105 
2 1 5OW2 B 8 ? 112 ? P27395 1 ? 105 ? 1 105 
# 
loop_
_struct_ref_seq_dif.align_id 
_struct_ref_seq_dif.pdbx_pdb_id_code 
_struct_ref_seq_dif.mon_id 
_struct_ref_seq_dif.pdbx_pdb_strand_id 
_struct_ref_seq_dif.seq_num 
_struct_ref_seq_dif.pdbx_pdb_ins_code 
_struct_ref_seq_dif.pdbx_seq_db_name 
_struct_ref_seq_dif.pdbx_seq_db_accession_code 
_struct_ref_seq_dif.db_mon_id 
_struct_ref_seq_dif.pdbx_seq_db_seq_num 
_struct_ref_seq_dif.details 
_struct_ref_seq_dif.pdbx_auth_seq_num 
_struct_ref_seq_dif.pdbx_ordinal 
1 5OW2 ALA A 1 ? UNP P27395 ? ? 'expression tag' -6 1  
1 5OW2 MET A 2 ? UNP P27395 ? ? 'expression tag' -5 2  
1 5OW2 ALA A 3 ? UNP P27395 ? ? 'expression tag' -4 3  
1 5OW2 ASP A 4 ? UNP P27395 ? ? 'expression tag' -3 4  
1 5OW2 ILE A 5 ? UNP P27395 ? ? 'expression tag' -2 5  
1 5OW2 GLY A 6 ? UNP P27395 ? ? 'expression tag' -1 6  
1 5OW2 SER A 7 ? UNP P27395 ? ? 'expression tag' 0  7  
2 5OW2 ALA B 1 ? UNP P27395 ? ? 'expression tag' -6 8  
2 5OW2 MET B 2 ? UNP P27395 ? ? 'expression tag' -5 9  
2 5OW2 ALA B 3 ? UNP P27395 ? ? 'expression tag' -4 10 
2 5OW2 ASP B 4 ? UNP P27395 ? ? 'expression tag' -3 11 
2 5OW2 ILE B 5 ? UNP P27395 ? ? 'expression tag' -2 12 
2 5OW2 GLY B 6 ? UNP P27395 ? ? 'expression tag' -1 13 
2 5OW2 SER B 7 ? UNP P27395 ? ? 'expression tag' 0  14 
# 
_pdbx_struct_assembly.id                   1 
_pdbx_struct_assembly.details              author_defined_assembly 
_pdbx_struct_assembly.method_details       ? 
_pdbx_struct_assembly.oligomeric_details   dimeric 
_pdbx_struct_assembly.oligomeric_count     2 
# 
_pdbx_struct_assembly_gen.assembly_id       1 
_pdbx_struct_assembly_gen.oper_expression   1 
_pdbx_struct_assembly_gen.asym_id_list      A,B,C,D,E,F,G,H,I 
# 
_pdbx_struct_assembly_auth_evidence.id                     1 
_pdbx_struct_assembly_auth_evidence.assembly_id            1 
_pdbx_struct_assembly_auth_evidence.experimental_support   none 
_pdbx_struct_assembly_auth_evidence.details                ? 
# 
_pdbx_struct_oper_list.id                   1 
_pdbx_struct_oper_list.type                 'identity operation' 
_pdbx_struct_oper_list.name                 1_555 
_pdbx_struct_oper_list.symmetry_operation   x,y,z 
_pdbx_struct_oper_list.matrix[1][1]         1.0000000000 
_pdbx_struct_oper_list.matrix[1][2]         0.0000000000 
_pdbx_struct_oper_list.matrix[1][3]         0.0000000000 
_pdbx_struct_oper_list.vector[1]            0.0000000000 
_pdbx_struct_oper_list.matrix[2][1]         0.0000000000 
_pdbx_struct_oper_list.matrix[2][2]         1.0000000000 
_pdbx_struct_oper_list.matrix[2][3]         0.0000000000 
_pdbx_struct_oper_list.vector[2]            0.0000000000 
_pdbx_struct_oper_list.matrix[3][1]         0.0000000000 
_pdbx_struct_oper_list.matrix[3][2]         0.0000000000 
_pdbx_struct_oper_list.matrix[3][3]         1.0000000000 
_pdbx_struct_oper_list.vector[3]            0.0000000000 
# 
loop_
_struct_conf.conf_type_id 
_struct_conf.id 
_struct_conf.pdbx_PDB_helix_id 
_struct_conf.beg_label_comp_id 
_struct_conf.beg_label_asym_id 
_struct_conf.beg_label_seq_id 
_struct_conf.pdbx_beg_PDB_ins_code 
_struct_conf.end_label_comp_id 
_struct_conf.end_label_asym_id 
_struct_conf.end_label_seq_id 
_struct_conf.pdbx_end_PDB_ins_code 
_struct_conf.beg_auth_comp_id 
_struct_conf.beg_auth_asym_id 
_struct_conf.beg_auth_seq_id 
_struct_conf.end_auth_comp_id 
_struct_conf.end_auth_asym_id 
_struct_conf.end_auth_seq_id 
_struct_conf.pdbx_PDB_helix_class 
_struct_conf.details 
_struct_conf.pdbx_PDB_helix_length 
HELX_P HELX_P1 AA1 VAL A 35 ? ASP A 46  ? VAL A 28 ASP A 39 1 ? 12 
HELX_P HELX_P2 AA2 PRO A 50 ? ALA A 65  ? PRO A 43 ALA A 58 1 ? 16 
HELX_P HELX_P3 AA3 THR A 69 ? ALA A 78  ? THR A 62 ALA A 71 1 ? 10 
HELX_P HELX_P4 AA4 GLU A 80 ? LYS A 104 ? GLU A 73 LYS A 97 1 ? 25 
HELX_P HELX_P5 AA5 VAL B 35 ? ASP B 46  ? VAL B 28 ASP B 39 1 ? 12 
HELX_P HELX_P6 AA6 PRO B 50 ? ALA B 65  ? PRO B 43 ALA B 58 1 ? 16 
HELX_P HELX_P7 AA7 THR B 69 ? ALA B 78  ? THR B 62 ALA B 71 1 ? 10 
HELX_P HELX_P8 AA8 GLU B 80 ? LYS B 104 ? GLU B 73 LYS B 97 1 ? 25 
# 
_struct_conf_type.id          HELX_P 
_struct_conf_type.criteria    ? 
_struct_conf_type.reference   ? 
# 
loop_
_struct_site.id 
_struct_site.pdbx_evidence_code 
_struct_site.pdbx_auth_asym_id 
_struct_site.pdbx_auth_comp_id 
_struct_site.pdbx_auth_seq_id 
_struct_site.pdbx_auth_ins_code 
_struct_site.pdbx_num_residues 
_struct_site.details 
AC1 Software A EDO 201 ? 4 'binding site for residue EDO A 201' 
AC2 Software A EDO 202 ? 5 'binding site for residue EDO A 202' 
AC3 Software A FLC 203 ? 9 'binding site for residue FLC A 203' 
AC4 Software B EDO 201 ? 5 'binding site for residue EDO B 201' 
AC5 Software B EDO 202 ? 5 'binding site for residue EDO B 202' 
# 
loop_
_struct_site_gen.id 
_struct_site_gen.site_id 
_struct_site_gen.pdbx_num_res 
_struct_site_gen.label_comp_id 
_struct_site_gen.label_asym_id 
_struct_site_gen.label_seq_id 
_struct_site_gen.pdbx_auth_ins_code 
_struct_site_gen.auth_comp_id 
_struct_site_gen.auth_asym_id 
_struct_site_gen.auth_seq_id 
_struct_site_gen.label_atom_id 
_struct_site_gen.label_alt_id 
_struct_site_gen.symmetry 
_struct_site_gen.details 
1  AC1 4 PRO A 50  ? PRO A 43  . ? 1_555 ? 
2  AC1 4 HOH H .   ? HOH A 301 . ? 1_555 ? 
3  AC1 4 HOH H .   ? HOH A 320 . ? 1_555 ? 
4  AC1 4 HOH I .   ? HOH B 302 . ? 1_555 ? 
5  AC2 5 LYS A 38  ? LYS A 31  . ? 1_555 ? 
6  AC2 5 MET A 42  ? MET A 35  . ? 1_555 ? 
7  AC2 5 LEU A 45  ? LEU A 38  . ? 1_555 ? 
8  AC2 5 LYS B 38  ? LYS B 31  . ? 1_555 ? 
9  AC2 5 MET B 42  ? MET B 35  . ? 1_555 ? 
10 AC3 9 VAL A 51  ? VAL A 44  . ? 1_555 ? 
11 AC3 9 HOH H .   ? HOH A 301 . ? 1_555 ? 
12 AC3 9 HOH H .   ? HOH A 302 . ? 1_555 ? 
13 AC3 9 HOH H .   ? HOH A 304 . ? 1_555 ? 
14 AC3 9 HOH H .   ? HOH A 306 . ? 1_555 ? 
15 AC3 9 HOH H .   ? HOH A 321 . ? 1_555 ? 
16 AC3 9 HOH H .   ? HOH A 322 . ? 1_555 ? 
17 AC3 9 GLY B 49  ? GLY B 42  . ? 3_554 ? 
18 AC3 9 PRO B 50  ? PRO B 43  . ? 3_554 ? 
19 AC4 5 VAL A 51  ? VAL A 44  . ? 4_455 ? 
20 AC4 5 ARG A 75  ? ARG A 68  . ? 4_455 ? 
21 AC4 5 ALA A 78  ? ALA A 71  . ? 4_455 ? 
22 AC4 5 ASP B 100 ? ASP B 93  . ? 1_555 ? 
23 AC4 5 HOH I .   ? HOH B 301 . ? 1_555 ? 
24 AC5 5 PRO A 50  ? PRO A 43  . ? 3_544 ? 
25 AC5 5 HOH H .   ? HOH A 314 . ? 1_555 ? 
26 AC5 5 PRO B 50  ? PRO B 43  . ? 1_555 ? 
27 AC5 5 ARG B 52  ? ARG B 45  . ? 1_555 ? 
28 AC5 5 HOH I .   ? HOH B 320 . ? 1_555 ? 
# 
_pdbx_validate_close_contact.id               1 
_pdbx_validate_close_contact.PDB_model_num    1 
_pdbx_validate_close_contact.auth_atom_id_1   OB1 
_pdbx_validate_close_contact.auth_asym_id_1   A 
_pdbx_validate_close_contact.auth_comp_id_1   FLC 
_pdbx_validate_close_contact.auth_seq_id_1    203 
_pdbx_validate_close_contact.PDB_ins_code_1   ? 
_pdbx_validate_close_contact.label_alt_id_1   ? 
_pdbx_validate_close_contact.auth_atom_id_2   O 
_pdbx_validate_close_contact.auth_asym_id_2   A 
_pdbx_validate_close_contact.auth_comp_id_2   HOH 
_pdbx_validate_close_contact.auth_seq_id_2    301 
_pdbx_validate_close_contact.PDB_ins_code_2   ? 
_pdbx_validate_close_contact.label_alt_id_2   ? 
_pdbx_validate_close_contact.dist             1.90 
# 
loop_
_pdbx_unobs_or_zero_occ_residues.id 
_pdbx_unobs_or_zero_occ_residues.PDB_model_num 
_pdbx_unobs_or_zero_occ_residues.polymer_flag 
_pdbx_unobs_or_zero_occ_residues.occupancy_flag 
_pdbx_unobs_or_zero_occ_residues.auth_asym_id 
_pdbx_unobs_or_zero_occ_residues.auth_comp_id 
_pdbx_unobs_or_zero_occ_residues.auth_seq_id 
_pdbx_unobs_or_zero_occ_residues.PDB_ins_code 
_pdbx_unobs_or_zero_occ_residues.label_asym_id 
_pdbx_unobs_or_zero_occ_residues.label_comp_id 
_pdbx_unobs_or_zero_occ_residues.label_seq_id 
1  1 Y 1 A ALA -6  ? A ALA 1   
2  1 Y 1 A MET -5  ? A MET 2   
3  1 Y 1 A ALA -4  ? A ALA 3   
4  1 Y 1 A ASP -3  ? A ASP 4   
5  1 Y 1 A ILE -2  ? A ILE 5   
6  1 Y 1 A GLY -1  ? A GLY 6   
7  1 Y 1 A SER 0   ? A SER 7   
8  1 Y 1 A MET 1   ? A MET 8   
9  1 Y 1 A THR 2   ? A THR 9   
10 1 Y 1 A LYS 3   ? A LYS 10  
11 1 Y 1 A LYS 4   ? A LYS 11  
12 1 Y 1 A PRO 5   ? A PRO 12  
13 1 Y 1 A GLY 6   ? A GLY 13  
14 1 Y 1 A GLY 7   ? A GLY 14  
15 1 Y 1 A PRO 8   ? A PRO 15  
16 1 Y 1 A GLY 9   ? A GLY 16  
17 1 Y 1 A LYS 10  ? A LYS 17  
18 1 Y 1 A ASN 11  ? A ASN 18  
19 1 Y 1 A ARG 12  ? A ARG 19  
20 1 Y 1 A ALA 13  ? A ALA 20  
21 1 Y 1 A ILE 14  ? A ILE 21  
22 1 Y 1 A ASN 15  ? A ASN 22  
23 1 Y 1 A MET 16  ? A MET 23  
24 1 Y 1 A LEU 17  ? A LEU 24  
25 1 Y 1 A LYS 18  ? A LYS 25  
26 1 Y 1 A ARG 19  ? A ARG 26  
27 1 Y 1 A GLY 20  ? A GLY 27  
28 1 Y 1 A LEU 21  ? A LEU 28  
29 1 Y 1 A PRO 22  ? A PRO 29  
30 1 Y 1 A ARG 23  ? A ARG 30  
31 1 Y 1 A VAL 24  ? A VAL 31  
32 1 Y 1 A PHE 25  ? A PHE 32  
33 1 Y 1 A GLY 99  ? A GLY 106 
34 1 Y 1 A ARG 100 ? A ARG 107 
35 1 Y 1 A LYS 101 ? A LYS 108 
36 1 Y 1 A GLN 102 ? A GLN 109 
37 1 Y 1 A ASN 103 ? A ASN 110 
38 1 Y 1 A LYS 104 ? A LYS 111 
39 1 Y 1 A ARG 105 ? A ARG 112 
40 1 Y 1 B ALA -6  ? B ALA 1   
41 1 Y 1 B MET -5  ? B MET 2   
42 1 Y 1 B ALA -4  ? B ALA 3   
43 1 Y 1 B ASP -3  ? B ASP 4   
44 1 Y 1 B ILE -2  ? B ILE 5   
45 1 Y 1 B GLY -1  ? B GLY 6   
46 1 Y 1 B SER 0   ? B SER 7   
47 1 Y 1 B MET 1   ? B MET 8   
48 1 Y 1 B THR 2   ? B THR 9   
49 1 Y 1 B LYS 3   ? B LYS 10  
50 1 Y 1 B LYS 4   ? B LYS 11  
51 1 Y 1 B PRO 5   ? B PRO 12  
52 1 Y 1 B GLY 6   ? B GLY 13  
53 1 Y 1 B GLY 7   ? B GLY 14  
54 1 Y 1 B PRO 8   ? B PRO 15  
55 1 Y 1 B GLY 9   ? B GLY 16  
56 1 Y 1 B LYS 10  ? B LYS 17  
57 1 Y 1 B ASN 11  ? B ASN 18  
58 1 Y 1 B ARG 12  ? B ARG 19  
59 1 Y 1 B ALA 13  ? B ALA 20  
60 1 Y 1 B ILE 14  ? B ILE 21  
61 1 Y 1 B ASN 15  ? B ASN 22  
62 1 Y 1 B MET 16  ? B MET 23  
63 1 Y 1 B LEU 17  ? B LEU 24  
64 1 Y 1 B LYS 18  ? B LYS 25  
65 1 Y 1 B ARG 19  ? B ARG 26  
66 1 Y 1 B GLY 20  ? B GLY 27  
67 1 Y 1 B LEU 21  ? B LEU 28  
68 1 Y 1 B PRO 22  ? B PRO 29  
69 1 Y 1 B ARG 23  ? B ARG 30  
70 1 Y 1 B VAL 24  ? B VAL 31  
71 1 Y 1 B PHE 25  ? B PHE 32  
72 1 Y 1 B GLY 99  ? B GLY 106 
73 1 Y 1 B ARG 100 ? B ARG 107 
74 1 Y 1 B LYS 101 ? B LYS 108 
75 1 Y 1 B GLN 102 ? B GLN 109 
76 1 Y 1 B ASN 103 ? B ASN 110 
77 1 Y 1 B LYS 104 ? B LYS 111 
78 1 Y 1 B ARG 105 ? B ARG 112 
# 
loop_
_chem_comp_atom.comp_id 
_chem_comp_atom.atom_id 
_chem_comp_atom.type_symbol 
_chem_comp_atom.pdbx_aromatic_flag 
_chem_comp_atom.pdbx_stereo_config 
_chem_comp_atom.pdbx_ordinal 
ALA N    N N N 1   
ALA CA   C N S 2   
ALA C    C N N 3   
ALA O    O N N 4   
ALA CB   C N N 5   
ALA OXT  O N N 6   
ALA H    H N N 7   
ALA H2   H N N 8   
ALA HA   H N N 9   
ALA HB1  H N N 10  
ALA HB2  H N N 11  
ALA HB3  H N N 12  
ALA HXT  H N N 13  
ARG N    N N N 14  
ARG CA   C N S 15  
ARG C    C N N 16  
ARG O    O N N 17  
ARG CB   C N N 18  
ARG CG   C N N 19  
ARG CD   C N N 20  
ARG NE   N N N 21  
ARG CZ   C N N 22  
ARG NH1  N N N 23  
ARG NH2  N N N 24  
ARG OXT  O N N 25  
ARG H    H N N 26  
ARG H2   H N N 27  
ARG HA   H N N 28  
ARG HB2  H N N 29  
ARG HB3  H N N 30  
ARG HG2  H N N 31  
ARG HG3  H N N 32  
ARG HD2  H N N 33  
ARG HD3  H N N 34  
ARG HE   H N N 35  
ARG HH11 H N N 36  
ARG HH12 H N N 37  
ARG HH21 H N N 38  
ARG HH22 H N N 39  
ARG HXT  H N N 40  
ASN N    N N N 41  
ASN CA   C N S 42  
ASN C    C N N 43  
ASN O    O N N 44  
ASN CB   C N N 45  
ASN CG   C N N 46  
ASN OD1  O N N 47  
ASN ND2  N N N 48  
ASN OXT  O N N 49  
ASN H    H N N 50  
ASN H2   H N N 51  
ASN HA   H N N 52  
ASN HB2  H N N 53  
ASN HB3  H N N 54  
ASN HD21 H N N 55  
ASN HD22 H N N 56  
ASN HXT  H N N 57  
ASP N    N N N 58  
ASP CA   C N S 59  
ASP C    C N N 60  
ASP O    O N N 61  
ASP CB   C N N 62  
ASP CG   C N N 63  
ASP OD1  O N N 64  
ASP OD2  O N N 65  
ASP OXT  O N N 66  
ASP H    H N N 67  
ASP H2   H N N 68  
ASP HA   H N N 69  
ASP HB2  H N N 70  
ASP HB3  H N N 71  
ASP HD2  H N N 72  
ASP HXT  H N N 73  
EDO C1   C N N 74  
EDO O1   O N N 75  
EDO C2   C N N 76  
EDO O2   O N N 77  
EDO H11  H N N 78  
EDO H12  H N N 79  
EDO HO1  H N N 80  
EDO H21  H N N 81  
EDO H22  H N N 82  
EDO HO2  H N N 83  
FLC CAC  C N N 84  
FLC CA   C N N 85  
FLC CB   C N N 86  
FLC CBC  C N N 87  
FLC CG   C N N 88  
FLC CGC  C N N 89  
FLC OA1  O N N 90  
FLC OA2  O N N 91  
FLC OB1  O N N 92  
FLC OB2  O N N 93  
FLC OG1  O N N 94  
FLC OG2  O N N 95  
FLC OHB  O N N 96  
FLC HA1  H N N 97  
FLC HA2  H N N 98  
FLC HG1  H N N 99  
FLC HG2  H N N 100 
FLC HOB  H N N 101 
GLN N    N N N 102 
GLN CA   C N S 103 
GLN C    C N N 104 
GLN O    O N N 105 
GLN CB   C N N 106 
GLN CG   C N N 107 
GLN CD   C N N 108 
GLN OE1  O N N 109 
GLN NE2  N N N 110 
GLN OXT  O N N 111 
GLN H    H N N 112 
GLN H2   H N N 113 
GLN HA   H N N 114 
GLN HB2  H N N 115 
GLN HB3  H N N 116 
GLN HG2  H N N 117 
GLN HG3  H N N 118 
GLN HE21 H N N 119 
GLN HE22 H N N 120 
GLN HXT  H N N 121 
GLU N    N N N 122 
GLU CA   C N S 123 
GLU C    C N N 124 
GLU O    O N N 125 
GLU CB   C N N 126 
GLU CG   C N N 127 
GLU CD   C N N 128 
GLU OE1  O N N 129 
GLU OE2  O N N 130 
GLU OXT  O N N 131 
GLU H    H N N 132 
GLU H2   H N N 133 
GLU HA   H N N 134 
GLU HB2  H N N 135 
GLU HB3  H N N 136 
GLU HG2  H N N 137 
GLU HG3  H N N 138 
GLU HE2  H N N 139 
GLU HXT  H N N 140 
GLY N    N N N 141 
GLY CA   C N N 142 
GLY C    C N N 143 
GLY O    O N N 144 
GLY OXT  O N N 145 
GLY H    H N N 146 
GLY H2   H N N 147 
GLY HA2  H N N 148 
GLY HA3  H N N 149 
GLY HXT  H N N 150 
HIS N    N N N 151 
HIS CA   C N S 152 
HIS C    C N N 153 
HIS O    O N N 154 
HIS CB   C N N 155 
HIS CG   C Y N 156 
HIS ND1  N Y N 157 
HIS CD2  C Y N 158 
HIS CE1  C Y N 159 
HIS NE2  N Y N 160 
HIS OXT  O N N 161 
HIS H    H N N 162 
HIS H2   H N N 163 
HIS HA   H N N 164 
HIS HB2  H N N 165 
HIS HB3  H N N 166 
HIS HD1  H N N 167 
HIS HD2  H N N 168 
HIS HE1  H N N 169 
HIS HE2  H N N 170 
HIS HXT  H N N 171 
HOH O    O N N 172 
HOH H1   H N N 173 
HOH H2   H N N 174 
ILE N    N N N 175 
ILE CA   C N S 176 
ILE C    C N N 177 
ILE O    O N N 178 
ILE CB   C N S 179 
ILE CG1  C N N 180 
ILE CG2  C N N 181 
ILE CD1  C N N 182 
ILE OXT  O N N 183 
ILE H    H N N 184 
ILE H2   H N N 185 
ILE HA   H N N 186 
ILE HB   H N N 187 
ILE HG12 H N N 188 
ILE HG13 H N N 189 
ILE HG21 H N N 190 
ILE HG22 H N N 191 
ILE HG23 H N N 192 
ILE HD11 H N N 193 
ILE HD12 H N N 194 
ILE HD13 H N N 195 
ILE HXT  H N N 196 
LEU N    N N N 197 
LEU CA   C N S 198 
LEU C    C N N 199 
LEU O    O N N 200 
LEU CB   C N N 201 
LEU CG   C N N 202 
LEU CD1  C N N 203 
LEU CD2  C N N 204 
LEU OXT  O N N 205 
LEU H    H N N 206 
LEU H2   H N N 207 
LEU HA   H N N 208 
LEU HB2  H N N 209 
LEU HB3  H N N 210 
LEU HG   H N N 211 
LEU HD11 H N N 212 
LEU HD12 H N N 213 
LEU HD13 H N N 214 
LEU HD21 H N N 215 
LEU HD22 H N N 216 
LEU HD23 H N N 217 
LEU HXT  H N N 218 
LYS N    N N N 219 
LYS CA   C N S 220 
LYS C    C N N 221 
LYS O    O N N 222 
LYS CB   C N N 223 
LYS CG   C N N 224 
LYS CD   C N N 225 
LYS CE   C N N 226 
LYS NZ   N N N 227 
LYS OXT  O N N 228 
LYS H    H N N 229 
LYS H2   H N N 230 
LYS HA   H N N 231 
LYS HB2  H N N 232 
LYS HB3  H N N 233 
LYS HG2  H N N 234 
LYS HG3  H N N 235 
LYS HD2  H N N 236 
LYS HD3  H N N 237 
LYS HE2  H N N 238 
LYS HE3  H N N 239 
LYS HZ1  H N N 240 
LYS HZ2  H N N 241 
LYS HZ3  H N N 242 
LYS HXT  H N N 243 
MET N    N N N 244 
MET CA   C N S 245 
MET C    C N N 246 
MET O    O N N 247 
MET CB   C N N 248 
MET CG   C N N 249 
MET SD   S N N 250 
MET CE   C N N 251 
MET OXT  O N N 252 
MET H    H N N 253 
MET H2   H N N 254 
MET HA   H N N 255 
MET HB2  H N N 256 
MET HB3  H N N 257 
MET HG2  H N N 258 
MET HG3  H N N 259 
MET HE1  H N N 260 
MET HE2  H N N 261 
MET HE3  H N N 262 
MET HXT  H N N 263 
PHE N    N N N 264 
PHE CA   C N S 265 
PHE C    C N N 266 
PHE O    O N N 267 
PHE CB   C N N 268 
PHE CG   C Y N 269 
PHE CD1  C Y N 270 
PHE CD2  C Y N 271 
PHE CE1  C Y N 272 
PHE CE2  C Y N 273 
PHE CZ   C Y N 274 
PHE OXT  O N N 275 
PHE H    H N N 276 
PHE H2   H N N 277 
PHE HA   H N N 278 
PHE HB2  H N N 279 
PHE HB3  H N N 280 
PHE HD1  H N N 281 
PHE HD2  H N N 282 
PHE HE1  H N N 283 
PHE HE2  H N N 284 
PHE HZ   H N N 285 
PHE HXT  H N N 286 
PRO N    N N N 287 
PRO CA   C N S 288 
PRO C    C N N 289 
PRO O    O N N 290 
PRO CB   C N N 291 
PRO CG   C N N 292 
PRO CD   C N N 293 
PRO OXT  O N N 294 
PRO H    H N N 295 
PRO HA   H N N 296 
PRO HB2  H N N 297 
PRO HB3  H N N 298 
PRO HG2  H N N 299 
PRO HG3  H N N 300 
PRO HD2  H N N 301 
PRO HD3  H N N 302 
PRO HXT  H N N 303 
SER N    N N N 304 
SER CA   C N S 305 
SER C    C N N 306 
SER O    O N N 307 
SER CB   C N N 308 
SER OG   O N N 309 
SER OXT  O N N 310 
SER H    H N N 311 
SER H2   H N N 312 
SER HA   H N N 313 
SER HB2  H N N 314 
SER HB3  H N N 315 
SER HG   H N N 316 
SER HXT  H N N 317 
THR N    N N N 318 
THR CA   C N S 319 
THR C    C N N 320 
THR O    O N N 321 
THR CB   C N R 322 
THR OG1  O N N 323 
THR CG2  C N N 324 
THR OXT  O N N 325 
THR H    H N N 326 
THR H2   H N N 327 
THR HA   H N N 328 
THR HB   H N N 329 
THR HG1  H N N 330 
THR HG21 H N N 331 
THR HG22 H N N 332 
THR HG23 H N N 333 
THR HXT  H N N 334 
TRP N    N N N 335 
TRP CA   C N S 336 
TRP C    C N N 337 
TRP O    O N N 338 
TRP CB   C N N 339 
TRP CG   C Y N 340 
TRP CD1  C Y N 341 
TRP CD2  C Y N 342 
TRP NE1  N Y N 343 
TRP CE2  C Y N 344 
TRP CE3  C Y N 345 
TRP CZ2  C Y N 346 
TRP CZ3  C Y N 347 
TRP CH2  C Y N 348 
TRP OXT  O N N 349 
TRP H    H N N 350 
TRP H2   H N N 351 
TRP HA   H N N 352 
TRP HB2  H N N 353 
TRP HB3  H N N 354 
TRP HD1  H N N 355 
TRP HE1  H N N 356 
TRP HE3  H N N 357 
TRP HZ2  H N N 358 
TRP HZ3  H N N 359 
TRP HH2  H N N 360 
TRP HXT  H N N 361 
VAL N    N N N 362 
VAL CA   C N S 363 
VAL C    C N N 364 
VAL O    O N N 365 
VAL CB   C N N 366 
VAL CG1  C N N 367 
VAL CG2  C N N 368 
VAL OXT  O N N 369 
VAL H    H N N 370 
VAL H2   H N N 371 
VAL HA   H N N 372 
VAL HB   H N N 373 
VAL HG11 H N N 374 
VAL HG12 H N N 375 
VAL HG13 H N N 376 
VAL HG21 H N N 377 
VAL HG22 H N N 378 
VAL HG23 H N N 379 
VAL HXT  H N N 380 
# 
loop_
_chem_comp_bond.comp_id 
_chem_comp_bond.atom_id_1 
_chem_comp_bond.atom_id_2 
_chem_comp_bond.value_order 
_chem_comp_bond.pdbx_aromatic_flag 
_chem_comp_bond.pdbx_stereo_config 
_chem_comp_bond.pdbx_ordinal 
ALA N   CA   sing N N 1   
ALA N   H    sing N N 2   
ALA N   H2   sing N N 3   
ALA CA  C    sing N N 4   
ALA CA  CB   sing N N 5   
ALA CA  HA   sing N N 6   
ALA C   O    doub N N 7   
ALA C   OXT  sing N N 8   
ALA CB  HB1  sing N N 9   
ALA CB  HB2  sing N N 10  
ALA CB  HB3  sing N N 11  
ALA OXT HXT  sing N N 12  
ARG N   CA   sing N N 13  
ARG N   H    sing N N 14  
ARG N   H2   sing N N 15  
ARG CA  C    sing N N 16  
ARG CA  CB   sing N N 17  
ARG CA  HA   sing N N 18  
ARG C   O    doub N N 19  
ARG C   OXT  sing N N 20  
ARG CB  CG   sing N N 21  
ARG CB  HB2  sing N N 22  
ARG CB  HB3  sing N N 23  
ARG CG  CD   sing N N 24  
ARG CG  HG2  sing N N 25  
ARG CG  HG3  sing N N 26  
ARG CD  NE   sing N N 27  
ARG CD  HD2  sing N N 28  
ARG CD  HD3  sing N N 29  
ARG NE  CZ   sing N N 30  
ARG NE  HE   sing N N 31  
ARG CZ  NH1  sing N N 32  
ARG CZ  NH2  doub N N 33  
ARG NH1 HH11 sing N N 34  
ARG NH1 HH12 sing N N 35  
ARG NH2 HH21 sing N N 36  
ARG NH2 HH22 sing N N 37  
ARG OXT HXT  sing N N 38  
ASN N   CA   sing N N 39  
ASN N   H    sing N N 40  
ASN N   H2   sing N N 41  
ASN CA  C    sing N N 42  
ASN CA  CB   sing N N 43  
ASN CA  HA   sing N N 44  
ASN C   O    doub N N 45  
ASN C   OXT  sing N N 46  
ASN CB  CG   sing N N 47  
ASN CB  HB2  sing N N 48  
ASN CB  HB3  sing N N 49  
ASN CG  OD1  doub N N 50  
ASN CG  ND2  sing N N 51  
ASN ND2 HD21 sing N N 52  
ASN ND2 HD22 sing N N 53  
ASN OXT HXT  sing N N 54  
ASP N   CA   sing N N 55  
ASP N   H    sing N N 56  
ASP N   H2   sing N N 57  
ASP CA  C    sing N N 58  
ASP CA  CB   sing N N 59  
ASP CA  HA   sing N N 60  
ASP C   O    doub N N 61  
ASP C   OXT  sing N N 62  
ASP CB  CG   sing N N 63  
ASP CB  HB2  sing N N 64  
ASP CB  HB3  sing N N 65  
ASP CG  OD1  doub N N 66  
ASP CG  OD2  sing N N 67  
ASP OD2 HD2  sing N N 68  
ASP OXT HXT  sing N N 69  
EDO C1  O1   sing N N 70  
EDO C1  C2   sing N N 71  
EDO C1  H11  sing N N 72  
EDO C1  H12  sing N N 73  
EDO O1  HO1  sing N N 74  
EDO C2  O2   sing N N 75  
EDO C2  H21  sing N N 76  
EDO C2  H22  sing N N 77  
EDO O2  HO2  sing N N 78  
FLC CAC CA   sing N N 79  
FLC CAC OA1  doub N N 80  
FLC CAC OA2  sing N N 81  
FLC CA  CB   sing N N 82  
FLC CA  HA1  sing N N 83  
FLC CA  HA2  sing N N 84  
FLC CB  CBC  sing N N 85  
FLC CB  CG   sing N N 86  
FLC CB  OHB  sing N N 87  
FLC CBC OB1  doub N N 88  
FLC CBC OB2  sing N N 89  
FLC CG  CGC  sing N N 90  
FLC CG  HG1  sing N N 91  
FLC CG  HG2  sing N N 92  
FLC CGC OG1  doub N N 93  
FLC CGC OG2  sing N N 94  
FLC OHB HOB  sing N N 95  
GLN N   CA   sing N N 96  
GLN N   H    sing N N 97  
GLN N   H2   sing N N 98  
GLN CA  C    sing N N 99  
GLN CA  CB   sing N N 100 
GLN CA  HA   sing N N 101 
GLN C   O    doub N N 102 
GLN C   OXT  sing N N 103 
GLN CB  CG   sing N N 104 
GLN CB  HB2  sing N N 105 
GLN CB  HB3  sing N N 106 
GLN CG  CD   sing N N 107 
GLN CG  HG2  sing N N 108 
GLN CG  HG3  sing N N 109 
GLN CD  OE1  doub N N 110 
GLN CD  NE2  sing N N 111 
GLN NE2 HE21 sing N N 112 
GLN NE2 HE22 sing N N 113 
GLN OXT HXT  sing N N 114 
GLU N   CA   sing N N 115 
GLU N   H    sing N N 116 
GLU N   H2   sing N N 117 
GLU CA  C    sing N N 118 
GLU CA  CB   sing N N 119 
GLU CA  HA   sing N N 120 
GLU C   O    doub N N 121 
GLU C   OXT  sing N N 122 
GLU CB  CG   sing N N 123 
GLU CB  HB2  sing N N 124 
GLU CB  HB3  sing N N 125 
GLU CG  CD   sing N N 126 
GLU CG  HG2  sing N N 127 
GLU CG  HG3  sing N N 128 
GLU CD  OE1  doub N N 129 
GLU CD  OE2  sing N N 130 
GLU OE2 HE2  sing N N 131 
GLU OXT HXT  sing N N 132 
GLY N   CA   sing N N 133 
GLY N   H    sing N N 134 
GLY N   H2   sing N N 135 
GLY CA  C    sing N N 136 
GLY CA  HA2  sing N N 137 
GLY CA  HA3  sing N N 138 
GLY C   O    doub N N 139 
GLY C   OXT  sing N N 140 
GLY OXT HXT  sing N N 141 
HIS N   CA   sing N N 142 
HIS N   H    sing N N 143 
HIS N   H2   sing N N 144 
HIS CA  C    sing N N 145 
HIS CA  CB   sing N N 146 
HIS CA  HA   sing N N 147 
HIS C   O    doub N N 148 
HIS C   OXT  sing N N 149 
HIS CB  CG   sing N N 150 
HIS CB  HB2  sing N N 151 
HIS CB  HB3  sing N N 152 
HIS CG  ND1  sing Y N 153 
HIS CG  CD2  doub Y N 154 
HIS ND1 CE1  doub Y N 155 
HIS ND1 HD1  sing N N 156 
HIS CD2 NE2  sing Y N 157 
HIS CD2 HD2  sing N N 158 
HIS CE1 NE2  sing Y N 159 
HIS CE1 HE1  sing N N 160 
HIS NE2 HE2  sing N N 161 
HIS OXT HXT  sing N N 162 
HOH O   H1   sing N N 163 
HOH O   H2   sing N N 164 
ILE N   CA   sing N N 165 
ILE N   H    sing N N 166 
ILE N   H2   sing N N 167 
ILE CA  C    sing N N 168 
ILE CA  CB   sing N N 169 
ILE CA  HA   sing N N 170 
ILE C   O    doub N N 171 
ILE C   OXT  sing N N 172 
ILE CB  CG1  sing N N 173 
ILE CB  CG2  sing N N 174 
ILE CB  HB   sing N N 175 
ILE CG1 CD1  sing N N 176 
ILE CG1 HG12 sing N N 177 
ILE CG1 HG13 sing N N 178 
ILE CG2 HG21 sing N N 179 
ILE CG2 HG22 sing N N 180 
ILE CG2 HG23 sing N N 181 
ILE CD1 HD11 sing N N 182 
ILE CD1 HD12 sing N N 183 
ILE CD1 HD13 sing N N 184 
ILE OXT HXT  sing N N 185 
LEU N   CA   sing N N 186 
LEU N   H    sing N N 187 
LEU N   H2   sing N N 188 
LEU CA  C    sing N N 189 
LEU CA  CB   sing N N 190 
LEU CA  HA   sing N N 191 
LEU C   O    doub N N 192 
LEU C   OXT  sing N N 193 
LEU CB  CG   sing N N 194 
LEU CB  HB2  sing N N 195 
LEU CB  HB3  sing N N 196 
LEU CG  CD1  sing N N 197 
LEU CG  CD2  sing N N 198 
LEU CG  HG   sing N N 199 
LEU CD1 HD11 sing N N 200 
LEU CD1 HD12 sing N N 201 
LEU CD1 HD13 sing N N 202 
LEU CD2 HD21 sing N N 203 
LEU CD2 HD22 sing N N 204 
LEU CD2 HD23 sing N N 205 
LEU OXT HXT  sing N N 206 
LYS N   CA   sing N N 207 
LYS N   H    sing N N 208 
LYS N   H2   sing N N 209 
LYS CA  C    sing N N 210 
LYS CA  CB   sing N N 211 
LYS CA  HA   sing N N 212 
LYS C   O    doub N N 213 
LYS C   OXT  sing N N 214 
LYS CB  CG   sing N N 215 
LYS CB  HB2  sing N N 216 
LYS CB  HB3  sing N N 217 
LYS CG  CD   sing N N 218 
LYS CG  HG2  sing N N 219 
LYS CG  HG3  sing N N 220 
LYS CD  CE   sing N N 221 
LYS CD  HD2  sing N N 222 
LYS CD  HD3  sing N N 223 
LYS CE  NZ   sing N N 224 
LYS CE  HE2  sing N N 225 
LYS CE  HE3  sing N N 226 
LYS NZ  HZ1  sing N N 227 
LYS NZ  HZ2  sing N N 228 
LYS NZ  HZ3  sing N N 229 
LYS OXT HXT  sing N N 230 
MET N   CA   sing N N 231 
MET N   H    sing N N 232 
MET N   H2   sing N N 233 
MET CA  C    sing N N 234 
MET CA  CB   sing N N 235 
MET CA  HA   sing N N 236 
MET C   O    doub N N 237 
MET C   OXT  sing N N 238 
MET CB  CG   sing N N 239 
MET CB  HB2  sing N N 240 
MET CB  HB3  sing N N 241 
MET CG  SD   sing N N 242 
MET CG  HG2  sing N N 243 
MET CG  HG3  sing N N 244 
MET SD  CE   sing N N 245 
MET CE  HE1  sing N N 246 
MET CE  HE2  sing N N 247 
MET CE  HE3  sing N N 248 
MET OXT HXT  sing N N 249 
PHE N   CA   sing N N 250 
PHE N   H    sing N N 251 
PHE N   H2   sing N N 252 
PHE CA  C    sing N N 253 
PHE CA  CB   sing N N 254 
PHE CA  HA   sing N N 255 
PHE C   O    doub N N 256 
PHE C   OXT  sing N N 257 
PHE CB  CG   sing N N 258 
PHE CB  HB2  sing N N 259 
PHE CB  HB3  sing N N 260 
PHE CG  CD1  doub Y N 261 
PHE CG  CD2  sing Y N 262 
PHE CD1 CE1  sing Y N 263 
PHE CD1 HD1  sing N N 264 
PHE CD2 CE2  doub Y N 265 
PHE CD2 HD2  sing N N 266 
PHE CE1 CZ   doub Y N 267 
PHE CE1 HE1  sing N N 268 
PHE CE2 CZ   sing Y N 269 
PHE CE2 HE2  sing N N 270 
PHE CZ  HZ   sing N N 271 
PHE OXT HXT  sing N N 272 
PRO N   CA   sing N N 273 
PRO N   CD   sing N N 274 
PRO N   H    sing N N 275 
PRO CA  C    sing N N 276 
PRO CA  CB   sing N N 277 
PRO CA  HA   sing N N 278 
PRO C   O    doub N N 279 
PRO C   OXT  sing N N 280 
PRO CB  CG   sing N N 281 
PRO CB  HB2  sing N N 282 
PRO CB  HB3  sing N N 283 
PRO CG  CD   sing N N 284 
PRO CG  HG2  sing N N 285 
PRO CG  HG3  sing N N 286 
PRO CD  HD2  sing N N 287 
PRO CD  HD3  sing N N 288 
PRO OXT HXT  sing N N 289 
SER N   CA   sing N N 290 
SER N   H    sing N N 291 
SER N   H2   sing N N 292 
SER CA  C    sing N N 293 
SER CA  CB   sing N N 294 
SER CA  HA   sing N N 295 
SER C   O    doub N N 296 
SER C   OXT  sing N N 297 
SER CB  OG   sing N N 298 
SER CB  HB2  sing N N 299 
SER CB  HB3  sing N N 300 
SER OG  HG   sing N N 301 
SER OXT HXT  sing N N 302 
THR N   CA   sing N N 303 
THR N   H    sing N N 304 
THR N   H2   sing N N 305 
THR CA  C    sing N N 306 
THR CA  CB   sing N N 307 
THR CA  HA   sing N N 308 
THR C   O    doub N N 309 
THR C   OXT  sing N N 310 
THR CB  OG1  sing N N 311 
THR CB  CG2  sing N N 312 
THR CB  HB   sing N N 313 
THR OG1 HG1  sing N N 314 
THR CG2 HG21 sing N N 315 
THR CG2 HG22 sing N N 316 
THR CG2 HG23 sing N N 317 
THR OXT HXT  sing N N 318 
TRP N   CA   sing N N 319 
TRP N   H    sing N N 320 
TRP N   H2   sing N N 321 
TRP CA  C    sing N N 322 
TRP CA  CB   sing N N 323 
TRP CA  HA   sing N N 324 
TRP C   O    doub N N 325 
TRP C   OXT  sing N N 326 
TRP CB  CG   sing N N 327 
TRP CB  HB2  sing N N 328 
TRP CB  HB3  sing N N 329 
TRP CG  CD1  doub Y N 330 
TRP CG  CD2  sing Y N 331 
TRP CD1 NE1  sing Y N 332 
TRP CD1 HD1  sing N N 333 
TRP CD2 CE2  doub Y N 334 
TRP CD2 CE3  sing Y N 335 
TRP NE1 CE2  sing Y N 336 
TRP NE1 HE1  sing N N 337 
TRP CE2 CZ2  sing Y N 338 
TRP CE3 CZ3  doub Y N 339 
TRP CE3 HE3  sing N N 340 
TRP CZ2 CH2  doub Y N 341 
TRP CZ2 HZ2  sing N N 342 
TRP CZ3 CH2  sing Y N 343 
TRP CZ3 HZ3  sing N N 344 
TRP CH2 HH2  sing N N 345 
TRP OXT HXT  sing N N 346 
VAL N   CA   sing N N 347 
VAL N   H    sing N N 348 
VAL N   H2   sing N N 349 
VAL CA  C    sing N N 350 
VAL CA  CB   sing N N 351 
VAL CA  HA   sing N N 352 
VAL C   O    doub N N 353 
VAL C   OXT  sing N N 354 
VAL CB  CG1  sing N N 355 
VAL CB  CG2  sing N N 356 
VAL CB  HB   sing N N 357 
VAL CG1 HG11 sing N N 358 
VAL CG1 HG12 sing N N 359 
VAL CG1 HG13 sing N N 360 
VAL CG2 HG21 sing N N 361 
VAL CG2 HG22 sing N N 362 
VAL CG2 HG23 sing N N 363 
VAL OXT HXT  sing N N 364 
# 
_pdbx_initial_refinement_model.id               1 
_pdbx_initial_refinement_model.entity_id_list   ? 
_pdbx_initial_refinement_model.type             'experimental model' 
_pdbx_initial_refinement_model.source_name      PDB 
_pdbx_initial_refinement_model.accession_code   1SFK 
_pdbx_initial_refinement_model.details          ? 
# 
_atom_sites.entry_id                    5OW2 
_atom_sites.fract_transf_matrix[1][1]   0.01155990 
_atom_sites.fract_transf_matrix[1][2]   -0.00161931 
_atom_sites.fract_transf_matrix[1][3]   0.01816721 
_atom_sites.fract_transf_matrix[2][1]   -0.01664192 
_atom_sites.fract_transf_matrix[2][2]   -0.00483551 
_atom_sites.fract_transf_matrix[2][3]   0.01015834 
_atom_sites.fract_transf_matrix[3][1]   0.00241165 
_atom_sites.fract_transf_matrix[3][2]   -0.01417866 
_atom_sites.fract_transf_matrix[3][3]   -0.00279834 
_atom_sites.fract_transf_vector[1]      -0.087386 
_atom_sites.fract_transf_vector[2]      0.263884 
_atom_sites.fract_transf_vector[3]      -0.230165 
# 
loop_
_atom_type.symbol 
C 
N 
O 
S 
# 
loop_
_atom_site.group_PDB 
_atom_site.id 
_atom_site.type_symbol 
_atom_site.label_atom_id 
_atom_site.label_alt_id 
_atom_site.label_comp_id 
_atom_site.label_asym_id 
_atom_site.label_entity_id 
_atom_site.label_seq_id 
_atom_site.pdbx_PDB_ins_code 
_atom_site.Cartn_x 
_atom_site.Cartn_y 
_atom_site.Cartn_z 
_atom_site.occupancy 
_atom_site.B_iso_or_equiv 
_atom_site.pdbx_formal_charge 
_atom_site.auth_seq_id 
_atom_site.auth_comp_id 
_atom_site.auth_asym_id 
_atom_site.auth_atom_id 
_atom_site.pdbx_PDB_model_num 
ATOM   1    N N   . PRO A 1 33  ? 4.599   5.019   23.809  0.50 62.58  ? 26  PRO A N   1 
ATOM   2    C CA  . PRO A 1 33  ? 4.773   4.099   22.695  0.50 63.51  ? 26  PRO A CA  1 
ATOM   3    C C   . PRO A 1 33  ? 3.679   4.258   21.638  0.50 64.82  ? 26  PRO A C   1 
ATOM   4    O O   . PRO A 1 33  ? 2.611   4.784   21.937  0.50 63.47  ? 26  PRO A O   1 
ATOM   5    C CB  . PRO A 1 33  ? 4.670   2.730   23.367  0.50 62.65  ? 26  PRO A CB  1 
ATOM   6    C CG  . PRO A 1 33  ? 3.758   2.949   24.530  0.50 62.79  ? 26  PRO A CG  1 
ATOM   7    C CD  . PRO A 1 33  ? 3.819   4.410   24.903  0.50 62.96  ? 26  PRO A CD  1 
ATOM   8    N N   . LEU A 1 34  ? 3.954   3.789   20.422  1.00 66.35  ? 27  LEU A N   1 
ATOM   9    C CA  . LEU A 1 34  ? 3.024   3.915   19.286  1.00 64.68  ? 27  LEU A CA  1 
ATOM   10   C C   . LEU A 1 34  ? 1.704   3.174   19.492  1.00 62.17  ? 27  LEU A C   1 
ATOM   11   O O   . LEU A 1 34  ? 1.675   2.092   20.094  1.00 67.47  ? 27  LEU A O   1 
ATOM   12   C CB  . LEU A 1 34  ? 3.667   3.387   17.999  1.00 65.26  ? 27  LEU A CB  1 
ATOM   13   C CG  . LEU A 1 34  ? 4.939   4.042   17.475  1.00 65.49  ? 27  LEU A CG  1 
ATOM   14   C CD1 . LEU A 1 34  ? 5.429   3.299   16.238  1.00 62.21  ? 27  LEU A CD1 1 
ATOM   15   C CD2 . LEU A 1 34  ? 4.698   5.512   17.179  1.00 67.31  ? 27  LEU A CD2 1 
ATOM   16   N N   . VAL A 1 35  ? 0.626   3.764   18.969  1.00 58.40  ? 28  VAL A N   1 
ATOM   17   C CA  . VAL A 1 35  ? -0.741  3.216   19.069  1.00 58.42  ? 28  VAL A CA  1 
ATOM   18   C C   . VAL A 1 35  ? -1.470  3.390   17.735  1.00 54.15  ? 28  VAL A C   1 
ATOM   19   O O   . VAL A 1 35  ? -0.987  4.091   16.858  1.00 50.98  ? 28  VAL A O   1 
ATOM   20   C CB  . VAL A 1 35  ? -1.574  3.924   20.184  1.00 64.61  ? 28  VAL A CB  1 
ATOM   21   C CG1 . VAL A 1 35  ? -1.061  3.541   21.568  1.00 66.12  ? 28  VAL A CG1 1 
ATOM   22   C CG2 . VAL A 1 35  ? -1.577  5.441   20.012  1.00 64.62  ? 28  VAL A CG2 1 
ATOM   23   N N   . GLY A 1 36  ? -2.637  2.756   17.595  1.00 55.21  ? 29  GLY A N   1 
ATOM   24   C CA  . GLY A 1 36  ? -3.500  2.945   16.408  1.00 52.11  ? 29  GLY A CA  1 
ATOM   25   C C   . GLY A 1 36  ? -2.843  2.355   15.168  1.00 47.84  ? 29  GLY A C   1 
ATOM   26   O O   . GLY A 1 36  ? -2.058  1.401   15.277  1.00 41.65  ? 29  GLY A O   1 
ATOM   27   N N   . VAL A 1 37  ? -3.125  2.936   14.003  1.00 45.37  ? 30  VAL A N   1 
ATOM   28   C CA  . VAL A 1 37  ? -2.559  2.432   12.751  1.00 45.61  ? 30  VAL A CA  1 
ATOM   29   C C   . VAL A 1 37  ? -1.043  2.519   12.704  1.00 42.24  ? 30  VAL A C   1 
ATOM   30   O O   . VAL A 1 37  ? -0.459  1.686   12.032  1.00 36.94  ? 30  VAL A O   1 
ATOM   31   C CB  . VAL A 1 37  ? -3.142  3.071   11.454  1.00 46.56  ? 30  VAL A CB  1 
ATOM   32   C CG1 . VAL A 1 37  ? -4.586  2.664   11.279  1.00 50.30  ? 30  VAL A CG1 1 
ATOM   33   C CG2 . VAL A 1 37  ? -2.964  4.588   11.402  1.00 42.60  ? 30  VAL A CG2 1 
ATOM   34   N N   . LYS A 1 38  ? -0.415  3.508   13.376  1.00 35.54  ? 31  LYS A N   1 
ATOM   35   C CA  . LYS A 1 38  ? 1.063   3.619   13.328  1.00 37.39  ? 31  LYS A CA  1 
ATOM   36   C C   . LYS A 1 38  ? 1.779   2.393   13.918  1.00 36.86  ? 31  LYS A C   1 
ATOM   37   O O   . LYS A 1 38  ? 2.832   1.971   13.399  1.00 38.78  ? 31  LYS A O   1 
ATOM   38   C CB  . LYS A 1 38  ? 1.565   4.876   14.014  1.00 39.40  ? 31  LYS A CB  1 
ATOM   39   C CG  . LYS A 1 38  ? 1.271   6.157   13.258  1.00 44.73  ? 31  LYS A CG  1 
ATOM   40   C CD  . LYS A 1 38  ? 1.752   7.378   14.041  1.00 49.83  ? 31  LYS A CD  1 
ATOM   41   C CE  . LYS A 1 38  ? 1.490   8.654   13.267  1.00 53.05  ? 31  LYS A CE  1 
ATOM   42   N NZ  . LYS A 1 38  ? 2.131   9.817   13.943  1.00 58.43  ? 31  LYS A NZ  1 
ATOM   43   N N   . ARG A 1 39  ? 1.193   1.845   14.977  1.00 38.23  ? 32  ARG A N   1 
ATOM   44   C CA  . ARG A 1 39  ? 1.634   0.617   15.607  1.00 41.49  ? 32  ARG A CA  1 
ATOM   45   C C   . ARG A 1 39  ? 1.414   -0.572  14.684  1.00 37.10  ? 32  ARG A C   1 
ATOM   46   O O   . ARG A 1 39  ? 2.310   -1.410  14.570  1.00 38.51  ? 32  ARG A O   1 
ATOM   47   C CB  . ARG A 1 39  ? 0.885   0.395   16.925  1.00 45.65  ? 32  ARG A CB  1 
ATOM   48   C CG  . ARG A 1 39  ? 1.251   -0.873  17.712  1.00 51.99  ? 32  ARG A CG  1 
ATOM   49   C CD  . ARG A 1 39  ? 0.473   -0.890  19.043  1.00 66.79  ? 32  ARG A CD  1 
ATOM   50   N NE  . ARG A 1 39  ? 0.132   -2.223  19.553  0.80 73.23  ? 32  ARG A NE  1 
ATOM   51   C CZ  . ARG A 1 39  ? -0.547  -2.464  20.687  0.80 81.91  ? 32  ARG A CZ  1 
ATOM   52   N NH1 . ARG A 1 39  ? -0.993  -1.457  21.451  0.90 80.02  ? 32  ARG A NH1 1 
ATOM   53   N NH2 . ARG A 1 39  ? -0.790  -3.728  21.065  0.90 79.85  ? 32  ARG A NH2 1 
ATOM   54   N N   . VAL A 1 40  ? 0.230   -0.646  14.070  1.00 33.48  ? 33  VAL A N   1 
ATOM   55   C CA  . VAL A 1 40  ? -0.106  -1.721  13.106  1.00 34.56  ? 33  VAL A CA  1 
ATOM   56   C C   . VAL A 1 40  ? 0.926   -1.729  11.956  1.00 33.38  ? 33  VAL A C   1 
ATOM   57   O O   . VAL A 1 40  ? 1.503   -2.771  11.663  1.00 31.65  ? 33  VAL A O   1 
ATOM   58   C CB  . VAL A 1 40  ? -1.525  -1.599  12.562  1.00 32.80  ? 33  VAL A CB  1 
ATOM   59   C CG1 . VAL A 1 40  ? -1.786  -2.624  11.466  1.00 34.01  ? 33  VAL A CG1 1 
ATOM   60   C CG2 . VAL A 1 40  ? -2.545  -1.788  13.681  1.00 35.83  ? 33  VAL A CG2 1 
ATOM   61   N N   . VAL A 1 41  ? 1.191   -0.560  11.358  1.00 31.53  ? 34  VAL A N   1 
ATOM   62   C CA  . VAL A 1 41  ? 2.135   -0.471  10.225  1.00 31.45  ? 34  VAL A CA  1 
ATOM   63   C C   . VAL A 1 41  ? 3.595   -0.764  10.610  1.00 32.58  ? 34  VAL A C   1 
ATOM   64   O O   . VAL A 1 41  ? 4.321   -1.437  9.835   1.00 31.32  ? 34  VAL A O   1 
ATOM   65   C CB  . VAL A 1 41  ? 2.029   0.876   9.483   1.00 31.83  ? 34  VAL A CB  1 
ATOM   66   C CG1 . VAL A 1 41  ? 3.092   0.975   8.386   1.00 33.22  ? 34  VAL A CG1 1 
ATOM   67   C CG2 . VAL A 1 41  ? 0.643   1.042   8.879   1.00 33.51  ? 34  VAL A CG2 1 
ATOM   68   N N   . MET A 1 42  ? 4.027   -0.258  11.771  1.00 35.19  ? 35  MET A N   1 
ATOM   69   C CA  . MET A 1 42  ? 5.355   -0.588  12.330  1.00 38.14  ? 35  MET A CA  1 
ATOM   70   C C   . MET A 1 42  ? 5.510   -2.120  12.534  1.00 33.91  ? 35  MET A C   1 
ATOM   71   O O   . MET A 1 42  ? 6.530   -2.700  12.143  1.00 33.01  ? 35  MET A O   1 
ATOM   72   C CB  . MET A 1 42  ? 5.616   0.152   13.654  1.00 45.21  ? 35  MET A CB  1 
ATOM   73   C CG  . MET A 1 42  ? 6.951   -0.186  14.343  1.00 53.86  ? 35  MET A CG  1 
ATOM   74   S SD  . MET A 1 42  ? 8.457   0.459   13.538  1.00 70.57  ? 35  MET A SD  1 
ATOM   75   C CE  . MET A 1 42  ? 8.606   2.051   14.383  1.00 73.48  ? 35  MET A CE  1 
ATOM   76   N N   . SER A 1 43  ? 4.503   -2.764  13.107  1.00 32.87  ? 36  SER A N   1 
ATOM   77   C CA  . SER A 1 43  ? 4.533   -4.214  13.272  1.00 34.24  ? 36  SER A CA  1 
ATOM   78   C C   . SER A 1 43  ? 4.630   -4.976  11.968  1.00 29.80  ? 36  SER A C   1 
ATOM   79   O O   . SER A 1 43  ? 5.325   -5.977  11.904  1.00 29.60  ? 36  SER A O   1 
ATOM   80   C CB  . SER A 1 43  ? 3.318   -4.694  14.029  1.00 37.19  ? 36  SER A CB  1 
ATOM   81   O OG  . SER A 1 43  ? 3.371   -4.074  15.277  1.00 43.43  ? 36  SER A OG  1 
ATOM   82   N N   . LEU A 1 44  ? 3.912   -4.523  10.947  1.00 30.54  ? 37  LEU A N   1 
ATOM   83   C CA  . LEU A 1 44  ? 4.001   -5.136  9.610   1.00 31.84  ? 37  LEU A CA  1 
ATOM   84   C C   . LEU A 1 44  ? 5.421   -5.029  9.076   1.00 29.87  ? 37  LEU A C   1 
ATOM   85   O O   . LEU A 1 44  ? 5.946   -6.013  8.534   1.00 28.47  ? 37  LEU A O   1 
ATOM   86   C CB  . LEU A 1 44  ? 3.002   -4.502  8.613   1.00 32.53  ? 37  LEU A CB  1 
ATOM   87   C CG  . LEU A 1 44  ? 1.535   -4.847  8.812   1.00 35.32  ? 37  LEU A CG  1 
ATOM   88   C CD1 . LEU A 1 44  ? 0.665   -3.953  7.931   1.00 32.59  ? 37  LEU A CD1 1 
ATOM   89   C CD2 . LEU A 1 44  ? 1.223   -6.331  8.529   1.00 36.01  ? 37  LEU A CD2 1 
ATOM   90   N N   . LEU A 1 45  ? 6.081   -3.879  9.296   1.00 29.00  ? 38  LEU A N   1 
ATOM   91   C CA  . LEU A 1 45  ? 7.464   -3.705  8.815   1.00 30.02  ? 38  LEU A CA  1 
ATOM   92   C C   . LEU A 1 45  ? 8.469   -4.612  9.590   1.00 32.38  ? 38  LEU A C   1 
ATOM   93   O O   . LEU A 1 45  ? 9.545   -4.927  9.076   1.00 32.54  ? 38  LEU A O   1 
ATOM   94   C CB  . LEU A 1 45  ? 7.913   -2.242  8.849   1.00 30.44  ? 38  LEU A CB  1 
ATOM   95   C CG  . LEU A 1 45  ? 7.166   -1.328  7.862   1.00 31.45  ? 38  LEU A CG  1 
ATOM   96   C CD1 . LEU A 1 45  ? 7.290   0.139   8.206   1.00 35.62  ? 38  LEU A CD1 1 
ATOM   97   C CD2 . LEU A 1 45  ? 7.626   -1.591  6.442   1.00 31.86  ? 38  LEU A CD2 1 
ATOM   98   N N   . ASP A 1 46  ? 8.082   -5.047  10.782  1.00 31.51  ? 39  ASP A N   1 
ATOM   99   C CA  . ASP A 1 46  ? 8.824   -6.061  11.541  1.00 32.65  ? 39  ASP A CA  1 
ATOM   100  C C   . ASP A 1 46  ? 8.294   -7.484  11.337  1.00 33.08  ? 39  ASP A C   1 
ATOM   101  O O   . ASP A 1 46  ? 8.618   -8.377  12.127  1.00 33.06  ? 39  ASP A O   1 
ATOM   102  C CB  . ASP A 1 46  ? 8.791   -5.713  13.037  1.00 36.06  ? 39  ASP A CB  1 
ATOM   103  C CG  . ASP A 1 46  ? 9.585   -4.443  13.379  1.00 39.56  ? 39  ASP A CG  1 
ATOM   104  O OD1 . ASP A 1 46  ? 10.558  -4.087  12.672  1.00 44.76  ? 39  ASP A OD1 1 
ATOM   105  O OD2 . ASP A 1 46  ? 9.218   -3.756  14.343  1.00 41.19  ? 39  ASP A OD2 1 
ATOM   106  N N   . GLY A 1 47  ? 7.544   -7.737  10.261  1.00 32.27  ? 40  GLY A N   1 
ATOM   107  C CA  . GLY A 1 47  ? 7.091   -9.111  9.954   1.00 32.84  ? 40  GLY A CA  1 
ATOM   108  C C   . GLY A 1 47  ? 5.868   -9.665  10.683  1.00 31.93  ? 40  GLY A C   1 
ATOM   109  O O   . GLY A 1 47  ? 5.546   -10.867 10.527  1.00 31.01  ? 40  GLY A O   1 
ATOM   110  N N   . ARG A 1 48  ? 5.144   -8.821  11.425  1.00 31.03  ? 41  ARG A N   1 
ATOM   111  C CA  . ARG A 1 48  ? 3.972   -9.295  12.216  1.00 35.09  ? 41  ARG A CA  1 
ATOM   112  C C   . ARG A 1 48  ? 2.647   -8.789  11.686  1.00 35.57  ? 41  ARG A C   1 
ATOM   113  O O   . ARG A 1 48  ? 2.505   -7.592  11.461  1.00 38.49  ? 41  ARG A O   1 
ATOM   114  C CB  . ARG A 1 48  ? 4.094   -8.854  13.702  1.00 36.33  ? 41  ARG A CB  1 
ATOM   115  C CG  . ARG A 1 48  ? 5.366   -9.371  14.347  1.00 47.84  ? 41  ARG A CG  1 
ATOM   116  C CD  . ARG A 1 48  ? 5.390   -9.162  15.852  1.00 53.66  ? 41  ARG A CD  1 
ATOM   117  N NE  . ARG A 1 48  ? 5.523   -7.747  16.164  1.00 55.72  ? 41  ARG A NE  1 
ATOM   118  C CZ  . ARG A 1 48  ? 6.660   -7.073  16.298  0.80 51.41  ? 41  ARG A CZ  1 
ATOM   119  N NH1 . ARG A 1 48  ? 7.850   -7.657  16.159  0.80 55.27  ? 41  ARG A NH1 1 
ATOM   120  N NH2 . ARG A 1 48  ? 6.599   -5.781  16.582  0.80 51.28  ? 41  ARG A NH2 1 
ATOM   121  N N   . GLY A 1 49  ? 1.654   -9.673  11.617  1.00 32.11  ? 42  GLY A N   1 
ATOM   122  C CA  . GLY A 1 49  ? 0.292   -9.324  11.252  1.00 32.79  ? 42  GLY A CA  1 
ATOM   123  C C   . GLY A 1 49  ? -0.362  -10.275 10.257  1.00 31.92  ? 42  GLY A C   1 
ATOM   124  O O   . GLY A 1 49  ? 0.289   -11.219 9.782   1.00 33.95  ? 42  GLY A O   1 
ATOM   125  N N   . PRO A 1 50  ? -1.655  -10.054 9.958   1.00 33.36  ? 43  PRO A N   1 
ATOM   126  C CA  . PRO A 1 50  ? -2.432  -10.832 8.989   1.00 35.45  ? 43  PRO A CA  1 
ATOM   127  C C   . PRO A 1 50  ? -1.823  -10.888 7.570   1.00 36.10  ? 43  PRO A C   1 
ATOM   128  O O   . PRO A 1 50  ? -1.285  -9.875  7.070   1.00 31.64  ? 43  PRO A O   1 
ATOM   129  C CB  . PRO A 1 50  ? -3.770  -10.063 8.921   1.00 37.08  ? 43  PRO A CB  1 
ATOM   130  C CG  . PRO A 1 50  ? -3.852  -9.304  10.164  1.00 38.71  ? 43  PRO A CG  1 
ATOM   131  C CD  . PRO A 1 50  ? -2.453  -8.957  10.536  1.00 35.63  ? 43  PRO A CD  1 
ATOM   132  N N   . VAL A 1 51  ? -1.965  -12.039 6.911   1.00 36.09  ? 44  VAL A N   1 
ATOM   133  C CA  . VAL A 1 51  ? -1.468  -12.244 5.563   1.00 34.97  ? 44  VAL A CA  1 
ATOM   134  C C   . VAL A 1 51  ? -2.010  -11.221 4.561   1.00 32.95  ? 44  VAL A C   1 
ATOM   135  O O   . VAL A 1 51  ? -1.241  -10.761 3.711   1.00 31.47  ? 44  VAL A O   1 
ATOM   136  C CB  . VAL A 1 51  ? -1.736  -13.682 5.049   1.00 40.53  ? 44  VAL A CB  1 
ATOM   137  C CG1 . VAL A 1 51  ? -1.289  -13.843 3.612   1.00 43.22  ? 44  VAL A CG1 1 
ATOM   138  C CG2 . VAL A 1 51  ? -0.927  -14.680 5.870   1.00 46.76  ? 44  VAL A CG2 1 
ATOM   139  N N   . ARG A 1 52  ? -3.295  -10.856 4.652   1.00 28.60  ? 45  ARG A N   1 
ATOM   140  C CA  . ARG A 1 52  ? -3.850  -9.845  3.735   1.00 29.86  ? 45  ARG A CA  1 
ATOM   141  C C   . ARG A 1 52  ? -3.097  -8.504  3.891   1.00 29.61  ? 45  ARG A C   1 
ATOM   142  O O   . ARG A 1 52  ? -2.917  -7.769  2.899   1.00 30.39  ? 45  ARG A O   1 
ATOM   143  C CB  . ARG A 1 52  ? -5.359  -9.612  3.964   1.00 28.68  ? 45  ARG A CB  1 
ATOM   144  C CG  . ARG A 1 52  ? -6.010  -8.671  2.929   1.00 28.37  ? 45  ARG A CG  1 
ATOM   145  C CD  . ARG A 1 52  ? -7.494  -8.468  3.158   1.00 30.26  ? 45  ARG A CD  1 
ATOM   146  N NE  . ARG A 1 52  ? -8.073  -7.472  2.250   1.00 32.40  ? 45  ARG A NE  1 
ATOM   147  C CZ  . ARG A 1 52  ? -8.621  -7.708  1.062   1.00 33.24  ? 45  ARG A CZ  1 
ATOM   148  N NH1 . ARG A 1 52  ? -8.604  -8.919  0.529   1.00 37.75  ? 45  ARG A NH1 1 
ATOM   149  N NH2 . ARG A 1 52  ? -9.133  -6.691  0.361   1.00 33.01  ? 45  ARG A NH2 1 
ATOM   150  N N   . PHE A 1 53  ? -2.710  -8.169  5.129   1.00 27.95  ? 46  PHE A N   1 
ATOM   151  C CA  . PHE A 1 53  ? -2.027  -6.867  5.396   1.00 28.36  ? 46  PHE A CA  1 
ATOM   152  C C   . PHE A 1 53  ? -0.587  -6.889  4.867   1.00 26.27  ? 46  PHE A C   1 
ATOM   153  O O   . PHE A 1 53  ? -0.089  -5.905  4.343   1.00 25.34  ? 46  PHE A O   1 
ATOM   154  C CB  . PHE A 1 53  ? -2.044  -6.534  6.910   1.00 27.99  ? 46  PHE A CB  1 
ATOM   155  C CG  . PHE A 1 53  ? -3.412  -6.147  7.484   1.00 31.05  ? 46  PHE A CG  1 
ATOM   156  C CD1 . PHE A 1 53  ? -4.610  -6.252  6.770   1.00 31.05  ? 46  PHE A CD1 1 
ATOM   157  C CD2 . PHE A 1 53  ? -3.492  -5.671  8.804   1.00 33.55  ? 46  PHE A CD2 1 
ATOM   158  C CE1 . PHE A 1 53  ? -5.825  -5.869  7.345   1.00 33.71  ? 46  PHE A CE1 1 
ATOM   159  C CE2 . PHE A 1 53  ? -4.724  -5.279  9.362   1.00 32.96  ? 46  PHE A CE2 1 
ATOM   160  C CZ  . PHE A 1 53  ? -5.873  -5.379  8.644   1.00 32.17  ? 46  PHE A CZ  1 
ATOM   161  N N   . VAL A 1 54  ? 0.091   -8.024  5.026   1.00 26.98  ? 47  VAL A N   1 
ATOM   162  C CA  . VAL A 1 54  ? 1.405   -8.253  4.390   1.00 30.72  ? 47  VAL A CA  1 
ATOM   163  C C   . VAL A 1 54  ? 1.373   -7.976  2.868   1.00 31.01  ? 47  VAL A C   1 
ATOM   164  O O   . VAL A 1 54  ? 2.202   -7.205  2.341   1.00 30.11  ? 47  VAL A O   1 
ATOM   165  C CB  . VAL A 1 54  ? 1.935   -9.673  4.681   1.00 31.40  ? 47  VAL A CB  1 
ATOM   166  C CG1 . VAL A 1 54  ? 3.124   -10.030 3.797   1.00 33.01  ? 47  VAL A CG1 1 
ATOM   167  C CG2 . VAL A 1 54  ? 2.320   -9.777  6.164   1.00 32.15  ? 47  VAL A CG2 1 
ATOM   168  N N   . LEU A 1 55  ? 0.401   -8.594  2.205   1.00 25.95  ? 48  LEU A N   1 
ATOM   169  C CA  . LEU A 1 55  ? 0.242   -8.516  0.762   1.00 28.02  ? 48  LEU A CA  1 
ATOM   170  C C   . LEU A 1 55  ? -0.066  -7.080  0.346   1.00 28.55  ? 48  LEU A C   1 
ATOM   171  O O   . LEU A 1 55  ? 0.522   -6.585  -0.613  1.00 28.67  ? 48  LEU A O   1 
ATOM   172  C CB  . LEU A 1 55  ? -0.845  -9.465  0.295   1.00 27.84  ? 48  LEU A CB  1 
ATOM   173  C CG  . LEU A 1 55  ? -0.587  -10.959 0.499   1.00 32.02  ? 48  LEU A CG  1 
ATOM   174  C CD1 . LEU A 1 55  ? -1.876  -11.750 0.257   1.00 34.71  ? 48  LEU A CD1 1 
ATOM   175  C CD2 . LEU A 1 55  ? 0.497   -11.445 -0.423  1.00 33.43  ? 48  LEU A CD2 1 
ATOM   176  N N   . ALA A 1 56  ? -0.926  -6.400  1.105   1.00 29.47  ? 49  ALA A N   1 
ATOM   177  C CA  . ALA A 1 56  ? -1.229  -5.010  0.816   1.00 29.13  ? 49  ALA A CA  1 
ATOM   178  C C   . ALA A 1 56  ? 0.016   -4.135  0.933   1.00 28.05  ? 49  ALA A C   1 
ATOM   179  O O   . ALA A 1 56  ? 0.243   -3.276  0.095   1.00 27.74  ? 49  ALA A O   1 
ATOM   180  C CB  . ALA A 1 56  ? -2.324  -4.484  1.761   1.00 29.10  ? 49  ALA A CB  1 
ATOM   181  N N   . LEU A 1 57  ? 0.805   -4.315  1.991   1.00 28.75  ? 50  LEU A N   1 
ATOM   182  C CA  . LEU A 1 57  ? 1.989   -3.457  2.193   1.00 29.84  ? 50  LEU A CA  1 
ATOM   183  C C   . LEU A 1 57  ? 3.091   -3.748  1.147   1.00 30.14  ? 50  LEU A C   1 
ATOM   184  O O   . LEU A 1 57  ? 3.771   -2.822  0.702   1.00 27.93  ? 50  LEU A O   1 
ATOM   185  C CB  . LEU A 1 57  ? 2.522   -3.560  3.606   1.00 29.59  ? 50  LEU A CB  1 
ATOM   186  C CG  . LEU A 1 57  ? 3.582   -2.504  3.973   1.00 30.35  ? 50  LEU A CG  1 
ATOM   187  C CD1 . LEU A 1 57  ? 3.003   -1.097  3.908   1.00 29.35  ? 50  LEU A CD1 1 
ATOM   188  C CD2 . LEU A 1 57  ? 4.145   -2.805  5.338   1.00 30.01  ? 50  LEU A CD2 1 
ATOM   189  N N   . ILE A 1 58  ? 3.211   -5.013  0.716   1.00 28.23  ? 51  ILE A N   1 
ATOM   190  C CA  . ILE A 1 58  ? 4.031   -5.345  -0.452  1.00 29.28  ? 51  ILE A CA  1 
ATOM   191  C C   . ILE A 1 58  ? 3.585   -4.522  -1.694  1.00 27.74  ? 51  ILE A C   1 
ATOM   192  O O   . ILE A 1 58  ? 4.466   -4.008  -2.386  1.00 25.02  ? 51  ILE A O   1 
ATOM   193  C CB  . ILE A 1 58  ? 4.064   -6.856  -0.732  1.00 29.37  ? 51  ILE A CB  1 
ATOM   194  C CG1 . ILE A 1 58  ? 4.946   -7.551  0.346   1.00 29.13  ? 51  ILE A CG1 1 
ATOM   195  C CG2 . ILE A 1 58  ? 4.544   -7.163  -2.146  1.00 31.51  ? 51  ILE A CG2 1 
ATOM   196  C CD1 . ILE A 1 58  ? 6.450   -7.297  0.201   1.00 31.17  ? 51  ILE A CD1 1 
ATOM   197  N N   . THR A 1 59  ? 2.271   -4.372  -1.948  1.00 25.91  ? 52  THR A N   1 
ATOM   198  C CA  . THR A 1 59  ? 1.822   -3.572  -3.124  1.00 27.51  ? 52  THR A CA  1 
ATOM   199  C C   . THR A 1 59  ? 2.295   -2.117  -3.011  1.00 28.10  ? 52  THR A C   1 
ATOM   200  O O   . THR A 1 59  ? 2.729   -1.537  -4.008  1.00 30.27  ? 52  THR A O   1 
ATOM   201  C CB  . THR A 1 59  ? 0.311   -3.629  -3.441  1.00 31.78  ? 52  THR A CB  1 
ATOM   202  O OG1 . THR A 1 59  ? -0.422  -2.987  -2.399  1.00 32.76  ? 52  THR A OG1 1 
ATOM   203  C CG2 . THR A 1 59  ? -0.181  -5.107  -3.650  1.00 31.33  ? 52  THR A CG2 1 
ATOM   204  N N   . PHE A 1 60  ? 2.261   -1.557  -1.797  1.00 26.92  ? 53  PHE A N   1 
ATOM   205  C CA  . PHE A 1 60  ? 2.785   -0.200  -1.517  1.00 27.13  ? 53  PHE A CA  1 
ATOM   206  C C   . PHE A 1 60  ? 4.250   -0.068  -1.970  1.00 27.20  ? 53  PHE A C   1 
ATOM   207  O O   . PHE A 1 60  ? 4.601   0.898   -2.664  1.00 26.75  ? 53  PHE A O   1 
ATOM   208  C CB  . PHE A 1 60  ? 2.655   0.154   -0.020  1.00 26.65  ? 53  PHE A CB  1 
ATOM   209  C CG  . PHE A 1 60  ? 3.399   1.391   0.380   1.00 28.05  ? 53  PHE A CG  1 
ATOM   210  C CD1 . PHE A 1 60  ? 2.856   2.656   0.136   1.00 28.79  ? 53  PHE A CD1 1 
ATOM   211  C CD2 . PHE A 1 60  ? 4.668   1.307   0.895   1.00 28.45  ? 53  PHE A CD2 1 
ATOM   212  C CE1 . PHE A 1 60  ? 3.576   3.806   0.441   1.00 27.88  ? 53  PHE A CE1 1 
ATOM   213  C CE2 . PHE A 1 60  ? 5.393   2.450   1.225   1.00 29.99  ? 53  PHE A CE2 1 
ATOM   214  C CZ  . PHE A 1 60  ? 4.842   3.708   0.982   1.00 28.31  ? 53  PHE A CZ  1 
ATOM   215  N N   . PHE A 1 61  ? 5.107   -1.013  -1.543  1.00 26.38  ? 54  PHE A N   1 
ATOM   216  C CA  . PHE A 1 61  ? 6.503   -1.039  -1.995  1.00 28.02  ? 54  PHE A CA  1 
ATOM   217  C C   . PHE A 1 61  ? 6.666   -1.186  -3.524  1.00 28.76  ? 54  PHE A C   1 
ATOM   218  O O   . PHE A 1 61  ? 7.473   -0.499  -4.104  1.00 30.63  ? 54  PHE A O   1 
ATOM   219  C CB  . PHE A 1 61  ? 7.340   -2.085  -1.218  1.00 27.48  ? 54  PHE A CB  1 
ATOM   220  C CG  . PHE A 1 61  ? 7.623   -1.665  0.200   1.00 27.82  ? 54  PHE A CG  1 
ATOM   221  C CD1 . PHE A 1 61  ? 8.525   -0.648  0.457   1.00 29.08  ? 54  PHE A CD1 1 
ATOM   222  C CD2 . PHE A 1 61  ? 6.903   -2.185  1.266   1.00 27.53  ? 54  PHE A CD2 1 
ATOM   223  C CE1 . PHE A 1 61  ? 8.758   -0.200  1.766   1.00 30.82  ? 54  PHE A CE1 1 
ATOM   224  C CE2 . PHE A 1 61  ? 7.117   -1.741  2.569   1.00 28.92  ? 54  PHE A CE2 1 
ATOM   225  C CZ  . PHE A 1 61  ? 8.033   -0.733  2.821   1.00 31.50  ? 54  PHE A CZ  1 
ATOM   226  N N   . LYS A 1 62  ? 5.835   -1.994  -4.171  1.00 29.54  ? 55  LYS A N   1 
ATOM   227  C CA  . LYS A 1 62  ? 5.835   -2.101  -5.637  1.00 29.36  ? 55  LYS A CA  1 
ATOM   228  C C   . LYS A 1 62  ? 5.437   -0.801  -6.335  1.00 34.72  ? 55  LYS A C   1 
ATOM   229  O O   . LYS A 1 62  ? 6.050   -0.445  -7.351  1.00 29.29  ? 55  LYS A O   1 
ATOM   230  C CB  . LYS A 1 62  ? 4.934   -3.215  -6.081  1.00 31.76  ? 55  LYS A CB  1 
ATOM   231  C CG  . LYS A 1 62  ? 4.819   -3.426  -7.591  1.00 40.55  ? 55  LYS A CG  1 
ATOM   232  C CD  . LYS A 1 62  ? 6.022   -4.173  -8.150  1.00 47.53  ? 55  LYS A CD  1 
ATOM   233  C CE  . LYS A 1 62  ? 6.000   -4.220  -9.680  1.00 52.97  ? 55  LYS A CE  1 
ATOM   234  N NZ  . LYS A 1 62  ? 4.943   -5.097  -10.231 1.00 54.52  ? 55  LYS A NZ  1 
ATOM   235  N N   . PHE A 1 63  ? 4.463   -0.070  -5.781  1.00 29.39  ? 56  PHE A N   1 
ATOM   236  C CA  . PHE A 1 63  ? 4.022   1.190   -6.387  1.00 30.26  ? 56  PHE A CA  1 
ATOM   237  C C   . PHE A 1 63  ? 5.010   2.350   -6.233  1.00 30.10  ? 56  PHE A C   1 
ATOM   238  O O   . PHE A 1 63  ? 5.021   3.280   -7.064  1.00 31.49  ? 56  PHE A O   1 
ATOM   239  C CB  . PHE A 1 63  ? 2.675   1.653   -5.779  1.00 30.87  ? 56  PHE A CB  1 
ATOM   240  C CG  . PHE A 1 63  ? 1.526   0.704   -5.956  1.00 28.75  ? 56  PHE A CG  1 
ATOM   241  C CD1 . PHE A 1 63  ? 1.494   -0.258  -6.963  1.00 30.01  ? 56  PHE A CD1 1 
ATOM   242  C CD2 . PHE A 1 63  ? 0.392   0.836   -5.123  1.00 31.58  ? 56  PHE A CD2 1 
ATOM   243  C CE1 . PHE A 1 63  ? 0.394   -1.110  -7.072  1.00 29.58  ? 56  PHE A CE1 1 
ATOM   244  C CE2 . PHE A 1 63  ? -0.702  0.003   -5.247  1.00 31.99  ? 56  PHE A CE2 1 
ATOM   245  C CZ  . PHE A 1 63  ? -0.696  -0.975  -6.234  1.00 33.21  ? 56  PHE A CZ  1 
ATOM   246  N N   . THR A 1 64  ? 5.790   2.324   -5.145  1.00 30.60  ? 57  THR A N   1 
ATOM   247  C CA  . THR A 1 64  ? 6.725   3.386   -4.805  1.00 30.94  ? 57  THR A CA  1 
ATOM   248  C C   . THR A 1 64  ? 8.205   3.121   -5.269  1.00 32.07  ? 57  THR A C   1 
ATOM   249  O O   . THR A 1 64  ? 9.045   4.038   -5.313  1.00 31.07  ? 57  THR A O   1 
ATOM   250  C CB  . THR A 1 64  ? 6.728   3.632   -3.283  1.00 32.15  ? 57  THR A CB  1 
ATOM   251  O OG1 . THR A 1 64  ? 7.179   2.441   -2.595  1.00 29.98  ? 57  THR A OG1 1 
ATOM   252  C CG2 . THR A 1 64  ? 5.327   4.163   -2.780  1.00 32.11  ? 57  THR A CG2 1 
ATOM   253  N N   . ALA A 1 65  ? 8.503   1.855   -5.553  1.00 29.44  ? 58  ALA A N   1 
ATOM   254  C CA  . ALA A 1 65  ? 9.835   1.354   -5.775  1.00 32.36  ? 58  ALA A CA  1 
ATOM   255  C C   . ALA A 1 65  ? 10.773  1.461   -4.558  1.00 30.98  ? 58  ALA A C   1 
ATOM   256  O O   . ALA A 1 65  ? 11.992  1.349   -4.707  1.00 32.28  ? 58  ALA A O   1 
ATOM   257  C CB  . ALA A 1 65  ? 10.454  2.011   -7.014  1.00 33.74  ? 58  ALA A CB  1 
ATOM   258  N N   . LEU A 1 66  ? 10.214  1.615   -3.360  1.00 28.96  ? 59  LEU A N   1 
ATOM   259  C CA  . LEU A 1 66  ? 10.995  1.589   -2.114  1.00 27.40  ? 59  LEU A CA  1 
ATOM   260  C C   . LEU A 1 66  ? 11.410  0.155   -1.741  1.00 29.31  ? 59  LEU A C   1 
ATOM   261  O O   . LEU A 1 66  ? 10.847  -0.827  -2.224  1.00 27.37  ? 59  LEU A O   1 
ATOM   262  C CB  . LEU A 1 66  ? 10.216  2.263   -0.989  1.00 30.36  ? 59  LEU A CB  1 
ATOM   263  C CG  . LEU A 1 66  ? 9.947   3.775   -1.125  1.00 31.60  ? 59  LEU A CG  1 
ATOM   264  C CD1 . LEU A 1 66  ? 8.861   4.214   -0.148  1.00 33.47  ? 59  LEU A CD1 1 
ATOM   265  C CD2 . LEU A 1 66  ? 11.206  4.588   -0.855  1.00 35.59  ? 59  LEU A CD2 1 
ATOM   266  N N   . ALA A 1 67  ? 12.405  0.050   -0.869  1.00 28.72  ? 60  ALA A N   1 
ATOM   267  C CA  . ALA A 1 67  ? 12.974  -1.240  -0.485  1.00 29.75  ? 60  ALA A CA  1 
ATOM   268  C C   . ALA A 1 67  ? 12.183  -1.891  0.712   1.00 27.44  ? 60  ALA A C   1 
ATOM   269  O O   . ALA A 1 67  ? 12.216  -1.387  1.844   1.00 28.28  ? 60  ALA A O   1 
ATOM   270  C CB  . ALA A 1 67  ? 14.447  -1.060  -0.098  1.00 32.17  ? 60  ALA A CB  1 
ATOM   271  N N   . PRO A 1 68  ? 11.481  -2.999  0.469   1.00 29.13  ? 61  PRO A N   1 
ATOM   272  C CA  . PRO A 1 68  ? 10.827  -3.630  1.641   1.00 33.95  ? 61  PRO A CA  1 
ATOM   273  C C   . PRO A 1 68  ? 11.845  -4.096  2.685   1.00 35.74  ? 61  PRO A C   1 
ATOM   274  O O   . PRO A 1 68  ? 12.999  -4.360  2.345   1.00 35.20  ? 61  PRO A O   1 
ATOM   275  C CB  . PRO A 1 68  ? 10.059  -4.835  1.040   1.00 33.35  ? 61  PRO A CB  1 
ATOM   276  C CG  . PRO A 1 68  ? 10.545  -4.983  -0.365  1.00 36.49  ? 61  PRO A CG  1 
ATOM   277  C CD  . PRO A 1 68  ? 11.196  -3.694  -0.795  1.00 31.39  ? 61  PRO A CD  1 
ATOM   278  N N   . THR A 1 69  ? 11.438  -4.165  3.937   1.00 32.97  ? 62  THR A N   1 
ATOM   279  C CA  . THR A 1 69  ? 12.303  -4.727  4.970   1.00 33.64  ? 62  THR A CA  1 
ATOM   280  C C   . THR A 1 69  ? 12.473  -6.252  4.754   1.00 35.95  ? 62  THR A C   1 
ATOM   281  O O   . THR A 1 69  ? 11.643  -6.922  4.114   1.00 33.27  ? 62  THR A O   1 
ATOM   282  C CB  . THR A 1 69  ? 11.733  -4.517  6.381   1.00 33.15  ? 62  THR A CB  1 
ATOM   283  O OG1 . THR A 1 69  ? 10.468  -5.176  6.509   1.00 33.89  ? 62  THR A OG1 1 
ATOM   284  C CG2 . THR A 1 69  ? 11.567  -3.052  6.675   1.00 36.15  ? 62  THR A CG2 1 
ATOM   285  N N   . LYS A 1 70  ? 13.538  -6.800  5.333   1.00 37.94  ? 63  LYS A N   1 
ATOM   286  C CA  . LYS A 1 70  ? 13.796  -8.238  5.260   1.00 37.71  ? 63  LYS A CA  1 
ATOM   287  C C   . LYS A 1 70  ? 12.688  -9.064  5.897   1.00 32.58  ? 63  LYS A C   1 
ATOM   288  O O   . LYS A 1 70  ? 12.275  -10.062 5.335   1.00 32.78  ? 63  LYS A O   1 
ATOM   289  C CB  . LYS A 1 70  ? 15.155  -8.574  5.913   1.00 45.26  ? 63  LYS A CB  1 
ATOM   290  C CG  . LYS A 1 70  ? 16.363  -8.043  5.142   1.00 53.04  ? 63  LYS A CG  1 
ATOM   291  C CD  . LYS A 1 70  ? 17.626  -8.049  6.009   1.00 60.67  ? 63  LYS A CD  1 
ATOM   292  C CE  . LYS A 1 70  ? 18.720  -7.172  5.423   0.80 66.36  ? 63  LYS A CE  1 
ATOM   293  N NZ  . LYS A 1 70  ? 19.844  -7.048  6.385   0.80 72.04  ? 63  LYS A NZ  1 
ATOM   294  N N   . ALA A 1 71  ? 12.184  -8.634  7.052   1.00 29.81  ? 64  ALA A N   1 
ATOM   295  C CA  . ALA A 1 71  ? 11.093  -9.345  7.739   1.00 31.07  ? 64  ALA A CA  1 
ATOM   296  C C   . ALA A 1 71  ? 9.791   -9.394  6.914   1.00 30.32  ? 64  ALA A C   1 
ATOM   297  O O   . ALA A 1 71  ? 9.113   -10.449 6.839   1.00 28.82  ? 64  ALA A O   1 
ATOM   298  C CB  . ALA A 1 71  ? 10.843  -8.729  9.110   1.00 33.95  ? 64  ALA A CB  1 
ATOM   299  N N   . LEU A 1 72  ? 9.436   -8.266  6.285   1.00 29.09  ? 65  LEU A N   1 
ATOM   300  C CA  . LEU A 1 72  ? 8.278   -8.249  5.372   1.00 29.88  ? 65  LEU A CA  1 
ATOM   301  C C   . LEU A 1 72  ? 8.463   -9.152  4.153   1.00 29.38  ? 65  LEU A C   1 
ATOM   302  O O   . LEU A 1 72  ? 7.547   -9.896  3.800   1.00 31.74  ? 65  LEU A O   1 
ATOM   303  C CB  . LEU A 1 72  ? 7.945   -6.823  4.922   1.00 28.21  ? 65  LEU A CB  1 
ATOM   304  C CG  . LEU A 1 72  ? 6.657   -6.608  4.104   1.00 31.07  ? 65  LEU A CG  1 
ATOM   305  C CD1 . LEU A 1 72  ? 5.436   -6.886  4.976   1.00 31.27  ? 65  LEU A CD1 1 
ATOM   306  C CD2 . LEU A 1 72  ? 6.580   -5.182  3.568   0.95 31.78  ? 65  LEU A CD2 1 
ATOM   307  N N   . LEU A 1 73  ? 9.622   -9.074  3.489   1.00 31.99  ? 66  LEU A N   1 
ATOM   308  C CA  . LEU A 1 73  ? 9.934   -9.992  2.379   1.00 34.30  ? 66  LEU A CA  1 
ATOM   309  C C   . LEU A 1 73  ? 9.878   -11.444 2.825   1.00 32.96  ? 66  LEU A C   1 
ATOM   310  O O   . LEU A 1 73  ? 9.372   -12.280 2.096   1.00 34.14  ? 66  LEU A O   1 
ATOM   311  C CB  . LEU A 1 73  ? 11.334  -9.741  1.749   1.00 40.10  ? 66  LEU A CB  1 
ATOM   312  C CG  . LEU A 1 73  ? 11.483  -8.625  0.717   1.00 46.49  ? 66  LEU A CG  1 
ATOM   313  C CD1 . LEU A 1 73  ? 12.966  -8.411  0.384   0.95 47.54  ? 66  LEU A CD1 1 
ATOM   314  C CD2 . LEU A 1 73  ? 10.666  -8.905  -0.547  0.95 44.49  ? 66  LEU A CD2 1 
ATOM   315  N N   . GLY A 1 74  ? 10.391  -11.733 4.017   1.00 34.31  ? 67  GLY A N   1 
ATOM   316  C CA  . GLY A 1 74  ? 10.278  -13.096 4.590   1.00 34.34  ? 67  GLY A CA  1 
ATOM   317  C C   . GLY A 1 74  ? 8.832   -13.596 4.625   1.00 32.68  ? 67  GLY A C   1 
ATOM   318  O O   . GLY A 1 74  ? 8.539   -14.687 4.182   1.00 29.80  ? 67  GLY A O   1 
ATOM   319  N N   . ARG A 1 75  ? 7.926   -12.761 5.112   1.00 32.56  ? 68  ARG A N   1 
ATOM   320  C CA  . ARG A 1 75  ? 6.499   -13.099 5.149   1.00 31.82  ? 68  ARG A CA  1 
ATOM   321  C C   . ARG A 1 75  ? 5.929   -13.293 3.739   1.00 36.95  ? 68  ARG A C   1 
ATOM   322  O O   . ARG A 1 75  ? 5.229   -14.293 3.475   1.00 35.98  ? 68  ARG A O   1 
ATOM   323  C CB  . ARG A 1 75  ? 5.668   -12.028 5.912   1.00 31.16  ? 68  ARG A CB  1 
ATOM   324  C CG  . ARG A 1 75  ? 5.864   -12.011 7.425   1.00 31.74  ? 68  ARG A CG  1 
ATOM   325  C CD  . ARG A 1 75  ? 5.378   -13.281 8.175   1.00 31.14  ? 68  ARG A CD  1 
ATOM   326  N NE  . ARG A 1 75  ? 3.979   -13.580 7.907   1.00 31.43  ? 68  ARG A NE  1 
ATOM   327  C CZ  . ARG A 1 75  ? 2.932   -12.917 8.411   1.00 32.14  ? 68  ARG A CZ  1 
ATOM   328  N NH1 . ARG A 1 75  ? 3.069   -11.906 9.280   1.00 32.04  ? 68  ARG A NH1 1 
ATOM   329  N NH2 . ARG A 1 75  ? 1.729   -13.260 8.028   1.00 30.65  ? 68  ARG A NH2 1 
ATOM   330  N N   . TRP A 1 76  ? 6.245   -12.348 2.840   1.00 34.24  ? 69  TRP A N   1 
ATOM   331  C CA  . TRP A 1 76  ? 5.768   -12.411 1.459   1.00 34.69  ? 69  TRP A CA  1 
ATOM   332  C C   . TRP A 1 76  ? 6.136   -13.725 0.724   1.00 36.60  ? 69  TRP A C   1 
ATOM   333  O O   . TRP A 1 76  ? 5.271   -14.292 0.065   1.00 37.14  ? 69  TRP A O   1 
ATOM   334  C CB  . TRP A 1 76  ? 6.313   -11.209 0.703   1.00 36.43  ? 69  TRP A CB  1 
ATOM   335  C CG  . TRP A 1 76  ? 6.381   -11.273 -0.779  1.00 37.49  ? 69  TRP A CG  1 
ATOM   336  C CD1 . TRP A 1 76  ? 7.500   -11.457 -1.517  1.00 42.48  ? 69  TRP A CD1 1 
ATOM   337  C CD2 . TRP A 1 76  ? 5.307   -11.077 -1.714  1.00 39.12  ? 69  TRP A CD2 1 
ATOM   338  N NE1 . TRP A 1 76  ? 7.200   -11.410 -2.859  1.00 44.39  ? 69  TRP A NE1 1 
ATOM   339  C CE2 . TRP A 1 76  ? 5.863   -11.181 -3.012  1.00 41.37  ? 69  TRP A CE2 1 
ATOM   340  C CE3 . TRP A 1 76  ? 3.947   -10.809 -1.583  1.00 39.69  ? 69  TRP A CE3 1 
ATOM   341  C CZ2 . TRP A 1 76  ? 5.110   -11.035 -4.178  0.90 41.36  ? 69  TRP A CZ2 1 
ATOM   342  C CZ3 . TRP A 1 76  ? 3.173   -10.683 -2.755  1.00 45.19  ? 69  TRP A CZ3 1 
ATOM   343  C CH2 . TRP A 1 76  ? 3.771   -10.810 -4.039  0.90 41.30  ? 69  TRP A CH2 1 
ATOM   344  N N   . LYS A 1 77  ? 7.392   -14.171 0.838   1.00 38.30  ? 70  LYS A N   1 
ATOM   345  C CA  . LYS A 1 77  ? 7.899   -15.417 0.174   1.00 41.71  ? 70  LYS A CA  1 
ATOM   346  C C   . LYS A 1 77  ? 7.176   -16.664 0.664   1.00 47.17  ? 70  LYS A C   1 
ATOM   347  O O   . LYS A 1 77  ? 7.012   -17.601 -0.105  1.00 48.33  ? 70  LYS A O   1 
ATOM   348  C CB  . LYS A 1 77  ? 9.397   -15.635 0.424   1.00 43.09  ? 70  LYS A CB  1 
ATOM   349  C CG  . LYS A 1 77  ? 10.337  -14.593 -0.142  1.00 50.32  ? 70  LYS A CG  1 
ATOM   350  C CD  . LYS A 1 77  ? 11.650  -14.584 0.654   0.80 55.83  ? 70  LYS A CD  1 
ATOM   351  C CE  . LYS A 1 77  ? 12.683  -13.625 0.081   0.80 62.66  ? 70  LYS A CE  1 
ATOM   352  N NZ  . LYS A 1 77  ? 13.309  -14.158 -1.161  0.80 63.08  ? 70  LYS A NZ  1 
ATOM   353  N N   . ALA A 1 78  ? 6.793   -16.683 1.943   1.00 45.41  ? 71  ALA A N   1 
ATOM   354  C CA  . ALA A 1 78  ? 6.111   -17.815 2.570   1.00 44.36  ? 71  ALA A CA  1 
ATOM   355  C C   . ALA A 1 78  ? 4.615   -17.912 2.267   1.00 46.21  ? 71  ALA A C   1 
ATOM   356  O O   . ALA A 1 78  ? 3.984   -18.893 2.637   1.00 45.82  ? 71  ALA A O   1 
ATOM   357  C CB  . ALA A 1 78  ? 6.338   -17.755 4.080   1.00 47.40  ? 71  ALA A CB  1 
ATOM   358  N N   . VAL A 1 79  ? 4.020   -16.905 1.623   1.00 41.35  ? 72  VAL A N   1 
ATOM   359  C CA  . VAL A 1 79  ? 2.586   -16.957 1.350   1.00 40.41  ? 72  VAL A CA  1 
ATOM   360  C C   . VAL A 1 79  ? 2.282   -17.963 0.221   1.00 41.71  ? 72  VAL A C   1 
ATOM   361  O O   . VAL A 1 79  ? 2.876   -17.891 -0.844  1.00 39.50  ? 72  VAL A O   1 
ATOM   362  C CB  . VAL A 1 79  ? 1.986   -15.586 0.960   1.00 40.23  ? 72  VAL A CB  1 
ATOM   363  C CG1 . VAL A 1 79  ? 0.490   -15.704 0.664   1.00 41.21  ? 72  VAL A CG1 1 
ATOM   364  C CG2 . VAL A 1 79  ? 2.209   -14.564 2.058   1.00 38.50  ? 72  VAL A CG2 1 
ATOM   365  N N   . GLU A 1 80  ? 1.305   -18.836 0.456   1.00 43.33  ? 73  GLU A N   1 
ATOM   366  C CA  . GLU A 1 80  ? 0.826   -19.808 -0.560  1.00 49.19  ? 73  GLU A CA  1 
ATOM   367  C C   . GLU A 1 80  ? 0.307   -19.087 -1.823  1.00 45.51  ? 73  GLU A C   1 
ATOM   368  O O   . GLU A 1 80  ? -0.444  -18.111 -1.738  1.00 43.12  ? 73  GLU A O   1 
ATOM   369  C CB  . GLU A 1 80  ? -0.278  -20.680 0.064   1.00 55.89  ? 73  GLU A CB  1 
ATOM   370  C CG  . GLU A 1 80  ? -0.891  -21.734 -0.838  1.00 71.14  ? 73  GLU A CG  1 
ATOM   371  C CD  . GLU A 1 80  ? -1.685  -22.778 -0.061  0.80 82.76  ? 73  GLU A CD  1 
ATOM   372  O OE1 . GLU A 1 80  ? -2.170  -22.476 1.058   0.80 86.67  ? 73  GLU A OE1 1 
ATOM   373  O OE2 . GLU A 1 80  ? -1.825  -23.911 -0.573  0.80 90.33  ? 73  GLU A OE2 1 
ATOM   374  N N   . LYS A 1 81  ? 0.728   -19.566 -2.987  1.00 44.56  ? 74  LYS A N   1 
ATOM   375  C CA  . LYS A 1 81  ? 0.327   -19.015 -4.271  1.00 46.32  ? 74  LYS A CA  1 
ATOM   376  C C   . LYS A 1 81  ? -1.179  -18.731 -4.416  1.00 44.32  ? 74  LYS A C   1 
ATOM   377  O O   . LYS A 1 81  ? -1.561  -17.644 -4.830  1.00 42.88  ? 74  LYS A O   1 
ATOM   378  C CB  . LYS A 1 81  ? 0.789   -19.971 -5.368  1.00 50.28  ? 74  LYS A CB  1 
ATOM   379  C CG  . LYS A 1 81  ? 0.490   -19.535 -6.784  1.00 53.20  ? 74  LYS A CG  1 
ATOM   380  C CD  . LYS A 1 81  ? 1.199   -20.519 -7.697  1.00 56.64  ? 74  LYS A CD  1 
ATOM   381  C CE  . LYS A 1 81  ? 0.908   -20.272 -9.142  1.00 49.60  ? 74  LYS A CE  1 
ATOM   382  N NZ  . LYS A 1 81  ? 1.999   -20.897 -9.940  0.80 49.18  ? 74  LYS A NZ  1 
ATOM   383  N N   . SER A 1 82  ? -2.028  -19.693 -4.063  1.00 44.05  ? 75  SER A N   1 
ATOM   384  C CA  . SER A 1 82  ? -3.500  -19.513 -4.116  1.00 44.87  ? 75  SER A CA  1 
ATOM   385  C C   . SER A 1 82  ? -4.021  -18.401 -3.193  1.00 40.02  ? 75  SER A C   1 
ATOM   386  O O   . SER A 1 82  ? -4.923  -17.667 -3.573  1.00 37.29  ? 75  SER A O   1 
ATOM   387  C CB  . SER A 1 82  ? -4.249  -20.831 -3.795  1.00 46.13  ? 75  SER A CB  1 
ATOM   388  O OG  . SER A 1 82  ? -4.025  -21.250 -2.441  1.00 53.60  ? 75  SER A OG  1 
ATOM   389  N N   . VAL A 1 83  ? -3.467  -18.306 -1.991  1.00 39.55  ? 76  VAL A N   1 
ATOM   390  C CA  . VAL A 1 83  ? -3.796  -17.219 -1.038  1.00 41.30  ? 76  VAL A CA  1 
ATOM   391  C C   . VAL A 1 83  ? -3.388  -15.846 -1.633  1.00 36.67  ? 76  VAL A C   1 
ATOM   392  O O   . VAL A 1 83  ? -4.185  -14.912 -1.658  1.00 40.73  ? 76  VAL A O   1 
ATOM   393  C CB  . VAL A 1 83  ? -3.127  -17.459 0.351   1.00 44.27  ? 76  VAL A CB  1 
ATOM   394  C CG1 . VAL A 1 83  ? -3.382  -16.300 1.312   1.00 43.54  ? 76  VAL A CG1 1 
ATOM   395  C CG2 . VAL A 1 83  ? -3.673  -18.747 0.977   1.00 45.55  ? 76  VAL A CG2 1 
ATOM   396  N N   . ALA A 1 84  ? -2.155  -15.737 -2.117  1.00 39.37  ? 77  ALA A N   1 
ATOM   397  C CA  . ALA A 1 84  ? -1.685  -14.489 -2.747  1.00 36.01  ? 77  ALA A CA  1 
ATOM   398  C C   . ALA A 1 84  ? -2.577  -14.033 -3.925  1.00 40.60  ? 77  ALA A C   1 
ATOM   399  O O   . ALA A 1 84  ? -2.957  -12.834 -4.011  1.00 35.46  ? 77  ALA A O   1 
ATOM   400  C CB  . ALA A 1 84  ? -0.229  -14.627 -3.182  1.00 35.73  ? 77  ALA A CB  1 
ATOM   401  N N   . MET A 1 85  ? -2.944  -14.978 -4.817  1.00 38.67  ? 78  MET A N   1 
ATOM   402  C CA  . MET A 1 85  ? -3.789  -14.674 -5.986  1.00 38.73  ? 78  MET A CA  1 
ATOM   403  C C   . MET A 1 85  ? -5.133  -14.071 -5.592  1.00 36.36  ? 78  MET A C   1 
ATOM   404  O O   . MET A 1 85  ? -5.564  -13.093 -6.173  1.00 39.40  ? 78  MET A O   1 
ATOM   405  C CB  . MET A 1 85  ? -4.054  -15.955 -6.860  1.00 42.13  ? 78  MET A CB  1 
ATOM   406  C CG  . MET A 1 85  ? -2.872  -16.490 -7.655  1.00 51.53  ? 78  MET A CG  1 
ATOM   407  S SD  . MET A 1 85  ? -3.198  -17.966 -8.741  1.00 60.25  ? 78  MET A SD  1 
ATOM   408  C CE  . MET A 1 85  ? -3.944  -19.130 -7.639  1.00 50.80  ? 78  MET A CE  1 
ATOM   409  N N   . LYS A 1 86  ? -5.782  -14.675 -4.609  1.00 39.36  ? 79  LYS A N   1 
ATOM   410  C CA  . LYS A 1 86  ? -7.098  -14.262 -4.120  1.00 44.05  ? 79  LYS A CA  1 
ATOM   411  C C   . LYS A 1 86  ? -7.120  -12.791 -3.599  1.00 40.75  ? 79  LYS A C   1 
ATOM   412  O O   . LYS A 1 86  ? -7.937  -11.959 -4.034  1.00 37.99  ? 79  LYS A O   1 
ATOM   413  C CB  . LYS A 1 86  ? -7.524  -15.249 -3.016  1.00 49.47  ? 79  LYS A CB  1 
ATOM   414  C CG  . LYS A 1 86  ? -8.816  -14.955 -2.281  0.80 54.88  ? 79  LYS A CG  1 
ATOM   415  C CD  . LYS A 1 86  ? -9.366  -16.198 -1.568  0.80 59.43  ? 79  LYS A CD  1 
ATOM   416  C CE  . LYS A 1 86  ? -8.466  -16.744 -0.457  0.80 64.01  ? 79  LYS A CE  1 
ATOM   417  N NZ  . LYS A 1 86  ? -8.567  -15.970 0.812   0.95 67.71  ? 79  LYS A NZ  1 
ATOM   418  N N   . HIS A 1 87  ? -6.195  -12.473 -2.703  1.00 39.48  ? 80  HIS A N   1 
ATOM   419  C CA  . HIS A 1 87  ? -6.125  -11.112 -2.126  1.00 36.87  ? 80  HIS A CA  1 
ATOM   420  C C   . HIS A 1 87  ? -5.702  -10.079 -3.146  1.00 33.87  ? 80  HIS A C   1 
ATOM   421  O O   . HIS A 1 87  ? -6.351  -9.040  -3.265  1.00 34.47  ? 80  HIS A O   1 
ATOM   422  C CB  . HIS A 1 87  ? -5.223  -11.098 -0.893  1.00 39.92  ? 80  HIS A CB  1 
ATOM   423  C CG  . HIS A 1 87  ? -5.773  -11.892 0.255   1.00 40.44  ? 80  HIS A CG  1 
ATOM   424  N ND1 . HIS A 1 87  ? -6.975  -11.592 0.847   1.00 43.58  ? 80  HIS A ND1 1 
ATOM   425  C CD2 . HIS A 1 87  ? -5.278  -12.948 0.938   1.00 40.38  ? 80  HIS A CD2 1 
ATOM   426  C CE1 . HIS A 1 87  ? -7.221  -12.446 1.821   1.00 40.90  ? 80  HIS A CE1 1 
ATOM   427  N NE2 . HIS A 1 87  ? -6.196  -13.269 1.907   1.00 41.94  ? 80  HIS A NE2 1 
ATOM   428  N N   . LEU A 1 88  ? -4.662  -10.361 -3.923  1.00 34.61  ? 81  LEU A N   1 
ATOM   429  C CA  . LEU A 1 88  ? -4.198  -9.417  -4.972  1.00 36.61  ? 81  LEU A CA  1 
ATOM   430  C C   . LEU A 1 88  ? -5.237  -9.087  -6.055  1.00 39.02  ? 81  LEU A C   1 
ATOM   431  O O   . LEU A 1 88  ? -5.375  -7.920  -6.430  1.00 38.10  ? 81  LEU A O   1 
ATOM   432  C CB  . LEU A 1 88  ? -2.878  -9.893  -5.624  1.00 34.89  ? 81  LEU A CB  1 
ATOM   433  C CG  . LEU A 1 88  ? -1.660  -10.005 -4.713  1.00 36.69  ? 81  LEU A CG  1 
ATOM   434  C CD1 . LEU A 1 88  ? -0.544  -10.758 -5.419  1.00 38.61  ? 81  LEU A CD1 1 
ATOM   435  C CD2 . LEU A 1 88  ? -1.152  -8.637  -4.239  1.00 36.98  ? 81  LEU A CD2 1 
ATOM   436  N N   . THR A 1 89  ? -5.973  -10.095 -6.547  1.00 41.04  ? 82  THR A N   1 
ATOM   437  C CA  . THR A 1 89  ? -7.068  -9.830  -7.491  1.00 43.53  ? 82  THR A CA  1 
ATOM   438  C C   . THR A 1 89  ? -8.197  -9.020  -6.851  1.00 40.48  ? 82  THR A C   1 
ATOM   439  O O   . THR A 1 89  ? -8.733  -8.105  -7.494  1.00 44.50  ? 82  THR A O   1 
ATOM   440  C CB  . THR A 1 89  ? -7.647  -11.117 -8.115  1.00 46.77  ? 82  THR A CB  1 
ATOM   441  O OG1 . THR A 1 89  ? -8.120  -11.979 -7.081  1.00 52.43  ? 82  THR A OG1 1 
ATOM   442  C CG2 . THR A 1 89  ? -6.570  -11.847 -8.933  1.00 48.41  ? 82  THR A CG2 1 
ATOM   443  N N   . SER A 1 90  ? -8.512  -9.285  -5.584  1.00 40.30  ? 83  SER A N   1 
ATOM   444  C CA  . SER A 1 90  ? -9.442  -8.411  -4.857  1.00 41.96  ? 83  SER A CA  1 
ATOM   445  C C   . SER A 1 90  ? -8.940  -6.936  -4.704  1.00 40.07  ? 83  SER A C   1 
ATOM   446  O O   . SER A 1 90  ? -9.742  -5.984  -4.787  1.00 40.70  ? 83  SER A O   1 
ATOM   447  C CB  . SER A 1 90  ? -9.880  -9.008  -3.522  1.00 44.97  ? 83  SER A CB  1 
ATOM   448  O OG  . SER A 1 90  ? -9.025  -8.699  -2.463  1.00 55.03  ? 83  SER A OG  1 
ATOM   449  N N   . PHE A 1 91  ? -7.644  -6.742  -4.491  1.00 35.76  ? 84  PHE A N   1 
ATOM   450  C CA  . PHE A 1 91  ? -7.051  -5.376  -4.443  1.00 33.98  ? 84  PHE A CA  1 
ATOM   451  C C   . PHE A 1 91  ? -7.273  -4.628  -5.768  1.00 37.61  ? 84  PHE A C   1 
ATOM   452  O O   . PHE A 1 91  ? -7.592  -3.434  -5.764  1.00 36.39  ? 84  PHE A O   1 
ATOM   453  C CB  . PHE A 1 91  ? -5.528  -5.402  -4.156  1.00 34.12  ? 84  PHE A CB  1 
ATOM   454  C CG  . PHE A 1 91  ? -5.113  -5.990  -2.800  1.00 30.06  ? 84  PHE A CG  1 
ATOM   455  C CD1 . PHE A 1 91  ? -5.988  -6.077  -1.718  1.00 29.36  ? 84  PHE A CD1 1 
ATOM   456  C CD2 . PHE A 1 91  ? -3.796  -6.400  -2.611  1.00 28.52  ? 84  PHE A CD2 1 
ATOM   457  C CE1 . PHE A 1 91  ? -5.578  -6.632  -0.504  1.00 28.05  ? 84  PHE A CE1 1 
ATOM   458  C CE2 . PHE A 1 91  ? -3.375  -6.931  -1.400  1.00 28.11  ? 84  PHE A CE2 1 
ATOM   459  C CZ  . PHE A 1 91  ? -4.272  -7.048  -0.338  1.00 28.20  ? 84  PHE A CZ  1 
ATOM   460  N N   . LYS A 1 92  ? -7.118  -5.341  -6.890  1.00 42.45  ? 85  LYS A N   1 
ATOM   461  C CA  . LYS A 1 92  ? -7.243  -4.762  -8.249  1.00 48.03  ? 85  LYS A CA  1 
ATOM   462  C C   . LYS A 1 92  ? -8.664  -4.251  -8.514  1.00 47.49  ? 85  LYS A C   1 
ATOM   463  O O   . LYS A 1 92  ? -8.827  -3.156  -9.088  1.00 50.69  ? 85  LYS A O   1 
ATOM   464  C CB  . LYS A 1 92  ? -6.809  -5.803  -9.320  1.00 52.18  ? 85  LYS A CB  1 
ATOM   465  C CG  . LYS A 1 92  ? -6.526  -5.254  -10.711 0.80 58.11  ? 85  LYS A CG  1 
ATOM   466  C CD  . LYS A 1 92  ? -6.505  -6.385  -11.742 0.80 60.61  ? 85  LYS A CD  1 
ATOM   467  C CE  . LYS A 1 92  ? -6.458  -5.885  -13.177 0.80 59.13  ? 85  LYS A CE  1 
ATOM   468  N NZ  . LYS A 1 92  ? -5.061  -5.641  -13.636 0.80 58.71  ? 85  LYS A NZ  1 
ATOM   469  N N   . ARG A 1 93  ? -9.673  -5.016  -8.066  1.00 46.51  ? 86  ARG A N   1 
ATOM   470  C CA  . ARG A 1 93  ? -11.078 -4.590  -8.135  1.00 46.88  ? 86  ARG A CA  1 
ATOM   471  C C   . ARG A 1 93  ? -11.301 -3.326  -7.298  1.00 49.64  ? 86  ARG A C   1 
ATOM   472  O O   . ARG A 1 93  ? -11.898 -2.361  -7.777  1.00 49.60  ? 86  ARG A O   1 
ATOM   473  C CB  . ARG A 1 93  ? -12.047 -5.715  -7.698  1.00 51.57  ? 86  ARG A CB  1 
ATOM   474  C CG  . ARG A 1 93  ? -12.016 -6.980  -8.576  1.00 53.91  ? 86  ARG A CG  1 
ATOM   475  C CD  . ARG A 1 93  ? -13.174 -7.948  -8.319  0.80 52.93  ? 86  ARG A CD  1 
ATOM   476  N NE  . ARG A 1 93  ? -13.087 -8.680  -7.043  0.80 54.53  ? 86  ARG A NE  1 
ATOM   477  C CZ  . ARG A 1 93  ? -12.415 -9.820  -6.823  0.80 50.43  ? 86  ARG A CZ  1 
ATOM   478  N NH1 . ARG A 1 93  ? -11.712 -10.418 -7.778  0.80 55.06  ? 86  ARG A NH1 1 
ATOM   479  N NH2 . ARG A 1 93  ? -12.444 -10.374 -5.619  0.80 50.19  ? 86  ARG A NH2 1 
ATOM   480  N N   . GLU A 1 94  ? -10.769 -3.299  -6.075  1.00 49.90  ? 87  GLU A N   1 
ATOM   481  C CA  . GLU A 1 94  ? -10.885 -2.104  -5.188  1.00 46.77  ? 87  GLU A CA  1 
ATOM   482  C C   . GLU A 1 94  ? -10.171 -0.844  -5.723  1.00 45.93  ? 87  GLU A C   1 
ATOM   483  O O   . GLU A 1 94  ? -10.628 0.297   -5.524  1.00 45.04  ? 87  GLU A O   1 
ATOM   484  C CB  . GLU A 1 94  ? -10.393 -2.436  -3.768  1.00 48.16  ? 87  GLU A CB  1 
ATOM   485  C CG  . GLU A 1 94  ? -11.232 -3.518  -3.113  0.90 52.24  ? 87  GLU A CG  1 
ATOM   486  C CD  . GLU A 1 94  ? -10.748 -3.915  -1.738  0.80 58.60  ? 87  GLU A CD  1 
ATOM   487  O OE1 . GLU A 1 94  ? -9.620  -4.444  -1.637  0.80 65.69  ? 87  GLU A OE1 1 
ATOM   488  O OE2 . GLU A 1 94  ? -11.521 -3.724  -0.766  0.80 68.10  ? 87  GLU A OE2 1 
ATOM   489  N N   . LEU A 1 95  ? -9.022  -1.050  -6.351  1.00 45.16  ? 88  LEU A N   1 
ATOM   490  C CA  . LEU A 1 95  ? -8.290  0.036   -6.990  1.00 44.33  ? 88  LEU A CA  1 
ATOM   491  C C   . LEU A 1 95  ? -9.114  0.625   -8.164  1.00 43.47  ? 88  LEU A C   1 
ATOM   492  O O   . LEU A 1 95  ? -9.175  1.845   -8.328  1.00 41.20  ? 88  LEU A O   1 
ATOM   493  C CB  . LEU A 1 95  ? -6.920  -0.460  -7.443  1.00 40.68  ? 88  LEU A CB  1 
ATOM   494  C CG  . LEU A 1 95  ? -5.972  0.513   -8.119  1.00 43.81  ? 88  LEU A CG  1 
ATOM   495  C CD1 . LEU A 1 95  ? -5.851  1.840   -7.372  1.00 43.34  ? 88  LEU A CD1 1 
ATOM   496  C CD2 . LEU A 1 95  ? -4.611  -0.153  -8.303  1.00 43.39  ? 88  LEU A CD2 1 
ATOM   497  N N   . GLY A 1 96  ? -9.755  -0.244  -8.942  1.00 46.72  ? 89  GLY A N   1 
ATOM   498  C CA  . GLY A 1 96  ? -10.721 0.178   -9.972  1.00 48.72  ? 89  GLY A CA  1 
ATOM   499  C C   . GLY A 1 96  ? -11.828 1.077   -9.446  1.00 50.97  ? 89  GLY A C   1 
ATOM   500  O O   . GLY A 1 96  ? -12.125 2.125   -10.051 1.00 53.40  ? 89  GLY A O   1 
ATOM   501  N N   . THR A 1 97  ? -12.418 0.681   -8.319  1.00 50.43  ? 90  THR A N   1 
ATOM   502  C CA  . THR A 1 97  ? -13.468 1.466   -7.649  1.00 53.55  ? 90  THR A CA  1 
ATOM   503  C C   . THR A 1 97  ? -12.962 2.829   -7.232  1.00 57.12  ? 90  THR A C   1 
ATOM   504  O O   . THR A 1 97  ? -13.655 3.847   -7.453  1.00 55.66  ? 90  THR A O   1 
ATOM   505  C CB  . THR A 1 97  ? -14.038 0.711   -6.416  1.00 54.67  ? 90  THR A CB  1 
ATOM   506  O OG1 . THR A 1 97  ? -14.504 -0.563  -6.842  1.00 59.26  ? 90  THR A OG1 1 
ATOM   507  C CG2 . THR A 1 97  ? -15.206 1.446   -5.752  0.90 56.16  ? 90  THR A CG2 1 
ATOM   508  N N   . LEU A 1 98  ? -11.763 2.857   -6.634  1.00 51.94  ? 91  LEU A N   1 
ATOM   509  C CA  . LEU A 1 98  ? -11.146 4.113   -6.198  1.00 49.94  ? 91  LEU A CA  1 
ATOM   510  C C   . LEU A 1 98  ? -10.942 5.076   -7.389  1.00 47.66  ? 91  LEU A C   1 
ATOM   511  O O   . LEU A 1 98  ? -11.220 6.267   -7.281  1.00 47.71  ? 91  LEU A O   1 
ATOM   512  C CB  . LEU A 1 98  ? -9.814  3.827   -5.485  1.00 52.46  ? 91  LEU A CB  1 
ATOM   513  C CG  . LEU A 1 98  ? -9.058  4.984   -4.861  1.00 55.28  ? 91  LEU A CG  1 
ATOM   514  C CD1 . LEU A 1 98  ? -9.965  5.774   -3.913  1.00 58.70  ? 91  LEU A CD1 1 
ATOM   515  C CD2 . LEU A 1 98  ? -7.829  4.457   -4.117  1.00 59.25  ? 91  LEU A CD2 1 
ATOM   516  N N   . ILE A 1 99  ? -10.475 4.537   -8.515  1.00 49.30  ? 92  ILE A N   1 
ATOM   517  C CA  . ILE A 1 99  ? -10.213 5.306   -9.755  1.00 50.92  ? 92  ILE A CA  1 
ATOM   518  C C   . ILE A 1 99  ? -11.513 5.923   -10.326 1.00 55.86  ? 92  ILE A C   1 
ATOM   519  O O   . ILE A 1 99  ? -11.528 7.082   -10.763 1.00 53.72  ? 92  ILE A O   1 
ATOM   520  C CB  . ILE A 1 99  ? -9.501  4.422   -10.822 1.00 51.50  ? 92  ILE A CB  1 
ATOM   521  C CG1 . ILE A 1 99  ? -8.052  4.101   -10.401 1.00 54.18  ? 92  ILE A CG1 1 
ATOM   522  C CG2 . ILE A 1 99  ? -9.480  5.096   -12.199 1.00 53.15  ? 92  ILE A CG2 1 
ATOM   523  C CD1 . ILE A 1 99  ? -7.411  2.960   -11.184 1.00 53.75  ? 92  ILE A CD1 1 
ATOM   524  N N   . ASP A 1 100 ? -12.582 5.128   -10.335 1.00 55.44  ? 93  ASP A N   1 
ATOM   525  C CA  . ASP A 1 100 ? -13.936 5.616   -10.641 1.00 56.98  ? 93  ASP A CA  1 
ATOM   526  C C   . ASP A 1 100 ? -14.378 6.757   -9.707  1.00 54.47  ? 93  ASP A C   1 
ATOM   527  O O   . ASP A 1 100 ? -14.831 7.780   -10.201 1.00 64.01  ? 93  ASP A O   1 
ATOM   528  C CB  . ASP A 1 100 ? -14.962 4.466   -10.600 1.00 56.80  ? 93  ASP A CB  1 
ATOM   529  C CG  . ASP A 1 100 ? -14.767 3.440   -11.715 0.80 55.95  ? 93  ASP A CG  1 
ATOM   530  O OD1 . ASP A 1 100 ? -14.097 3.723   -12.727 0.80 57.60  ? 93  ASP A OD1 1 
ATOM   531  O OD2 . ASP A 1 100 ? -15.304 2.322   -11.579 0.80 60.50  ? 93  ASP A OD2 1 
ATOM   532  N N   . ALA A 1 101 ? -14.234 6.615   -8.383  1.00 55.22  ? 94  ALA A N   1 
ATOM   533  C CA  . ALA A 1 101 ? -14.550 7.719   -7.444  1.00 53.45  ? 94  ALA A CA  1 
ATOM   534  C C   . ALA A 1 101 ? -13.762 9.005   -7.733  1.00 60.79  ? 94  ALA A C   1 
ATOM   535  O O   . ALA A 1 101 ? -14.348 10.081  -7.738  1.00 65.94  ? 94  ALA A O   1 
ATOM   536  C CB  . ALA A 1 101 ? -14.342 7.296   -6.004  1.00 54.69  ? 94  ALA A CB  1 
ATOM   537  N N   . VAL A 1 102 ? -12.460 8.890   -7.993  1.00 60.20  ? 95  VAL A N   1 
ATOM   538  C CA  . VAL A 1 102 ? -11.619 10.047  -8.360  1.00 65.67  ? 95  VAL A CA  1 
ATOM   539  C C   . VAL A 1 102 ? -12.108 10.691  -9.677  1.00 70.40  ? 95  VAL A C   1 
ATOM   540  O O   . VAL A 1 102 ? -12.195 11.920  -9.779  1.00 67.34  ? 95  VAL A O   1 
ATOM   541  C CB  . VAL A 1 102 ? -10.110 9.668   -8.454  1.00 63.44  ? 95  VAL A CB  1 
ATOM   542  C CG1 . VAL A 1 102 ? -9.286  10.776  -9.110  1.00 66.78  ? 95  VAL A CG1 1 
ATOM   543  C CG2 . VAL A 1 102 ? -9.552  9.358   -7.064  1.00 60.33  ? 95  VAL A CG2 1 
ATOM   544  N N   . ASN A 1 103 ? -12.430 9.868   -10.672 1.00 70.90  ? 96  ASN A N   1 
ATOM   545  C CA  . ASN A 1 103 ? -12.930 10.379  -11.965 1.00 78.51  ? 96  ASN A CA  1 
ATOM   546  C C   . ASN A 1 103 ? -14.218 11.193  -11.827 1.00 82.02  ? 96  ASN A C   1 
ATOM   547  O O   . ASN A 1 103 ? -14.464 12.100  -12.621 1.00 82.45  ? 96  ASN A O   1 
ATOM   548  C CB  . ASN A 1 103 ? -13.176 9.247   -12.975 1.00 77.14  ? 96  ASN A CB  1 
ATOM   549  C CG  . ASN A 1 103 ? -11.891 8.655   -13.550 1.00 79.17  ? 96  ASN A CG  1 
ATOM   550  O OD1 . ASN A 1 103 ? -10.862 9.324   -13.664 1.00 78.38  ? 96  ASN A OD1 1 
ATOM   551  N ND2 . ASN A 1 103 ? -11.955 7.383   -13.929 1.00 78.77  ? 96  ASN A ND2 1 
ATOM   552  N N   . LYS A 1 104 ? -15.023 10.861  -10.818 0.80 81.67  ? 97  LYS A N   1 
ATOM   553  C CA  . LYS A 1 104 ? -16.265 11.570  -10.514 0.80 81.52  ? 97  LYS A CA  1 
ATOM   554  C C   . LYS A 1 104 ? -16.169 12.753  -9.528  0.80 85.27  ? 97  LYS A C   1 
ATOM   555  O O   . LYS A 1 104 ? -17.204 13.300  -9.168  0.80 92.38  ? 97  LYS A O   1 
ATOM   556  C CB  . LYS A 1 104 ? -17.297 10.568  -9.983  0.80 77.87  ? 97  LYS A CB  1 
ATOM   557  C CG  . LYS A 1 104 ? -17.655 9.475   -10.974 0.80 78.11  ? 97  LYS A CG  1 
ATOM   558  C CD  . LYS A 1 104 ? -18.433 8.361   -10.299 0.80 77.17  ? 97  LYS A CD  1 
ATOM   559  C CE  . LYS A 1 104 ? -18.746 7.254   -11.287 0.50 75.86  ? 97  LYS A CE  1 
ATOM   560  N NZ  . LYS A 1 104 ? -19.478 6.136   -10.637 0.50 76.42  ? 97  LYS A NZ  1 
ATOM   561  N N   . ARG A 1 105 ? -14.972 13.151  -9.085  1.00 89.45  ? 98  ARG A N   1 
ATOM   562  C CA  . ARG A 1 105 ? -14.829 14.293  -8.144  1.00 87.62  ? 98  ARG A CA  1 
ATOM   563  C C   . ARG A 1 105 ? -15.398 15.608  -8.709  1.00 92.38  ? 98  ARG A C   1 
ATOM   564  O O   . ARG A 1 105 ? -15.058 16.042  -9.821  1.00 85.29  ? 98  ARG A O   1 
ATOM   565  C CB  . ARG A 1 105 ? -13.369 14.504  -7.741  1.00 85.84  ? 98  ARG A CB  1 
ATOM   566  N N   . PRO B 1 33  ? 17.060  7.117   16.591  0.50 68.21  ? 26  PRO B N   1 
ATOM   567  C CA  . PRO B 1 33  ? 15.876  7.491   15.832  0.50 67.06  ? 26  PRO B CA  1 
ATOM   568  C C   . PRO B 1 33  ? 15.737  6.670   14.552  0.50 64.19  ? 26  PRO B C   1 
ATOM   569  O O   . PRO B 1 33  ? 16.720  6.127   14.053  0.50 62.05  ? 26  PRO B O   1 
ATOM   570  C CB  . PRO B 1 33  ? 16.135  8.959   15.495  0.50 66.02  ? 26  PRO B CB  1 
ATOM   571  C CG  . PRO B 1 33  ? 17.628  9.061   15.399  0.50 66.26  ? 26  PRO B CG  1 
ATOM   572  C CD  . PRO B 1 33  ? 18.222  7.947   16.229  0.50 66.73  ? 26  PRO B CD  1 
ATOM   573  N N   . LEU B 1 34  ? 14.520  6.613   14.022  1.00 64.59  ? 27  LEU B N   1 
ATOM   574  C CA  . LEU B 1 34  ? 14.210  5.819   12.818  1.00 64.89  ? 27  LEU B CA  1 
ATOM   575  C C   . LEU B 1 34  ? 14.978  6.270   11.567  1.00 62.25  ? 27  LEU B C   1 
ATOM   576  O O   . LEU B 1 34  ? 15.178  7.460   11.331  1.00 59.59  ? 27  LEU B O   1 
ATOM   577  C CB  . LEU B 1 34  ? 12.708  5.866   12.503  1.00 64.61  ? 27  LEU B CB  1 
ATOM   578  C CG  . LEU B 1 34  ? 11.716  5.338   13.534  1.00 64.77  ? 27  LEU B CG  1 
ATOM   579  C CD1 . LEU B 1 34  ? 10.293  5.556   13.020  1.00 65.45  ? 27  LEU B CD1 1 
ATOM   580  C CD2 . LEU B 1 34  ? 11.974  3.876   13.844  1.00 66.37  ? 27  LEU B CD2 1 
ATOM   581  N N   . VAL B 1 35  ? 15.357  5.289   10.752  1.00 63.33  ? 28  VAL B N   1 
ATOM   582  C CA  . VAL B 1 35  ? 16.077  5.505   9.487   1.00 59.58  ? 28  VAL B CA  1 
ATOM   583  C C   . VAL B 1 35  ? 15.474  4.624   8.392   1.00 55.60  ? 28  VAL B C   1 
ATOM   584  O O   . VAL B 1 35  ? 14.653  3.743   8.682   1.00 55.21  ? 28  VAL B O   1 
ATOM   585  C CB  . VAL B 1 35  ? 17.581  5.170   9.631   1.00 59.47  ? 28  VAL B CB  1 
ATOM   586  C CG1 . VAL B 1 35  ? 18.257  6.210   10.513  1.00 63.83  ? 28  VAL B CG1 1 
ATOM   587  C CG2 . VAL B 1 35  ? 17.800  3.755   10.190  1.00 59.11  ? 28  VAL B CG2 1 
ATOM   588  N N   . GLY B 1 36  ? 15.893  4.851   7.146   1.00 49.59  ? 29  GLY B N   1 
ATOM   589  C CA  . GLY B 1 36  ? 15.502  3.989   6.012   1.00 45.54  ? 29  GLY B CA  1 
ATOM   590  C C   . GLY B 1 36  ? 14.021  4.060   5.724   1.00 39.95  ? 29  GLY B C   1 
ATOM   591  O O   . GLY B 1 36  ? 13.413  5.116   5.942   1.00 38.40  ? 29  GLY B O   1 
ATOM   592  N N   . VAL B 1 37  ? 13.420  2.959   5.233   1.00 36.05  ? 30  VAL B N   1 
ATOM   593  C CA  . VAL B 1 37  ? 11.996  3.014   4.873   1.00 34.92  ? 30  VAL B CA  1 
ATOM   594  C C   . VAL B 1 37  ? 11.064  3.286   6.050   1.00 32.38  ? 30  VAL B C   1 
ATOM   595  O O   . VAL B 1 37  ? 9.975   3.821   5.840   1.00 33.08  ? 30  VAL B O   1 
ATOM   596  C CB  . VAL B 1 37  ? 11.434  1.780   4.073   1.00 34.35  ? 30  VAL B CB  1 
ATOM   597  C CG1 . VAL B 1 37  ? 12.041  1.735   2.707   1.00 37.79  ? 30  VAL B CG1 1 
ATOM   598  C CG2 . VAL B 1 37  ? 11.604  0.472   4.824   1.00 37.16  ? 30  VAL B CG2 1 
ATOM   599  N N   . LYS B 1 38  ? 11.442  2.869   7.260   1.00 34.92  ? 31  LYS B N   1 
ATOM   600  C CA  . LYS B 1 38  ? 10.593  3.100   8.437   1.00 36.75  ? 31  LYS B CA  1 
ATOM   601  C C   . LYS B 1 38  ? 10.400  4.590   8.696   1.00 36.20  ? 31  LYS B C   1 
ATOM   602  O O   . LYS B 1 38  ? 9.285   5.047   9.040   1.00 34.99  ? 31  LYS B O   1 
ATOM   603  C CB  . LYS B 1 38  ? 11.141  2.398   9.681   1.00 37.23  ? 31  LYS B CB  1 
ATOM   604  C CG  . LYS B 1 38  ? 11.022  0.874   9.630   1.00 38.80  ? 31  LYS B CG  1 
ATOM   605  C CD  . LYS B 1 38  ? 11.632  0.259   10.882  1.00 41.69  ? 31  LYS B CD  1 
ATOM   606  C CE  . LYS B 1 38  ? 11.484  -1.248  10.863  1.00 47.09  ? 31  LYS B CE  1 
ATOM   607  N NZ  . LYS B 1 38  ? 11.868  -1.845  12.175  1.00 50.87  ? 31  LYS B NZ  1 
ATOM   608  N N   . ARG B 1 39  ? 11.451  5.356   8.461   1.00 39.10  ? 32  ARG B N   1 
ATOM   609  C CA  . ARG B 1 39  ? 11.377  6.826   8.601   1.00 42.10  ? 32  ARG B CA  1 
ATOM   610  C C   . ARG B 1 39  ? 10.528  7.424   7.502   1.00 37.43  ? 32  ARG B C   1 
ATOM   611  O O   . ARG B 1 39  ? 9.744   8.357   7.738   1.00 39.01  ? 32  ARG B O   1 
ATOM   612  C CB  . ARG B 1 39  ? 12.799  7.425   8.564   1.00 47.85  ? 32  ARG B CB  1 
ATOM   613  C CG  . ARG B 1 39  ? 12.908  8.945   8.694   1.00 57.21  ? 32  ARG B CG  1 
ATOM   614  C CD  . ARG B 1 39  ? 14.384  9.360   8.718   0.80 66.83  ? 32  ARG B CD  1 
ATOM   615  N NE  . ARG B 1 39  ? 14.663  10.682  8.138   0.80 78.28  ? 32  ARG B NE  1 
ATOM   616  C CZ  . ARG B 1 39  ? 15.883  11.234  8.029   0.80 82.44  ? 32  ARG B CZ  1 
ATOM   617  N NH1 . ARG B 1 39  ? 16.969  10.582  8.462   1.00 87.66  ? 32  ARG B NH1 1 
ATOM   618  N NH2 . ARG B 1 39  ? 16.027  12.450  7.481   1.00 74.56  ? 32  ARG B NH2 1 
ATOM   619  N N   . VAL B 1 40  ? 10.683  6.897   6.284   1.00 35.22  ? 33  VAL B N   1 
ATOM   620  C CA  . VAL B 1 40  ? 9.882   7.365   5.141   1.00 33.91  ? 33  VAL B CA  1 
ATOM   621  C C   . VAL B 1 40  ? 8.392   7.137   5.415   1.00 32.69  ? 33  VAL B C   1 
ATOM   622  O O   . VAL B 1 40  ? 7.564   8.032   5.209   1.00 27.57  ? 33  VAL B O   1 
ATOM   623  C CB  . VAL B 1 40  ? 10.290  6.686   3.812   1.00 34.81  ? 33  VAL B CB  1 
ATOM   624  C CG1 . VAL B 1 40  ? 9.329   7.095   2.699   1.00 37.83  ? 33  VAL B CG1 1 
ATOM   625  C CG2 . VAL B 1 40  ? 11.727  7.054   3.431   1.00 36.10  ? 33  VAL B CG2 1 
ATOM   626  N N   . VAL B 1 41  ? 8.049   5.932   5.868   1.00 32.40  ? 34  VAL B N   1 
ATOM   627  C CA  . VAL B 1 41  ? 6.627   5.580   6.108   1.00 34.06  ? 34  VAL B CA  1 
ATOM   628  C C   . VAL B 1 41  ? 6.032   6.373   7.304   1.00 33.73  ? 34  VAL B C   1 
ATOM   629  O O   . VAL B 1 41  ? 4.874   6.848   7.235   1.00 30.99  ? 34  VAL B O   1 
ATOM   630  C CB  . VAL B 1 41  ? 6.435   4.066   6.299   1.00 35.65  ? 34  VAL B CB  1 
ATOM   631  C CG1 . VAL B 1 41  ? 5.000   3.759   6.695   1.00 38.32  ? 34  VAL B CG1 1 
ATOM   632  C CG2 . VAL B 1 41  ? 6.799   3.310   5.019   1.00 34.89  ? 34  VAL B CG2 1 
ATOM   633  N N   . MET B 1 42  ? 6.826   6.527   8.364   1.00 32.57  ? 35  MET B N   1 
ATOM   634  C CA  . MET B 1 42  ? 6.425   7.375   9.517   1.00 39.14  ? 35  MET B CA  1 
ATOM   635  C C   . MET B 1 42  ? 6.117   8.811   9.082   1.00 34.57  ? 35  MET B C   1 
ATOM   636  O O   . MET B 1 42  ? 5.098   9.373   9.472   1.00 39.20  ? 35  MET B O   1 
ATOM   637  C CB  . MET B 1 42  ? 7.484   7.355   10.635  1.00 43.99  ? 35  MET B CB  1 
ATOM   638  C CG  . MET B 1 42  ? 7.154   8.194   11.890  1.00 57.78  ? 35  MET B CG  1 
ATOM   639  S SD  . MET B 1 42  ? 5.802   7.516   12.932  0.90 81.20  ? 35  MET B SD  1 
ATOM   640  C CE  . MET B 1 42  ? 6.731   6.548   14.121  0.80 77.09  ? 35  MET B CE  1 
ATOM   641  N N   . SER B 1 43  ? 6.981   9.391   8.256   1.00 35.40  ? 36  SER B N   1 
ATOM   642  C CA  . SER B 1 43  ? 6.742   10.735  7.734   1.00 35.02  ? 36  SER B CA  1 
ATOM   643  C C   . SER B 1 43  ? 5.486   10.842  6.892   1.00 37.04  ? 36  SER B C   1 
ATOM   644  O O   . SER B 1 43  ? 4.785   11.834  6.978   1.00 31.98  ? 36  SER B O   1 
ATOM   645  C CB  . SER B 1 43  ? 7.950   11.227  6.913   1.00 39.14  ? 36  SER B CB  1 
ATOM   646  O OG  . SER B 1 43  ? 9.109   11.367  7.734   1.00 43.53  ? 36  SER B OG  1 
ATOM   647  N N   . LEU B 1 44  ? 5.212   9.831   6.047   1.00 31.83  ? 37  LEU B N   1 
ATOM   648  C CA  . LEU B 1 44  ? 3.958   9.791   5.291   1.00 35.51  ? 37  LEU B CA  1 
ATOM   649  C C   . LEU B 1 44  ? 2.698   9.743   6.178   1.00 34.10  ? 37  LEU B C   1 
ATOM   650  O O   . LEU B 1 44  ? 1.707   10.386  5.871   1.00 34.96  ? 37  LEU B O   1 
ATOM   651  C CB  . LEU B 1 44  ? 3.920   8.592   4.300   1.00 37.26  ? 37  LEU B CB  1 
ATOM   652  C CG  . LEU B 1 44  ? 4.877   8.657   3.119   1.00 37.51  ? 37  LEU B CG  1 
ATOM   653  C CD1 . LEU B 1 44  ? 4.926   7.297   2.399   1.00 39.44  ? 37  LEU B CD1 1 
ATOM   654  C CD2 . LEU B 1 44  ? 4.481   9.780   2.158   1.00 38.61  ? 37  LEU B CD2 1 
ATOM   655  N N   . LEU B 1 45  ? 2.749   8.999   7.272   1.00 34.43  ? 38  LEU B N   1 
ATOM   656  C CA  . LEU B 1 45  ? 1.639   8.946   8.202   1.00 35.53  ? 38  LEU B CA  1 
ATOM   657  C C   . LEU B 1 45  ? 1.473   10.277  8.953   1.00 36.43  ? 38  LEU B C   1 
ATOM   658  O O   . LEU B 1 45  ? 0.373   10.553  9.433   1.00 34.94  ? 38  LEU B O   1 
ATOM   659  C CB  . LEU B 1 45  ? 1.806   7.810   9.213   1.00 34.29  ? 38  LEU B CB  1 
ATOM   660  C CG  . LEU B 1 45  ? 1.698   6.415   8.575   1.00 36.38  ? 38  LEU B CG  1 
ATOM   661  C CD1 . LEU B 1 45  ? 2.273   5.343   9.476   1.00 38.22  ? 38  LEU B CD1 1 
ATOM   662  C CD2 . LEU B 1 45  ? 0.269   6.090   8.220   1.00 35.78  ? 38  LEU B CD2 1 
ATOM   663  N N   . ASP B 1 46  ? 2.538   11.084  9.023   1.00 38.28  ? 39  ASP B N   1 
ATOM   664  C CA  . ASP B 1 46  ? 2.444   12.504  9.496   1.00 40.61  ? 39  ASP B CA  1 
ATOM   665  C C   . ASP B 1 46  ? 2.158   13.504  8.385   1.00 40.07  ? 39  ASP B C   1 
ATOM   666  O O   . ASP B 1 46  ? 2.303   14.683  8.596   1.00 41.97  ? 39  ASP B O   1 
ATOM   667  C CB  . ASP B 1 46  ? 3.700   12.906  10.294  1.00 44.56  ? 39  ASP B CB  1 
ATOM   668  C CG  . ASP B 1 46  ? 3.834   12.124  11.597  1.00 48.47  ? 39  ASP B CG  1 
ATOM   669  O OD1 . ASP B 1 46  ? 2.808   11.713  12.164  1.00 50.46  ? 39  ASP B OD1 1 
ATOM   670  O OD2 . ASP B 1 46  ? 4.970   11.878  12.025  1.00 55.52  ? 39  ASP B OD2 1 
ATOM   671  N N   . GLY B 1 47  ? 1.716   13.062  7.211   1.00 36.69  ? 40  GLY B N   1 
ATOM   672  C CA  . GLY B 1 47  ? 1.442   13.994  6.093   1.00 39.40  ? 40  GLY B CA  1 
ATOM   673  C C   . GLY B 1 47  ? 2.605   14.559  5.249   1.00 41.63  ? 40  GLY B C   1 
ATOM   674  O O   . GLY B 1 47  ? 2.383   15.472  4.450   1.00 43.80  ? 40  GLY B O   1 
ATOM   675  N N   . ARG B 1 48  ? 3.829   14.056  5.425   1.00 38.54  ? 41  ARG B N   1 
ATOM   676  C CA  . ARG B 1 48  ? 5.019   14.588  4.723   1.00 39.62  ? 41  ARG B CA  1 
ATOM   677  C C   . ARG B 1 48  ? 5.565   13.619  3.679   1.00 37.39  ? 41  ARG B C   1 
ATOM   678  O O   . ARG B 1 48  ? 5.848   12.443  3.996   1.00 36.65  ? 41  ARG B O   1 
ATOM   679  C CB  . ARG B 1 48  ? 6.156   14.885  5.722   1.00 42.93  ? 41  ARG B CB  1 
ATOM   680  C CG  . ARG B 1 48  ? 5.822   15.946  6.777   1.00 52.19  ? 41  ARG B CG  1 
ATOM   681  C CD  . ARG B 1 48  ? 7.063   16.356  7.572   1.00 60.11  ? 41  ARG B CD  1 
ATOM   682  N NE  . ARG B 1 48  ? 7.598   15.262  8.406   0.90 69.79  ? 41  ARG B NE  1 
ATOM   683  C CZ  . ARG B 1 48  ? 7.215   14.965  9.654   1.00 77.55  ? 41  ARG B CZ  1 
ATOM   684  N NH1 . ARG B 1 48  ? 6.273   15.672  10.283  0.95 83.14  ? 41  ARG B NH1 1 
ATOM   685  N NH2 . ARG B 1 48  ? 7.784   13.943  10.290  0.95 78.83  ? 41  ARG B NH2 1 
ATOM   686  N N   . GLY B 1 49  ? 5.802   14.123  2.472   1.00 35.71  ? 42  GLY B N   1 
ATOM   687  C CA  . GLY B 1 49  ? 6.482   13.359  1.413   1.00 34.42  ? 42  GLY B CA  1 
ATOM   688  C C   . GLY B 1 49  ? 5.873   13.562  0.063   1.00 34.57  ? 42  GLY B C   1 
ATOM   689  O O   . GLY B 1 49  ? 4.915   14.304  -0.065  1.00 35.24  ? 42  GLY B O   1 
ATOM   690  N N   . PRO B 1 50  ? 6.430   12.895  -0.974  1.00 37.71  ? 43  PRO B N   1 
ATOM   691  C CA  . PRO B 1 50  ? 5.958   13.023  -2.350  1.00 32.69  ? 43  PRO B CA  1 
ATOM   692  C C   . PRO B 1 50  ? 4.526   12.596  -2.573  1.00 34.66  ? 43  PRO B C   1 
ATOM   693  O O   . PRO B 1 50  ? 4.095   11.598  -1.975  1.00 32.85  ? 43  PRO B O   1 
ATOM   694  C CB  . PRO B 1 50  ? 6.871   12.076  -3.127  1.00 38.29  ? 43  PRO B CB  1 
ATOM   695  C CG  . PRO B 1 50  ? 8.080   11.904  -2.304  1.00 37.09  ? 43  PRO B CG  1 
ATOM   696  C CD  . PRO B 1 50  ? 7.634   12.042  -0.882  1.00 35.66  ? 43  PRO B CD  1 
ATOM   697  N N   . VAL B 1 51  ? 3.825   13.306  -3.472  1.00 31.79  ? 44  VAL B N   1 
ATOM   698  C CA  . VAL B 1 51  ? 2.413   13.039  -3.781  1.00 35.98  ? 44  VAL B CA  1 
ATOM   699  C C   . VAL B 1 51  ? 2.191   11.592  -4.253  1.00 33.61  ? 44  VAL B C   1 
ATOM   700  O O   . VAL B 1 51  ? 1.183   10.999  -3.899  1.00 30.12  ? 44  VAL B O   1 
ATOM   701  C CB  . VAL B 1 51  ? 1.811   14.043  -4.824  1.00 41.72  ? 44  VAL B CB  1 
ATOM   702  C CG1 . VAL B 1 51  ? 0.380   13.684  -5.201  1.00 46.02  ? 44  VAL B CG1 1 
ATOM   703  C CG2 . VAL B 1 51  ? 1.746   15.434  -4.225  1.00 52.00  ? 44  VAL B CG2 1 
ATOM   704  N N   . ARG B 1 52  ? 3.124   11.019  -5.026  1.00 31.43  ? 45  ARG B N   1 
ATOM   705  C CA  . ARG B 1 52  ? 2.956   9.626   -5.477  1.00 29.74  ? 45  ARG B CA  1 
ATOM   706  C C   . ARG B 1 52  ? 2.933   8.682   -4.273  1.00 27.46  ? 45  ARG B C   1 
ATOM   707  O O   . ARG B 1 52  ? 2.202   7.687   -4.268  1.00 27.50  ? 45  ARG B O   1 
ATOM   708  C CB  . ARG B 1 52  ? 4.066   9.198   -6.465  1.00 30.57  ? 45  ARG B CB  1 
ATOM   709  C CG  . ARG B 1 52  ? 3.852   7.803   -7.097  1.00 31.03  ? 45  ARG B CG  1 
ATOM   710  C CD  . ARG B 1 52  ? 4.979   7.413   -8.052  1.00 33.37  ? 45  ARG B CD  1 
ATOM   711  N NE  . ARG B 1 52  ? 4.879   6.023   -8.528  1.00 33.83  ? 45  ARG B NE  1 
ATOM   712  C CZ  . ARG B 1 52  ? 4.171   5.598   -9.569  1.00 37.07  ? 45  ARG B CZ  1 
ATOM   713  N NH1 . ARG B 1 52  ? 3.460   6.449   -10.282 1.00 37.39  ? 45  ARG B NH1 1 
ATOM   714  N NH2 . ARG B 1 52  ? 4.131   4.296   -9.885  1.00 38.08  ? 45  ARG B NH2 1 
ATOM   715  N N   . PHE B 1 53  ? 3.782   8.975   -3.285  1.00 27.00  ? 46  PHE B N   1 
ATOM   716  C CA  . PHE B 1 53  ? 3.895   8.142   -2.121  1.00 29.59  ? 46  PHE B CA  1 
ATOM   717  C C   . PHE B 1 53  ? 2.626   8.278   -1.229  1.00 29.41  ? 46  PHE B C   1 
ATOM   718  O O   . PHE B 1 53  ? 2.174   7.291   -0.677  1.00 28.15  ? 46  PHE B O   1 
ATOM   719  C CB  . PHE B 1 53  ? 5.145   8.453   -1.299  1.00 30.02  ? 46  PHE B CB  1 
ATOM   720  C CG  . PHE B 1 53  ? 6.474   8.053   -1.937  1.00 31.93  ? 46  PHE B CG  1 
ATOM   721  C CD1 . PHE B 1 53  ? 6.585   7.551   -3.230  1.00 31.53  ? 46  PHE B CD1 1 
ATOM   722  C CD2 . PHE B 1 53  ? 7.626   8.199   -1.200  1.00 30.17  ? 46  PHE B CD2 1 
ATOM   723  C CE1 . PHE B 1 53  ? 7.807   7.224   -3.777  1.00 34.89  ? 46  PHE B CE1 1 
ATOM   724  C CE2 . PHE B 1 53  ? 8.850   7.867   -1.731  1.00 36.18  ? 46  PHE B CE2 1 
ATOM   725  C CZ  . PHE B 1 53  ? 8.952   7.373   -3.014  1.00 36.62  ? 46  PHE B CZ  1 
ATOM   726  N N   . VAL B 1 54  ? 2.081   9.482   -1.085  1.00 30.71  ? 47  VAL B N   1 
ATOM   727  C CA  . VAL B 1 54  ? 0.782   9.689   -0.418  1.00 29.50  ? 47  VAL B CA  1 
ATOM   728  C C   . VAL B 1 54  ? -0.314  8.805   -1.040  1.00 31.38  ? 47  VAL B C   1 
ATOM   729  O O   . VAL B 1 54  ? -1.068  8.126   -0.314  1.00 33.50  ? 47  VAL B O   1 
ATOM   730  C CB  . VAL B 1 54  ? 0.340   11.180  -0.464  1.00 33.29  ? 47  VAL B CB  1 
ATOM   731  C CG1 . VAL B 1 54  ? -1.117  11.336  -0.048  1.00 32.86  ? 47  VAL B CG1 1 
ATOM   732  C CG2 . VAL B 1 54  ? 1.252   12.027  0.445   1.00 36.20  ? 47  VAL B CG2 1 
ATOM   733  N N   . LEU B 1 55  ? -0.398  8.832   -2.373  1.00 29.57  ? 48  LEU B N   1 
ATOM   734  C CA  . LEU B 1 55  ? -1.426  8.117   -3.112  1.00 30.31  ? 48  LEU B CA  1 
ATOM   735  C C   . LEU B 1 55  ? -1.254  6.607   -2.925  1.00 31.70  ? 48  LEU B C   1 
ATOM   736  O O   . LEU B 1 55  ? -2.239  5.891   -2.700  1.00 30.23  ? 48  LEU B O   1 
ATOM   737  C CB  . LEU B 1 55  ? -1.403  8.515   -4.582  1.00 32.07  ? 48  LEU B CB  1 
ATOM   738  C CG  . LEU B 1 55  ? -1.766  9.990   -4.931  1.00 35.11  ? 48  LEU B CG  1 
ATOM   739  C CD1 . LEU B 1 55  ? -1.408  10.309  -6.374  0.95 35.55  ? 48  LEU B CD1 1 
ATOM   740  C CD2 . LEU B 1 55  ? -3.242  10.237  -4.710  0.95 39.31  ? 48  LEU B CD2 1 
ATOM   741  N N   . ALA B 1 56  ? 0.003   6.141   -2.971  1.00 29.17  ? 49  ALA B N   1 
ATOM   742  C CA  . ALA B 1 56  ? 0.293   4.725   -2.743  1.00 30.36  ? 49  ALA B CA  1 
ATOM   743  C C   . ALA B 1 56  ? -0.190  4.251   -1.354  1.00 29.31  ? 49  ALA B C   1 
ATOM   744  O O   . ALA B 1 56  ? -0.816  3.192   -1.228  1.00 27.86  ? 49  ALA B O   1 
ATOM   745  C CB  . ALA B 1 56  ? 1.778   4.445   -2.947  1.00 27.62  ? 49  ALA B CB  1 
ATOM   746  N N   . LEU B 1 57  ? 0.079   5.041   -0.330  1.00 27.80  ? 50  LEU B N   1 
ATOM   747  C CA  . LEU B 1 57  ? -0.234  4.655   1.021   1.00 31.11  ? 50  LEU B CA  1 
ATOM   748  C C   . LEU B 1 57  ? -1.741  4.737   1.295   1.00 32.82  ? 50  LEU B C   1 
ATOM   749  O O   . LEU B 1 57  ? -2.259  3.923   2.048   1.00 28.10  ? 50  LEU B O   1 
ATOM   750  C CB  . LEU B 1 57  ? 0.547   5.507   2.039   1.00 30.51  ? 50  LEU B CB  1 
ATOM   751  C CG  . LEU B 1 57  ? 0.440   5.037   3.486   1.00 31.80  ? 50  LEU B CG  1 
ATOM   752  C CD1 . LEU B 1 57  ? 1.045   3.662   3.658   1.00 32.02  ? 50  LEU B CD1 1 
ATOM   753  C CD2 . LEU B 1 57  ? 1.118   6.035   4.424   1.00 34.40  ? 50  LEU B CD2 1 
ATOM   754  N N   . ILE B 1 58  ? -2.430  5.699   0.671   1.00 31.52  ? 51  ILE B N   1 
ATOM   755  C CA  . ILE B 1 58  ? -3.880  5.685   0.626   1.00 32.64  ? 51  ILE B CA  1 
ATOM   756  C C   . ILE B 1 58  ? -4.423  4.345   0.077   1.00 32.20  ? 51  ILE B C   1 
ATOM   757  O O   . ILE B 1 58  ? -5.385  3.812   0.665   1.00 28.38  ? 51  ILE B O   1 
ATOM   758  C CB  . ILE B 1 58  ? -4.455  6.918   -0.142  1.00 31.83  ? 51  ILE B CB  1 
ATOM   759  C CG1 . ILE B 1 58  ? -4.310  8.183   0.745   1.00 33.87  ? 51  ILE B CG1 1 
ATOM   760  C CG2 . ILE B 1 58  ? -5.912  6.722   -0.550  1.00 35.10  ? 51  ILE B CG2 1 
ATOM   761  C CD1 . ILE B 1 58  ? -5.254  8.285   1.927   1.00 36.86  ? 51  ILE B CD1 1 
ATOM   762  N N   . THR B 1 59  ? -3.839  3.803   -1.015  1.00 30.99  ? 52  THR B N   1 
ATOM   763  C CA  . THR B 1 59  ? -4.310  2.544   -1.587  1.00 29.16  ? 52  THR B CA  1 
ATOM   764  C C   . THR B 1 59  ? -4.117  1.410   -0.571  1.00 31.05  ? 52  THR B C   1 
ATOM   765  O O   . THR B 1 59  ? -5.000  0.541   -0.468  1.00 30.15  ? 52  THR B O   1 
ATOM   766  C CB  . THR B 1 59  ? -3.684  2.151   -2.964  1.00 33.98  ? 52  THR B CB  1 
ATOM   767  O OG1 . THR B 1 59  ? -2.286  1.819   -2.844  1.00 30.88  ? 52  THR B OG1 1 
ATOM   768  C CG2 . THR B 1 59  ? -3.893  3.265   -4.044  1.00 32.77  ? 52  THR B CG2 1 
ATOM   769  N N   . PHE B 1 60  ? -2.998  1.441   0.187   1.00 27.27  ? 53  PHE B N   1 
ATOM   770  C CA  . PHE B 1 60  ? -2.754  0.458   1.268   1.00 28.44  ? 53  PHE B CA  1 
ATOM   771  C C   . PHE B 1 60  ? -3.942  0.457   2.282   1.00 30.71  ? 53  PHE B C   1 
ATOM   772  O O   . PHE B 1 60  ? -4.407  -0.623  2.696   1.00 25.97  ? 53  PHE B O   1 
ATOM   773  C CB  . PHE B 1 60  ? -1.439  0.739   2.010   1.00 28.40  ? 53  PHE B CB  1 
ATOM   774  C CG  . PHE B 1 60  ? -1.300  0.000   3.324   1.00 29.31  ? 53  PHE B CG  1 
ATOM   775  C CD1 . PHE B 1 60  ? -0.891  -1.344  3.340   1.00 30.23  ? 53  PHE B CD1 1 
ATOM   776  C CD2 . PHE B 1 60  ? -1.611  0.614   4.532   1.00 29.05  ? 53  PHE B CD2 1 
ATOM   777  C CE1 . PHE B 1 60  ? -0.802  -2.072  4.540   1.00 29.93  ? 53  PHE B CE1 1 
ATOM   778  C CE2 . PHE B 1 60  ? -1.527  -0.084  5.727   1.00 30.50  ? 53  PHE B CE2 1 
ATOM   779  C CZ  . PHE B 1 60  ? -1.108  -1.449  5.733   1.00 32.45  ? 53  PHE B CZ  1 
ATOM   780  N N   . PHE B 1 61  ? -4.386  1.659   2.685   1.00 29.08  ? 54  PHE B N   1 
ATOM   781  C CA  . PHE B 1 61  ? -5.535  1.809   3.615   1.00 32.14  ? 54  PHE B CA  1 
ATOM   782  C C   . PHE B 1 61  ? -6.855  1.319   3.008   1.00 33.51  ? 54  PHE B C   1 
ATOM   783  O O   . PHE B 1 61  ? -7.631  0.678   3.693   1.00 35.55  ? 54  PHE B O   1 
ATOM   784  C CB  . PHE B 1 61  ? -5.651  3.253   4.210   1.00 29.09  ? 54  PHE B CB  1 
ATOM   785  C CG  . PHE B 1 61  ? -4.623  3.530   5.251   1.00 32.07  ? 54  PHE B CG  1 
ATOM   786  C CD1 . PHE B 1 61  ? -4.701  2.925   6.493   1.00 35.72  ? 54  PHE B CD1 1 
ATOM   787  C CD2 . PHE B 1 61  ? -3.498  4.344   4.989   1.00 30.16  ? 54  PHE B CD2 1 
ATOM   788  C CE1 . PHE B 1 61  ? -3.710  3.159   7.471   1.00 34.53  ? 54  PHE B CE1 1 
ATOM   789  C CE2 . PHE B 1 61  ? -2.514  4.548   5.944   1.00 29.60  ? 54  PHE B CE2 1 
ATOM   790  C CZ  . PHE B 1 61  ? -2.620  3.954   7.190   1.00 34.70  ? 54  PHE B CZ  1 
ATOM   791  N N   . LYS B 1 62  ? -7.098  1.604   1.737   1.00 34.74  ? 55  LYS B N   1 
ATOM   792  C CA  . LYS B 1 62  ? -8.240  1.050   1.022   1.00 34.69  ? 55  LYS B CA  1 
ATOM   793  C C   . LYS B 1 62  ? -8.235  -0.505  0.950   1.00 38.21  ? 55  LYS B C   1 
ATOM   794  O O   . LYS B 1 62  ? -9.279  -1.135  1.153   1.00 35.45  ? 55  LYS B O   1 
ATOM   795  C CB  . LYS B 1 62  ? -8.338  1.666   -0.358  1.00 38.80  ? 55  LYS B CB  1 
ATOM   796  C CG  . LYS B 1 62  ? -9.484  1.182   -1.219  1.00 49.05  ? 55  LYS B CG  1 
ATOM   797  C CD  . LYS B 1 62  ? -10.792 1.856   -0.853  0.80 54.54  ? 55  LYS B CD  1 
ATOM   798  C CE  . LYS B 1 62  ? -11.955 1.231   -1.619  0.95 59.82  ? 55  LYS B CE  1 
ATOM   799  N NZ  . LYS B 1 62  ? -11.959 1.494   -3.081  0.95 63.68  ? 55  LYS B NZ  1 
ATOM   800  N N   . PHE B 1 63  ? -7.083  -1.118  0.676   1.00 31.47  ? 56  PHE B N   1 
ATOM   801  C CA  . PHE B 1 63  ? -7.010  -2.551  0.579   1.00 30.96  ? 56  PHE B CA  1 
ATOM   802  C C   . PHE B 1 63  ? -7.177  -3.285  1.940   1.00 31.23  ? 56  PHE B C   1 
ATOM   803  O O   . PHE B 1 63  ? -7.580  -4.460  1.965   1.00 30.83  ? 56  PHE B O   1 
ATOM   804  C CB  . PHE B 1 63  ? -5.646  -3.010  0.001   1.00 30.86  ? 56  PHE B CB  1 
ATOM   805  C CG  . PHE B 1 63  ? -5.322  -2.525  -1.405  1.00 27.97  ? 56  PHE B CG  1 
ATOM   806  C CD1 . PHE B 1 63  ? -6.318  -2.090  -2.305  1.00 32.04  ? 56  PHE B CD1 1 
ATOM   807  C CD2 . PHE B 1 63  ? -3.981  -2.515  -1.828  1.00 27.86  ? 56  PHE B CD2 1 
ATOM   808  C CE1 . PHE B 1 63  ? -5.987  -1.651  -3.569  1.00 29.49  ? 56  PHE B CE1 1 
ATOM   809  C CE2 . PHE B 1 63  ? -3.625  -2.080  -3.083  1.00 27.26  ? 56  PHE B CE2 1 
ATOM   810  C CZ  . PHE B 1 63  ? -4.638  -1.643  -3.969  1.00 33.63  ? 56  PHE B CZ  1 
ATOM   811  N N   . THR B 1 64  ? -6.761  -2.651  3.030   1.00 29.07  ? 57  THR B N   1 
ATOM   812  C CA  . THR B 1 64  ? -6.782  -3.267  4.357   1.00 29.97  ? 57  THR B CA  1 
ATOM   813  C C   . THR B 1 64  ? -8.062  -2.953  5.142   1.00 30.95  ? 57  THR B C   1 
ATOM   814  O O   . THR B 1 64  ? -8.408  -3.669  6.116   1.00 29.74  ? 57  THR B O   1 
ATOM   815  C CB  . THR B 1 64  ? -5.554  -2.841  5.219   1.00 29.02  ? 57  THR B CB  1 
ATOM   816  O OG1 . THR B 1 64  ? -5.492  -1.410  5.324   1.00 28.65  ? 57  THR B OG1 1 
ATOM   817  C CG2 . THR B 1 64  ? -4.231  -3.420  4.582   1.00 30.74  ? 57  THR B CG2 1 
ATOM   818  N N   . ALA B 1 65  ? -8.730  -1.877  4.733   1.00 29.59  ? 58  ALA B N   1 
ATOM   819  C CA  . ALA B 1 65  ? -9.826  -1.250  5.488   1.00 33.73  ? 58  ALA B CA  1 
ATOM   820  C C   . ALA B 1 65  ? -9.390  -0.662  6.857   1.00 33.11  ? 58  ALA B C   1 
ATOM   821  O O   . ALA B 1 65  ? -10.242 -0.460  7.716   1.00 33.93  ? 58  ALA B O   1 
ATOM   822  C CB  . ALA B 1 65  ? -11.023 -2.216  5.656   1.00 31.80  ? 58  ALA B CB  1 
ATOM   823  N N   . LEU B 1 66  ? -8.094  -0.381  7.042   1.00 31.39  ? 59  LEU B N   1 
ATOM   824  C CA  . LEU B 1 66  ? -7.602  0.327   8.232   1.00 31.24  ? 59  LEU B CA  1 
ATOM   825  C C   . LEU B 1 66  ? -7.901  1.841   8.157   1.00 31.37  ? 59  LEU B C   1 
ATOM   826  O O   . LEU B 1 66  ? -8.201  2.346   7.091   1.00 30.84  ? 59  LEU B O   1 
ATOM   827  C CB  . LEU B 1 66  ? -6.111  0.095   8.413   1.00 32.26  ? 59  LEU B CB  1 
ATOM   828  C CG  . LEU B 1 66  ? -5.695  -1.321  8.807   1.00 32.09  ? 59  LEU B CG  1 
ATOM   829  C CD1 . LEU B 1 66  ? -4.231  -1.516  8.531   1.00 33.48  ? 59  LEU B CD1 1 
ATOM   830  C CD2 . LEU B 1 66  ? -5.997  -1.638  10.250  1.00 34.17  ? 59  LEU B CD2 1 
ATOM   831  N N   . ALA B 1 67  ? -7.880  2.535   9.306   1.00 29.66  ? 60  ALA B N   1 
ATOM   832  C CA  . ALA B 1 67  ? -8.189  3.964   9.364   1.00 31.56  ? 60  ALA B CA  1 
ATOM   833  C C   . ALA B 1 67  ? -6.947  4.832   9.017   1.00 33.46  ? 60  ALA B C   1 
ATOM   834  O O   . ALA B 1 67  ? -5.976  4.825   9.789   1.00 29.91  ? 60  ALA B O   1 
ATOM   835  C CB  . ALA B 1 67  ? -8.697  4.350   10.744  1.00 32.09  ? 60  ALA B CB  1 
ATOM   836  N N   . PRO B 1 68  ? -7.005  5.617   7.913   1.00 36.94  ? 61  PRO B N   1 
ATOM   837  C CA  . PRO B 1 68  ? -5.868  6.533   7.662   1.00 39.90  ? 61  PRO B CA  1 
ATOM   838  C C   . PRO B 1 68  ? -5.758  7.601   8.743   1.00 40.42  ? 61  PRO B C   1 
ATOM   839  O O   . PRO B 1 68  ? -6.751  7.921   9.397   1.00 38.58  ? 61  PRO B O   1 
ATOM   840  C CB  . PRO B 1 68  ? -6.166  7.142   6.267   1.00 40.26  ? 61  PRO B CB  1 
ATOM   841  C CG  . PRO B 1 68  ? -7.577  6.801   5.943   1.00 44.10  ? 61  PRO B CG  1 
ATOM   842  C CD  . PRO B 1 68  ? -7.980  5.613   6.792   1.00 41.24  ? 61  PRO B CD  1 
ATOM   843  N N   . THR B 1 69  ? -4.563  8.137   8.938   1.00 39.15  ? 62  THR B N   1 
ATOM   844  C CA  . THR B 1 69  ? -4.370  9.284   9.836   1.00 41.08  ? 62  THR B CA  1 
ATOM   845  C C   . THR B 1 69  ? -5.013  10.541  9.268   1.00 40.29  ? 62  THR B C   1 
ATOM   846  O O   . THR B 1 69  ? -5.274  10.636  8.055   1.00 34.26  ? 62  THR B O   1 
ATOM   847  C CB  . THR B 1 69  ? -2.902  9.590   10.080  1.00 40.86  ? 62  THR B CB  1 
ATOM   848  O OG1 . THR B 1 69  ? -2.277  9.877   8.821   1.00 40.18  ? 62  THR B OG1 1 
ATOM   849  C CG2 . THR B 1 69  ? -2.233  8.401   10.751  1.00 41.58  ? 62  THR B CG2 1 
ATOM   850  N N   . LYS B 1 70  ? -5.288  11.494  10.147  1.00 40.67  ? 63  LYS B N   1 
ATOM   851  C CA  . LYS B 1 70  ? -5.863  12.782  9.716   1.00 45.64  ? 63  LYS B CA  1 
ATOM   852  C C   . LYS B 1 70  ? -4.899  13.536  8.795   1.00 40.06  ? 63  LYS B C   1 
ATOM   853  O O   . LYS B 1 70  ? -5.313  14.078  7.778   1.00 39.34  ? 63  LYS B O   1 
ATOM   854  C CB  . LYS B 1 70  ? -6.214  13.665  10.925  1.00 52.09  ? 63  LYS B CB  1 
ATOM   855  C CG  . LYS B 1 70  ? -7.391  13.132  11.731  1.00 61.55  ? 63  LYS B CG  1 
ATOM   856  C CD  . LYS B 1 70  ? -7.464  13.800  13.100  0.80 69.02  ? 63  LYS B CD  1 
ATOM   857  C CE  . LYS B 1 70  ? -8.355  13.030  14.059  0.80 68.96  ? 63  LYS B CE  1 
ATOM   858  N NZ  . LYS B 1 70  ? -8.225  13.581  15.436  0.80 70.42  ? 63  LYS B NZ  1 
ATOM   859  N N   . ALA B 1 71  ? -3.621  13.527  9.129   1.00 38.35  ? 64  ALA B N   1 
ATOM   860  C CA  . ALA B 1 71  ? -2.605  14.206  8.295   1.00 38.92  ? 64  ALA B CA  1 
ATOM   861  C C   . ALA B 1 71  ? -2.490  13.618  6.895   1.00 38.99  ? 64  ALA B C   1 
ATOM   862  O O   . ALA B 1 71  ? -2.329  14.355  5.924   1.00 43.05  ? 64  ALA B O   1 
ATOM   863  C CB  . ALA B 1 71  ? -1.258  14.198  8.984   1.00 35.71  ? 64  ALA B CB  1 
ATOM   864  N N   . LEU B 1 72  ? -2.594  12.298  6.776   1.00 37.03  ? 65  LEU B N   1 
ATOM   865  C CA  . LEU B 1 72  ? -2.598  11.652  5.461   1.00 35.24  ? 65  LEU B CA  1 
ATOM   866  C C   . LEU B 1 72  ? -3.842  11.970  4.655   1.00 37.57  ? 65  LEU B C   1 
ATOM   867  O O   . LEU B 1 72  ? -3.738  12.253  3.454   1.00 37.50  ? 65  LEU B O   1 
ATOM   868  C CB  . LEU B 1 72  ? -2.417  10.114  5.581   1.00 36.70  ? 65  LEU B CB  1 
ATOM   869  C CG  . LEU B 1 72  ? -2.227  9.337   4.278   1.00 37.19  ? 65  LEU B CG  1 
ATOM   870  C CD1 . LEU B 1 72  ? -0.914  9.703   3.587   1.00 37.57  ? 65  LEU B CD1 1 
ATOM   871  C CD2 . LEU B 1 72  ? -2.263  7.846   4.565   1.00 38.98  ? 65  LEU B CD2 1 
ATOM   872  N N   . LEU B 1 73  ? -5.022  11.903  5.288   1.00 40.04  ? 66  LEU B N   1 
ATOM   873  C CA  . LEU B 1 73  ? -6.277  12.293  4.621   1.00 42.52  ? 66  LEU B CA  1 
ATOM   874  C C   . LEU B 1 73  ? -6.248  13.743  4.144   1.00 39.62  ? 66  LEU B C   1 
ATOM   875  O O   . LEU B 1 73  ? -6.762  14.046  3.081   1.00 41.97  ? 66  LEU B O   1 
ATOM   876  C CB  . LEU B 1 73  ? -7.525  12.086  5.527   1.00 43.75  ? 66  LEU B CB  1 
ATOM   877  C CG  . LEU B 1 73  ? -8.117  10.675  5.629   0.80 45.97  ? 66  LEU B CG  1 
ATOM   878  C CD1 . LEU B 1 73  ? -9.167  10.650  6.721   0.80 44.97  ? 66  LEU B CD1 1 
ATOM   879  C CD2 . LEU B 1 73  ? -8.702  10.193  4.294   0.80 44.44  ? 66  LEU B CD2 1 
ATOM   880  N N   . GLY B 1 74  ? -5.666  14.627  4.945   1.00 41.40  ? 67  GLY B N   1 
ATOM   881  C CA  . GLY B 1 74  ? -5.454  16.032  4.540   1.00 45.93  ? 67  GLY B CA  1 
ATOM   882  C C   . GLY B 1 74  ? -4.680  16.206  3.226   1.00 47.68  ? 67  GLY B C   1 
ATOM   883  O O   . GLY B 1 74  ? -5.108  16.974  2.331   1.00 41.97  ? 67  GLY B O   1 
ATOM   884  N N   . ARG B 1 75  ? -3.551  15.496  3.092   1.00 39.05  ? 68  ARG B N   1 
ATOM   885  C CA  . ARG B 1 75  ? -2.801  15.518  1.841   1.00 36.63  ? 68  ARG B CA  1 
ATOM   886  C C   . ARG B 1 75  ? -3.635  14.944  0.699   1.00 39.61  ? 68  ARG B C   1 
ATOM   887  O O   . ARG B 1 75  ? -3.652  15.485  -0.389  1.00 42.94  ? 68  ARG B O   1 
ATOM   888  C CB  . ARG B 1 75  ? -1.476  14.729  1.953   1.00 38.11  ? 68  ARG B CB  1 
ATOM   889  C CG  . ARG B 1 75  ? -0.404  15.335  2.825   1.00 38.85  ? 68  ARG B CG  1 
ATOM   890  C CD  . ARG B 1 75  ? 0.204   16.618  2.243   1.00 40.32  ? 68  ARG B CD  1 
ATOM   891  N NE  . ARG B 1 75  ? 0.738   16.422  0.884   1.00 39.77  ? 68  ARG B NE  1 
ATOM   892  C CZ  . ARG B 1 75  ? 1.912   15.840  0.586   1.00 38.25  ? 68  ARG B CZ  1 
ATOM   893  N NH1 . ARG B 1 75  ? 2.740   15.403  1.521   1.00 35.79  ? 68  ARG B NH1 1 
ATOM   894  N NH2 . ARG B 1 75  ? 2.274   15.700  -0.671  1.00 41.93  ? 68  ARG B NH2 1 
ATOM   895  N N   . TRP B 1 76  ? -4.328  13.835  0.937   1.00 41.09  ? 69  TRP B N   1 
ATOM   896  C CA  . TRP B 1 76  ? -5.145  13.188  -0.108  1.00 41.63  ? 69  TRP B CA  1 
ATOM   897  C C   . TRP B 1 76  ? -6.256  14.108  -0.681  1.00 48.64  ? 69  TRP B C   1 
ATOM   898  O O   . TRP B 1 76  ? -6.474  14.161  -1.906  1.00 43.57  ? 69  TRP B O   1 
ATOM   899  C CB  . TRP B 1 76  ? -5.735  11.901  0.471   1.00 41.94  ? 69  TRP B CB  1 
ATOM   900  C CG  . TRP B 1 76  ? -6.933  11.334  -0.179  1.00 42.78  ? 69  TRP B CG  1 
ATOM   901  C CD1 . TRP B 1 76  ? -8.194  11.380  0.310   1.00 47.72  ? 69  TRP B CD1 1 
ATOM   902  C CD2 . TRP B 1 76  ? -6.996  10.549  -1.384  1.00 45.13  ? 69  TRP B CD2 1 
ATOM   903  N NE1 . TRP B 1 76  ? -9.049  10.711  -0.527  1.00 49.29  ? 69  TRP B NE1 1 
ATOM   904  C CE2 . TRP B 1 76  ? -8.350  10.203  -1.581  1.00 48.02  ? 69  TRP B CE2 1 
ATOM   905  C CE3 . TRP B 1 76  ? -6.052  10.126  -2.318  1.00 47.98  ? 69  TRP B CE3 1 
ATOM   906  C CZ2 . TRP B 1 76  ? -8.785  9.435   -2.660  1.00 46.89  ? 69  TRP B CZ2 1 
ATOM   907  C CZ3 . TRP B 1 76  ? -6.488  9.357   -3.408  1.00 50.69  ? 69  TRP B CZ3 1 
ATOM   908  C CH2 . TRP B 1 76  ? -7.842  9.029   -3.567  1.00 48.47  ? 69  TRP B CH2 1 
ATOM   909  N N   . LYS B 1 77  ? -6.953  14.825  0.205   1.00 49.48  ? 70  LYS B N   1 
ATOM   910  C CA  . LYS B 1 77  ? -8.028  15.755  -0.225  1.00 52.94  ? 70  LYS B CA  1 
ATOM   911  C C   . LYS B 1 77  ? -7.507  16.902  -1.094  1.00 49.54  ? 70  LYS B C   1 
ATOM   912  O O   . LYS B 1 77  ? -8.179  17.339  -2.013  1.00 54.41  ? 70  LYS B O   1 
ATOM   913  C CB  . LYS B 1 77  ? -8.747  16.364  0.970   1.00 58.49  ? 70  LYS B CB  1 
ATOM   914  C CG  . LYS B 1 77  ? -9.504  15.383  1.853   0.80 66.05  ? 70  LYS B CG  1 
ATOM   915  C CD  . LYS B 1 77  ? -9.658  15.985  3.246   0.80 71.21  ? 70  LYS B CD  1 
ATOM   916  C CE  . LYS B 1 77  ? -10.473 15.104  4.174   0.80 77.23  ? 70  LYS B CE  1 
ATOM   917  N NZ  . LYS B 1 77  ? -11.927 15.168  3.875   0.80 79.70  ? 70  LYS B NZ  1 
ATOM   918  N N   . ALA B 1 78  ? -6.287  17.348  -0.821  1.00 53.17  ? 71  ALA B N   1 
ATOM   919  C CA  . ALA B 1 78  ? -5.655  18.439  -1.560  1.00 52.11  ? 71  ALA B CA  1 
ATOM   920  C C   . ALA B 1 78  ? -5.032  18.067  -2.923  1.00 54.97  ? 71  ALA B C   1 
ATOM   921  O O   . ALA B 1 78  ? -4.547  18.962  -3.606  1.00 54.64  ? 71  ALA B O   1 
ATOM   922  C CB  . ALA B 1 78  ? -4.605  19.085  -0.685  1.00 49.02  ? 71  ALA B CB  1 
ATOM   923  N N   . VAL B 1 79  ? -5.009  16.784  -3.310  1.00 49.90  ? 72  VAL B N   1 
ATOM   924  C CA  . VAL B 1 79  ? -4.377  16.374  -4.566  1.00 46.34  ? 72  VAL B CA  1 
ATOM   925  C C   . VAL B 1 79  ? -5.290  16.713  -5.733  1.00 47.12  ? 72  VAL B C   1 
ATOM   926  O O   . VAL B 1 79  ? -6.467  16.383  -5.713  1.00 52.93  ? 72  VAL B O   1 
ATOM   927  C CB  . VAL B 1 79  ? -4.043  14.843  -4.608  1.00 44.32  ? 72  VAL B CB  1 
ATOM   928  C CG1 . VAL B 1 79  ? -3.419  14.451  -5.946  1.00 44.65  ? 72  VAL B CG1 1 
ATOM   929  C CG2 . VAL B 1 79  ? -3.072  14.477  -3.491  1.00 44.08  ? 72  VAL B CG2 1 
ATOM   930  N N   . GLU B 1 80  ? -4.732  17.333  -6.764  1.00 50.70  ? 73  GLU B N   1 
ATOM   931  C CA  . GLU B 1 80  ? -5.484  17.659  -7.989  1.00 53.74  ? 73  GLU B CA  1 
ATOM   932  C C   . GLU B 1 80  ? -6.012  16.382  -8.645  1.00 57.87  ? 73  GLU B C   1 
ATOM   933  O O   . GLU B 1 80  ? -5.319  15.372  -8.688  1.00 58.16  ? 73  GLU B O   1 
ATOM   934  C CB  . GLU B 1 80  ? -4.557  18.428  -8.940  0.80 58.72  ? 73  GLU B CB  1 
ATOM   935  C CG  . GLU B 1 80  ? -5.148  18.834  -10.273 0.80 66.49  ? 73  GLU B CG  1 
ATOM   936  C CD  . GLU B 1 80  ? -4.355  19.940  -10.946 0.80 75.75  ? 73  GLU B CD  1 
ATOM   937  O OE1 . GLU B 1 80  ? -3.127  20.042  -10.701 0.80 81.86  ? 73  GLU B OE1 1 
ATOM   938  O OE2 . GLU B 1 80  ? -4.963  20.715  -11.724 0.80 80.63  ? 73  GLU B OE2 1 
ATOM   939  N N   . LYS B 1 81  ? -7.250  16.419  -9.123  1.00 55.79  ? 74  LYS B N   1 
ATOM   940  C CA  . LYS B 1 81  ? -7.893  15.256  -9.761  1.00 55.65  ? 74  LYS B CA  1 
ATOM   941  C C   . LYS B 1 81  ? -7.071  14.610  -10.894 1.00 58.48  ? 74  LYS B C   1 
ATOM   942  O O   . LYS B 1 81  ? -6.988  13.381  -10.949 1.00 58.54  ? 74  LYS B O   1 
ATOM   943  C CB  . LYS B 1 81  ? -9.261  15.677  -10.278 1.00 57.23  ? 74  LYS B CB  1 
ATOM   944  C CG  . LYS B 1 81  ? -10.092 14.629  -10.977 1.00 60.62  ? 74  LYS B CG  1 
ATOM   945  C CD  . LYS B 1 81  ? -11.431 15.263  -11.290 0.80 64.18  ? 74  LYS B CD  1 
ATOM   946  C CE  . LYS B 1 81  ? -12.330 14.375  -12.119 0.80 68.06  ? 74  LYS B CE  1 
ATOM   947  N NZ  . LYS B 1 81  ? -13.745 14.809  -11.930 0.80 74.40  ? 74  LYS B NZ  1 
ATOM   948  N N   . SER B 1 82  ? -6.476  15.419  -11.781 1.00 55.00  ? 75  SER B N   1 
ATOM   949  C CA  . SER B 1 82  ? -5.625  14.896  -12.874 1.00 54.94  ? 75  SER B CA  1 
ATOM   950  C C   . SER B 1 82  ? -4.364  14.164  -12.370 1.00 51.78  ? 75  SER B C   1 
ATOM   951  O O   . SER B 1 82  ? -3.984  13.131  -12.921 1.00 54.37  ? 75  SER B O   1 
ATOM   952  C CB  . SER B 1 82  ? -5.225  16.010  -13.852 1.00 58.32  ? 75  SER B CB  1 
ATOM   953  O OG  . SER B 1 82  ? -4.335  16.941  -13.223 1.00 64.58  ? 75  SER B OG  1 
ATOM   954  N N   . VAL B 1 83  ? -3.733  14.720  -11.341 1.00 47.71  ? 76  VAL B N   1 
ATOM   955  C CA  . VAL B 1 83  ? -2.560  14.130  -10.696 1.00 48.71  ? 76  VAL B CA  1 
ATOM   956  C C   . VAL B 1 83  ? -2.919  12.781  -10.049 1.00 47.11  ? 76  VAL B C   1 
ATOM   957  O O   . VAL B 1 83  ? -2.222  11.792  -10.262 1.00 52.38  ? 76  VAL B O   1 
ATOM   958  C CB  . VAL B 1 83  ? -1.935  15.083  -9.661  1.00 49.45  ? 76  VAL B CB  1 
ATOM   959  C CG1 . VAL B 1 83  ? -0.784  14.421  -8.931  1.00 49.46  ? 76  VAL B CG1 1 
ATOM   960  C CG2 . VAL B 1 83  ? -1.404  16.351  -10.338 1.00 50.96  ? 76  VAL B CG2 1 
ATOM   961  N N   . ALA B 1 84  ? -4.029  12.738  -9.313  1.00 48.61  ? 77  ALA B N   1 
ATOM   962  C CA  . ALA B 1 84  ? -4.523  11.490  -8.748  1.00 50.11  ? 77  ALA B CA  1 
ATOM   963  C C   . ALA B 1 84  ? -4.819  10.407  -9.791  1.00 48.50  ? 77  ALA B C   1 
ATOM   964  O O   . ALA B 1 84  ? -4.420  9.246   -9.590  1.00 46.95  ? 77  ALA B O   1 
ATOM   965  C CB  . ALA B 1 84  ? -5.724  11.739  -7.864  1.00 48.07  ? 77  ALA B CB  1 
ATOM   966  N N   . MET B 1 85  ? -5.471  10.777  -10.899 1.00 46.78  ? 78  MET B N   1 
ATOM   967  C CA  . MET B 1 85  ? -5.822  9.808   -11.983 1.00 54.34  ? 78  MET B CA  1 
ATOM   968  C C   . MET B 1 85  ? -4.588  9.162   -12.609 1.00 50.71  ? 78  MET B C   1 
ATOM   969  O O   . MET B 1 85  ? -4.566  7.953   -12.866 1.00 50.38  ? 78  MET B O   1 
ATOM   970  C CB  . MET B 1 85  ? -6.635  10.474  -13.110 1.00 58.71  ? 78  MET B CB  1 
ATOM   971  C CG  . MET B 1 85  ? -8.074  10.853  -12.746 0.80 66.42  ? 78  MET B CG  1 
ATOM   972  S SD  . MET B 1 85  ? -9.080  11.653  -14.038 1.00 76.44  ? 78  MET B SD  1 
ATOM   973  C CE  . MET B 1 85  ? -8.071  12.975  -14.700 0.80 68.92  ? 78  MET B CE  1 
ATOM   974  N N   . LYS B 1 86  ? -3.574  9.986   -12.863 0.80 44.93  ? 79  LYS B N   1 
ATOM   975  C CA  . LYS B 1 86  ? -2.333  9.549   -13.494 1.00 49.03  ? 79  LYS B CA  1 
ATOM   976  C C   . LYS B 1 86  ? -1.600  8.471   -12.670 1.00 48.11  ? 79  LYS B C   1 
ATOM   977  O O   . LYS B 1 86  ? -1.309  7.376   -13.195 1.00 46.77  ? 79  LYS B O   1 
ATOM   978  C CB  . LYS B 1 86  ? -1.444  10.776  -13.716 0.80 50.90  ? 79  LYS B CB  1 
ATOM   979  C CG  . LYS B 1 86  ? -0.047  10.524  -14.262 0.80 56.80  ? 79  LYS B CG  1 
ATOM   980  C CD  . LYS B 1 86  ? 0.547   11.783  -14.892 0.80 61.70  ? 79  LYS B CD  1 
ATOM   981  C CE  . LYS B 1 86  ? 0.754   12.937  -13.917 0.80 61.23  ? 79  LYS B CE  1 
ATOM   982  N NZ  . LYS B 1 86  ? 1.982   12.784  -13.095 0.80 63.64  ? 79  LYS B NZ  1 
ATOM   983  N N   . HIS B 1 87  ? -1.342  8.773   -11.388 1.00 42.39  ? 80  HIS B N   1 
ATOM   984  C CA  . HIS B 1 87  ? -0.650  7.831   -10.490 1.00 42.34  ? 80  HIS B CA  1 
ATOM   985  C C   . HIS B 1 87  ? -1.481  6.556   -10.209 1.00 39.16  ? 80  HIS B C   1 
ATOM   986  O O   . HIS B 1 87  ? -0.969  5.441   -10.352 1.00 37.22  ? 80  HIS B O   1 
ATOM   987  C CB  . HIS B 1 87  ? -0.164  8.508   -9.188  1.00 42.69  ? 80  HIS B CB  1 
ATOM   988  C CG  . HIS B 1 87  ? 0.871   9.565   -9.405  1.00 41.61  ? 80  HIS B CG  1 
ATOM   989  N ND1 . HIS B 1 87  ? 2.098   9.302   -9.967  1.00 44.43  ? 80  HIS B ND1 1 
ATOM   990  C CD2 . HIS B 1 87  ? 0.850   10.901  -9.172  1.00 44.49  ? 80  HIS B CD2 1 
ATOM   991  C CE1 . HIS B 1 87  ? 2.793   10.421  -10.061 1.00 42.93  ? 80  HIS B CE1 1 
ATOM   992  N NE2 . HIS B 1 87  ? 2.060   11.405  -9.576  1.00 39.46  ? 80  HIS B NE2 1 
ATOM   993  N N   . LEU B 1 88  ? -2.756  6.698   -9.856  1.00 38.84  ? 81  LEU B N   1 
ATOM   994  C CA  . LEU B 1 88  ? -3.601  5.524   -9.577  1.00 39.67  ? 81  LEU B CA  1 
ATOM   995  C C   . LEU B 1 88  ? -3.748  4.569   -10.762 1.00 42.07  ? 81  LEU B C   1 
ATOM   996  O O   . LEU B 1 88  ? -3.687  3.350   -10.581 1.00 39.00  ? 81  LEU B O   1 
ATOM   997  C CB  . LEU B 1 88  ? -4.977  5.906   -9.060  1.00 38.56  ? 81  LEU B CB  1 
ATOM   998  C CG  . LEU B 1 88  ? -5.021  6.687   -7.755  1.00 39.89  ? 81  LEU B CG  1 
ATOM   999  C CD1 . LEU B 1 88  ? -6.392  7.311   -7.549  1.00 41.23  ? 81  LEU B CD1 1 
ATOM   1000 C CD2 . LEU B 1 88  ? -4.629  5.830   -6.573  1.00 40.86  ? 81  LEU B CD2 1 
ATOM   1001 N N   . THR B 1 89  ? -3.898  5.094   -11.979 1.00 41.51  ? 82  THR B N   1 
ATOM   1002 C CA  . THR B 1 89  ? -3.921  4.212   -13.174 1.00 45.30  ? 82  THR B CA  1 
ATOM   1003 C C   . THR B 1 89  ? -2.572  3.530   -13.422 1.00 42.55  ? 82  THR B C   1 
ATOM   1004 O O   . THR B 1 89  ? -2.522  2.379   -13.884 1.00 42.84  ? 82  THR B O   1 
ATOM   1005 C CB  . THR B 1 89  ? -4.366  4.951   -14.455 1.00 47.62  ? 82  THR B CB  1 
ATOM   1006 O OG1 . THR B 1 89  ? -3.487  6.045   -14.681 1.00 56.38  ? 82  THR B OG1 1 
ATOM   1007 C CG2 . THR B 1 89  ? -5.803  5.481   -14.319 1.00 47.02  ? 82  THR B CG2 1 
ATOM   1008 N N   . SER B 1 90  ? -1.473  4.210   -13.097 1.00 38.51  ? 83  SER B N   1 
ATOM   1009 C CA  . SER B 1 90  ? -0.176  3.550   -13.171 1.00 40.56  ? 83  SER B CA  1 
ATOM   1010 C C   . SER B 1 90  ? -0.011  2.442   -12.112 1.00 39.70  ? 83  SER B C   1 
ATOM   1011 O O   . SER B 1 90  ? 0.621   1.446   -12.394 1.00 38.94  ? 83  SER B O   1 
ATOM   1012 C CB  . SER B 1 90  ? 0.978   4.527   -13.111 1.00 40.69  ? 83  SER B CB  1 
ATOM   1013 O OG  . SER B 1 90  ? 1.262   4.925   -11.793 1.00 47.27  ? 83  SER B OG  1 
ATOM   1014 N N   . PHE B 1 91  ? -0.589  2.624   -10.919 1.00 36.90  ? 84  PHE B N   1 
ATOM   1015 C CA  . PHE B 1 91  ? -0.577  1.581   -9.890  1.00 35.04  ? 84  PHE B CA  1 
ATOM   1016 C C   . PHE B 1 91  ? -1.294  0.317   -10.373 1.00 36.90  ? 84  PHE B C   1 
ATOM   1017 O O   . PHE B 1 91  ? -0.861  -0.782  -10.076 1.00 32.97  ? 84  PHE B O   1 
ATOM   1018 C CB  . PHE B 1 91  ? -1.241  2.032   -8.567  1.00 35.88  ? 84  PHE B CB  1 
ATOM   1019 C CG  . PHE B 1 91  ? -0.562  3.202   -7.851  1.00 30.11  ? 84  PHE B CG  1 
ATOM   1020 C CD1 . PHE B 1 91  ? 0.744   3.569   -8.097  1.00 30.46  ? 84  PHE B CD1 1 
ATOM   1021 C CD2 . PHE B 1 91  ? -1.284  3.935   -6.925  1.00 31.44  ? 84  PHE B CD2 1 
ATOM   1022 C CE1 . PHE B 1 91  ? 1.340   4.622   -7.409  1.00 31.13  ? 84  PHE B CE1 1 
ATOM   1023 C CE2 . PHE B 1 91  ? -0.704  4.992   -6.243  1.00 29.33  ? 84  PHE B CE2 1 
ATOM   1024 C CZ  . PHE B 1 91  ? 0.605   5.357   -6.490  1.00 27.57  ? 84  PHE B CZ  1 
ATOM   1025 N N   . LYS B 1 92  ? -2.410  0.498   -11.070 1.00 38.84  ? 85  LYS B N   1 
ATOM   1026 C CA  . LYS B 1 92  ? -3.231  -0.613  -11.586 1.00 45.50  ? 85  LYS B CA  1 
ATOM   1027 C C   . LYS B 1 92  ? -2.455  -1.486  -12.589 1.00 41.03  ? 85  LYS B C   1 
ATOM   1028 O O   . LYS B 1 92  ? -2.482  -2.709  -12.471 1.00 46.43  ? 85  LYS B O   1 
ATOM   1029 C CB  . LYS B 1 92  ? -4.558  -0.080  -12.168 1.00 48.28  ? 85  LYS B CB  1 
ATOM   1030 C CG  . LYS B 1 92  ? -5.681  -1.104  -12.327 1.00 54.39  ? 85  LYS B CG  1 
ATOM   1031 C CD  . LYS B 1 92  ? -6.771  -0.547  -13.237 0.80 56.63  ? 85  LYS B CD  1 
ATOM   1032 C CE  . LYS B 1 92  ? -7.797  -1.588  -13.652 0.80 63.91  ? 85  LYS B CE  1 
ATOM   1033 N NZ  . LYS B 1 92  ? -8.913  -1.702  -12.678 0.80 66.66  ? 85  LYS B NZ  1 
ATOM   1034 N N   . ARG B 1 93  ? -1.698  -0.862  -13.493 0.80 39.67  ? 86  ARG B N   1 
ATOM   1035 C CA  . ARG B 1 93  ? -0.806  -1.586  -14.407 0.80 37.90  ? 86  ARG B CA  1 
ATOM   1036 C C   . ARG B 1 93  ? 0.281   -2.350  -13.639 0.80 35.92  ? 86  ARG B C   1 
ATOM   1037 O O   . ARG B 1 93  ? 0.580   -3.498  -13.929 0.80 35.94  ? 86  ARG B O   1 
ATOM   1038 C CB  . ARG B 1 93  ? -0.177  -0.630  -15.460 0.80 42.44  ? 86  ARG B CB  1 
ATOM   1039 C CG  . ARG B 1 93  ? -1.188  0.123   -16.336 0.80 47.25  ? 86  ARG B CG  1 
ATOM   1040 C CD  . ARG B 1 93  ? -0.565  0.838   -17.551 0.80 52.73  ? 86  ARG B CD  1 
ATOM   1041 N NE  . ARG B 1 93  ? 0.189   2.056   -17.215 0.80 53.47  ? 86  ARG B NE  1 
ATOM   1042 C CZ  . ARG B 1 93  ? -0.309  3.291   -17.064 0.80 55.71  ? 86  ARG B CZ  1 
ATOM   1043 N NH1 . ARG B 1 93  ? -1.598  3.557   -17.228 0.80 60.11  ? 86  ARG B NH1 1 
ATOM   1044 N NH2 . ARG B 1 93  ? 0.507   4.289   -16.738 0.80 56.32  ? 86  ARG B NH2 1 
ATOM   1045 N N   . GLU B 1 94  ? 0.858   -1.728  -12.616 1.00 36.60  ? 87  GLU B N   1 
ATOM   1046 C CA  . GLU B 1 94  ? 1.907   -2.394  -11.793 1.00 38.18  ? 87  GLU B CA  1 
ATOM   1047 C C   . GLU B 1 94  ? 1.380   -3.562  -10.943 1.00 35.97  ? 87  GLU B C   1 
ATOM   1048 O O   . GLU B 1 94  ? 2.041   -4.597  -10.825 1.00 35.87  ? 87  GLU B O   1 
ATOM   1049 C CB  . GLU B 1 94  ? 2.640   -1.399  -10.922 1.00 41.59  ? 87  GLU B CB  1 
ATOM   1050 C CG  . GLU B 1 94  ? 3.358   -0.359  -11.748 1.00 46.82  ? 87  GLU B CG  1 
ATOM   1051 C CD  . GLU B 1 94  ? 3.996   0.720   -10.912 0.80 56.36  ? 87  GLU B CD  1 
ATOM   1052 O OE1 . GLU B 1 94  ? 3.272   1.408   -10.181 0.80 59.17  ? 87  GLU B OE1 1 
ATOM   1053 O OE2 . GLU B 1 94  ? 5.230   0.880   -10.982 0.80 72.03  ? 87  GLU B OE2 1 
ATOM   1054 N N   . LEU B 1 95  ? 0.165   -3.421  -10.427 1.00 35.61  ? 88  LEU B N   1 
ATOM   1055 C CA  . LEU B 1 95  ? -0.527  -4.512  -9.745  1.00 38.11  ? 88  LEU B CA  1 
ATOM   1056 C C   . LEU B 1 95  ? -0.800  -5.712  -10.696 1.00 39.66  ? 88  LEU B C   1 
ATOM   1057 O O   . LEU B 1 95  ? -0.647  -6.872  -10.288 1.00 36.04  ? 88  LEU B O   1 
ATOM   1058 C CB  . LEU B 1 95  ? -1.822  -4.002  -9.112  1.00 38.22  ? 88  LEU B CB  1 
ATOM   1059 C CG  . LEU B 1 95  ? -2.660  -4.926  -8.256  1.00 39.88  ? 88  LEU B CG  1 
ATOM   1060 C CD1 . LEU B 1 95  ? -1.825  -5.701  -7.235  1.00 38.19  ? 88  LEU B CD1 1 
ATOM   1061 C CD2 . LEU B 1 95  ? -3.764  -4.158  -7.545  1.00 41.75  ? 88  LEU B CD2 1 
ATOM   1062 N N   . GLY B 1 96  ? -1.198  -5.433  -11.942 1.00 38.23  ? 89  GLY B N   1 
ATOM   1063 C CA  . GLY B 1 96  ? -1.333  -6.491  -12.984 1.00 36.95  ? 89  GLY B CA  1 
ATOM   1064 C C   . GLY B 1 96  ? -0.076  -7.306  -13.190 1.00 38.72  ? 89  GLY B C   1 
ATOM   1065 O O   . GLY B 1 96  ? -0.113  -8.555  -13.232 1.00 39.44  ? 89  GLY B O   1 
ATOM   1066 N N   . THR B 1 97  ? 1.052   -6.608  -13.309 1.00 37.31  ? 90  THR B N   1 
ATOM   1067 C CA  . THR B 1 97  ? 2.344   -7.233  -13.489 1.00 41.52  ? 90  THR B CA  1 
ATOM   1068 C C   . THR B 1 97  ? 2.723   -8.067  -12.268 1.00 40.91  ? 90  THR B C   1 
ATOM   1069 O O   . THR B 1 97  ? 3.340   -9.114  -12.387 1.00 38.45  ? 90  THR B O   1 
ATOM   1070 C CB  . THR B 1 97  ? 3.462   -6.167  -13.752 1.00 45.62  ? 90  THR B CB  1 
ATOM   1071 O OG1 . THR B 1 97  ? 3.140   -5.387  -14.912 1.00 49.10  ? 90  THR B OG1 1 
ATOM   1072 C CG2 . THR B 1 97  ? 4.817   -6.781  -13.976 1.00 48.27  ? 90  THR B CG2 1 
ATOM   1073 N N   . LEU B 1 98  ? 2.415   -7.567  -11.082 1.00 39.13  ? 91  LEU B N   1 
ATOM   1074 C CA  . LEU B 1 98  ? 2.650   -8.327  -9.866  1.00 36.66  ? 91  LEU B CA  1 
ATOM   1075 C C   . LEU B 1 98  ? 1.824   -9.617  -9.779  1.00 35.06  ? 91  LEU B C   1 
ATOM   1076 O O   . LEU B 1 98  ? 2.326   -10.646 -9.317  1.00 33.95  ? 91  LEU B O   1 
ATOM   1077 C CB  . LEU B 1 98  ? 2.376   -7.463  -8.641  1.00 34.19  ? 91  LEU B CB  1 
ATOM   1078 C CG  . LEU B 1 98  ? 2.717   -8.064  -7.280  1.00 37.47  ? 91  LEU B CG  1 
ATOM   1079 C CD1 . LEU B 1 98  ? 4.158   -8.568  -7.231  1.00 41.48  ? 91  LEU B CD1 1 
ATOM   1080 C CD2 . LEU B 1 98  ? 2.455   -7.021  -6.185  1.00 38.35  ? 91  LEU B CD2 1 
ATOM   1081 N N   . ILE B 1 99  ? 0.556   -9.534  -10.164 1.00 34.09  ? 92  ILE B N   1 
ATOM   1082 C CA  . ILE B 1 99  ? -0.344  -10.711 -10.261 1.00 38.49  ? 92  ILE B CA  1 
ATOM   1083 C C   . ILE B 1 99  ? 0.194   -11.765 -11.250 1.00 39.60  ? 92  ILE B C   1 
ATOM   1084 O O   . ILE B 1 99  ? 0.137   -12.990 -10.957 1.00 37.01  ? 92  ILE B O   1 
ATOM   1085 C CB  . ILE B 1 99  ? -1.786  -10.257 -10.616 1.00 40.17  ? 92  ILE B CB  1 
ATOM   1086 C CG1 . ILE B 1 99  ? -2.403  -9.500  -9.407  1.00 39.32  ? 92  ILE B CG1 1 
ATOM   1087 C CG2 . ILE B 1 99  ? -2.699  -11.440 -10.968 1.00 42.38  ? 92  ILE B CG2 1 
ATOM   1088 C CD1 . ILE B 1 99  ? -3.645  -8.683  -9.748  1.00 36.81  ? 92  ILE B CD1 1 
ATOM   1089 N N   A ASP B 1 100 ? 0.697   -11.297 -12.397 0.50 40.40  ? 93  ASP B N   1 
ATOM   1090 N N   B ASP B 1 100 ? 0.703   -11.295 -12.393 0.50 40.72  ? 93  ASP B N   1 
ATOM   1091 C CA  A ASP B 1 100 ? 1.361   -12.152 -13.401 0.50 39.35  ? 93  ASP B CA  1 
ATOM   1092 C CA  B ASP B 1 100 ? 1.374   -12.129 -13.414 0.50 40.01  ? 93  ASP B CA  1 
ATOM   1093 C C   A ASP B 1 100 ? 2.553   -12.909 -12.808 0.50 41.07  ? 93  ASP B C   1 
ATOM   1094 C C   B ASP B 1 100 ? 2.568   -12.896 -12.835 0.50 41.46  ? 93  ASP B C   1 
ATOM   1095 O O   A ASP B 1 100 ? 2.667   -14.128 -12.971 0.50 36.84  ? 93  ASP B O   1 
ATOM   1096 O O   B ASP B 1 100 ? 2.695   -14.109 -13.026 0.50 37.31  ? 93  ASP B O   1 
ATOM   1097 C CB  A ASP B 1 100 ? 1.876   -11.329 -14.575 0.50 40.18  ? 93  ASP B CB  1 
ATOM   1098 C CB  B ASP B 1 100 ? 1.864   -11.244 -14.558 0.50 41.30  ? 93  ASP B CB  1 
ATOM   1099 C CG  A ASP B 1 100 ? 0.763   -10.636 -15.364 0.50 42.87  ? 93  ASP B CG  1 
ATOM   1100 C CG  B ASP B 1 100 ? 2.179   -12.023 -15.830 0.50 45.19  ? 93  ASP B CG  1 
ATOM   1101 O OD1 A ASP B 1 100 ? -0.440  -10.828 -15.052 0.50 45.20  ? 93  ASP B OD1 1 
ATOM   1102 O OD1 B ASP B 1 100 ? 1.254   -12.678 -16.389 0.50 42.93  ? 93  ASP B OD1 1 
ATOM   1103 O OD2 A ASP B 1 100 ? 1.125   -9.889  -16.300 0.50 41.19  ? 93  ASP B OD2 1 
ATOM   1104 O OD2 B ASP B 1 100 ? 3.355   -11.942 -16.274 0.50 43.47  ? 93  ASP B OD2 1 
ATOM   1105 N N   . ALA B 1 101 ? 3.442   -12.185 -12.121 1.00 40.20  ? 94  ALA B N   1 
ATOM   1106 C CA  . ALA B 1 101 ? 4.582   -12.832 -11.467 1.00 42.26  ? 94  ALA B CA  1 
ATOM   1107 C C   . ALA B 1 101 ? 4.158   -13.887 -10.419 1.00 42.68  ? 94  ALA B C   1 
ATOM   1108 O O   . ALA B 1 101 ? 4.723   -14.970 -10.336 1.00 44.56  ? 94  ALA B O   1 
ATOM   1109 C CB  . ALA B 1 101 ? 5.480   -11.802 -10.847 1.00 44.16  ? 94  ALA B CB  1 
ATOM   1110 N N   . VAL B 1 102 ? 3.134   -13.589 -9.633  1.00 40.70  ? 95  VAL B N   1 
ATOM   1111 C CA  . VAL B 1 102 ? 2.627   -14.568 -8.670  1.00 38.78  ? 95  VAL B CA  1 
ATOM   1112 C C   . VAL B 1 102 ? 2.025   -15.804 -9.377  1.00 40.74  ? 95  VAL B C   1 
ATOM   1113 O O   . VAL B 1 102 ? 2.238   -16.928 -8.921  1.00 38.65  ? 95  VAL B O   1 
ATOM   1114 C CB  . VAL B 1 102 ? 1.581   -13.953 -7.727  1.00 38.58  ? 95  VAL B CB  1 
ATOM   1115 C CG1 . VAL B 1 102 ? 0.856   -15.036 -6.920  1.00 39.71  ? 95  VAL B CG1 1 
ATOM   1116 C CG2 . VAL B 1 102 ? 2.265   -12.958 -6.793  1.00 40.73  ? 95  VAL B CG2 1 
ATOM   1117 N N   . ASN B 1 103 ? 1.281   -15.582 -10.461 1.00 36.47  ? 96  ASN B N   1 
ATOM   1118 C CA  . ASN B 1 103 ? 0.696   -16.706 -11.232 1.00 38.85  ? 96  ASN B CA  1 
ATOM   1119 C C   . ASN B 1 103 ? 1.768   -17.647 -11.769 1.00 34.52  ? 96  ASN B C   1 
ATOM   1120 O O   . ASN B 1 103 ? 1.567   -18.854 -11.768 1.00 39.79  ? 96  ASN B O   1 
ATOM   1121 C CB  . ASN B 1 103 ? -0.202  -16.216 -12.362 1.00 35.81  ? 96  ASN B CB  1 
ATOM   1122 C CG  . ASN B 1 103 ? -1.512  -15.626 -11.879 1.00 39.52  ? 96  ASN B CG  1 
ATOM   1123 O OD1 . ASN B 1 103 ? -2.025  -15.998 -10.840 1.00 45.14  ? 96  ASN B OD1 1 
ATOM   1124 N ND2 . ASN B 1 103 ? -2.080  -14.715 -12.670 1.00 45.10  ? 96  ASN B ND2 1 
ATOM   1125 N N   . LYS B 1 104 ? 2.890   -17.090 -12.197 1.00 40.39  ? 97  LYS B N   1 
ATOM   1126 C CA  . LYS B 1 104 ? 4.028   -17.850 -12.721 1.00 45.67  ? 97  LYS B CA  1 
ATOM   1127 C C   . LYS B 1 104 ? 5.021   -18.468 -11.687 1.00 50.93  ? 97  LYS B C   1 
ATOM   1128 O O   . LYS B 1 104 ? 5.971   -19.105 -12.129 1.00 59.14  ? 97  LYS B O   1 
ATOM   1129 C CB  . LYS B 1 104 ? 4.805   -16.994 -13.703 1.00 41.62  ? 97  LYS B CB  1 
ATOM   1130 C CG  . LYS B 1 104 ? 3.993   -16.542 -14.899 1.00 42.15  ? 97  LYS B CG  1 
ATOM   1131 C CD  . LYS B 1 104 ? 4.732   -15.470 -15.657 1.00 43.15  ? 97  LYS B CD  1 
ATOM   1132 C CE  . LYS B 1 104 ? 3.910   -15.003 -16.832 1.00 46.34  ? 97  LYS B CE  1 
ATOM   1133 N NZ  . LYS B 1 104 ? 4.583   -13.909 -17.595 1.00 46.52  ? 97  LYS B NZ  1 
ATOM   1134 N N   . ARG B 1 105 ? 4.801   -18.335 -10.367 0.70 47.05  ? 98  ARG B N   1 
ATOM   1135 C CA  . ARG B 1 105 ? 5.712   -18.929 -9.351  0.70 51.75  ? 98  ARG B CA  1 
ATOM   1136 C C   . ARG B 1 105 ? 5.903   -20.441 -9.584  0.70 53.67  ? 98  ARG B C   1 
ATOM   1137 O O   . ARG B 1 105 ? 4.927   -21.208 -9.513  0.70 53.16  ? 98  ARG B O   1 
ATOM   1138 C CB  . ARG B 1 105 ? 5.193   -18.757 -7.905  0.70 52.71  ? 98  ARG B CB  1 
ATOM   1139 C CG  . ARG B 1 105 ? 5.318   -17.381 -7.250  0.70 59.30  ? 98  ARG B CG  1 
ATOM   1140 C CD  . ARG B 1 105 ? 4.494   -17.302 -5.950  0.70 59.92  ? 98  ARG B CD  1 
ATOM   1141 N NE  . ARG B 1 105 ? 4.826   -16.150 -5.068  0.70 67.26  ? 98  ARG B NE  1 
ATOM   1142 C CZ  . ARG B 1 105 ? 4.201   -15.846 -3.914  0.70 61.71  ? 98  ARG B CZ  1 
ATOM   1143 N NH1 . ARG B 1 105 ? 3.184   -16.586 -3.465  0.70 57.38  ? 98  ARG B NH1 1 
ATOM   1144 N NH2 . ARG B 1 105 ? 4.597   -14.800 -3.191  0.70 56.10  ? 98  ARG B NH2 1 
HETATM 1145 C C1  . EDO C 2 .   ? -7.170  -9.788  7.668   1.00 48.16  ? 201 EDO A C1  1 
HETATM 1146 O O1  . EDO C 2 .   ? -7.647  -10.774 6.749   1.00 52.24  ? 201 EDO A O1  1 
HETATM 1147 C C2  . EDO C 2 .   ? -8.288  -8.902  8.198   1.00 50.18  ? 201 EDO A C2  1 
HETATM 1148 O O2  . EDO C 2 .   ? -9.049  -8.416  7.105   1.00 48.38  ? 201 EDO A O2  1 
HETATM 1149 C C1  . EDO D 2 .   ? 6.848   2.838   10.583  1.00 55.57  ? 202 EDO A C1  1 
HETATM 1150 O O1  . EDO D 2 .   ? 7.568   2.078   11.547  1.00 52.96  ? 202 EDO A O1  1 
HETATM 1151 C C2  . EDO D 2 .   ? 6.092   3.981   11.238  1.00 63.11  ? 202 EDO A C2  1 
HETATM 1152 O O2  . EDO D 2 .   ? 4.825   3.543   11.765  1.00 61.52  ? 202 EDO A O2  1 
HETATM 1153 C CAC . FLC E 3 .   ? -7.522  -14.816 8.739   1.00 66.93  ? 203 FLC A CAC 1 
HETATM 1154 C CA  . FLC E 3 .   ? -6.651  -13.661 9.217   1.00 64.74  ? 203 FLC A CA  1 
HETATM 1155 C CB  . FLC E 3 .   ? -5.210  -14.062 9.598   1.00 63.79  ? 203 FLC A CB  1 
HETATM 1156 C CBC . FLC E 3 .   ? -4.308  -14.011 8.372   1.00 63.48  ? 203 FLC A CBC 1 
HETATM 1157 C CG  . FLC E 3 .   ? -4.661  -13.208 10.745  1.00 64.51  ? 203 FLC A CG  1 
HETATM 1158 C CGC . FLC E 3 .   ? -3.443  -13.773 11.445  1.00 68.02  ? 203 FLC A CGC 1 
HETATM 1159 O OA1 . FLC E 3 .   ? -8.142  -14.680 7.663   1.00 73.80  ? 203 FLC A OA1 1 
HETATM 1160 O OA2 . FLC E 3 .   ? -7.611  -15.862 9.442   1.00 71.15  ? 203 FLC A OA2 1 
HETATM 1161 O OB1 . FLC E 3 .   ? -4.747  -13.518 7.317   1.00 69.36  ? 203 FLC A OB1 1 
HETATM 1162 O OB2 . FLC E 3 .   ? -3.144  -14.464 8.392   1.00 48.24  ? 203 FLC A OB2 1 
HETATM 1163 O OG1 . FLC E 3 .   ? -2.810  -13.010 12.213  1.00 70.24  ? 203 FLC A OG1 1 
HETATM 1164 O OG2 . FLC E 3 .   ? -3.131  -14.972 11.247  1.00 67.52  ? 203 FLC A OG2 1 
HETATM 1165 O OHB . FLC E 3 .   ? -5.208  -15.391 10.131  1.00 69.09  ? 203 FLC A OHB 1 
HETATM 1166 C C1  . EDO F 2 .   ? -1.258  -12.794 -19.040 1.00 51.22  ? 201 EDO B C1  1 
HETATM 1167 O O1  . EDO F 2 .   ? -1.235  -14.108 -18.435 1.00 43.26  ? 201 EDO B O1  1 
HETATM 1168 C C2  . EDO F 2 .   ? 0.078   -12.352 -19.642 1.00 52.44  ? 201 EDO B C2  1 
HETATM 1169 O O2  . EDO F 2 .   ? 1.185   -13.254 -19.354 1.00 50.11  ? 201 EDO B O2  1 
HETATM 1170 C C1  . EDO G 2 .   ? 8.086   8.813   -7.357  1.00 57.90  ? 202 EDO B C1  1 
HETATM 1171 O O1  . EDO G 2 .   ? 9.468   8.643   -7.110  1.00 44.19  ? 202 EDO B O1  1 
HETATM 1172 C C2  . EDO G 2 .   ? 7.681   10.279  -7.368  1.00 54.59  ? 202 EDO B C2  1 
HETATM 1173 O O2  . EDO G 2 .   ? 8.277   10.852  -6.218  1.00 60.70  ? 202 EDO B O2  1 
HETATM 1174 O O   . HOH H 4 .   ? -5.439  -12.160 6.180   1.00 41.21  ? 301 HOH A O   1 
HETATM 1175 O O   . HOH H 4 .   ? -10.054 -16.098 7.264   1.00 119.68 ? 302 HOH A O   1 
HETATM 1176 O O   . HOH H 4 .   ? 10.017  -2.289  -4.212  1.00 39.19  ? 303 HOH A O   1 
HETATM 1177 O O   . HOH H 4 .   ? -6.311  -16.635 12.140  1.00 61.06  ? 304 HOH A O   1 
HETATM 1178 O O   . HOH H 4 .   ? -1.142  -6.175  22.029  1.00 68.41  ? 305 HOH A O   1 
HETATM 1179 O O   . HOH H 4 .   ? -9.786  -17.336 9.880   1.00 46.46  ? 306 HOH A O   1 
HETATM 1180 O O   . HOH H 4 .   ? 14.440  -5.238  0.234   1.00 51.78  ? 307 HOH A O   1 
HETATM 1181 O O   . HOH H 4 .   ? 10.205  -16.823 4.298   1.00 45.37  ? 308 HOH A O   1 
HETATM 1182 O O   . HOH H 4 .   ? -1.767  5.925   14.917  1.00 41.20  ? 309 HOH A O   1 
HETATM 1183 O O   . HOH H 4 .   ? -10.533 -12.330 -5.086  1.00 54.54  ? 310 HOH A O   1 
HETATM 1184 O O   . HOH H 4 .   ? 13.844  -11.637 3.643   1.00 41.32  ? 311 HOH A O   1 
HETATM 1185 O O   . HOH H 4 .   ? 1.787   -11.970 13.209  1.00 42.16  ? 312 HOH A O   1 
HETATM 1186 O O   . HOH H 4 .   ? 14.287  -1.636  3.713   1.00 42.67  ? 313 HOH A O   1 
HETATM 1187 O O   . HOH H 4 .   ? 8.010   5.738   -7.301  1.00 38.03  ? 314 HOH A O   1 
HETATM 1188 O O   . HOH H 4 .   ? 6.274   -7.600  -10.229 1.00 46.87  ? 315 HOH A O   1 
HETATM 1189 O O   . HOH H 4 .   ? 1.130   -23.558 -9.177  1.00 51.54  ? 316 HOH A O   1 
HETATM 1190 O O   . HOH H 4 .   ? 0.541   -5.537  12.063  1.00 42.41  ? 317 HOH A O   1 
HETATM 1191 O O   . HOH H 4 .   ? 12.230  -4.918  10.234  1.00 49.99  ? 318 HOH A O   1 
HETATM 1192 O O   . HOH H 4 .   ? 13.611  -6.865  8.897   1.00 37.81  ? 319 HOH A O   1 
HETATM 1193 O O   . HOH H 4 .   ? -11.105 -10.519 7.228   1.00 55.47  ? 320 HOH A O   1 
HETATM 1194 O O   . HOH H 4 .   ? -10.539 -13.343 6.566   1.00 70.80  ? 321 HOH A O   1 
HETATM 1195 O O   . HOH H 4 .   ? -8.977  -15.090 4.831   1.00 76.29  ? 322 HOH A O   1 
HETATM 1196 O O   . HOH H 4 .   ? 15.556  -5.083  6.818   1.00 45.08  ? 323 HOH A O   1 
HETATM 1197 O O   . HOH H 4 .   ? -4.979  5.372   14.361  1.00 54.03  ? 324 HOH A O   1 
HETATM 1198 O O   . HOH H 4 .   ? -6.140  -15.041 4.649   1.00 58.50  ? 325 HOH A O   1 
HETATM 1199 O O   . HOH H 4 .   ? -11.106 -5.646  3.178   1.00 51.48  ? 326 HOH A O   1 
HETATM 1200 O O   B HOH I 4 .   ? -0.663  -13.204 -15.592 0.40 22.30  ? 301 HOH B O   1 
HETATM 1201 O O   . HOH I 4 .   ? -8.864  -6.137  5.284   1.00 37.96  ? 302 HOH B O   1 
HETATM 1202 O O   . HOH I 4 .   ? 16.794  14.889  6.697   1.00 72.71  ? 303 HOH B O   1 
HETATM 1203 O O   . HOH I 4 .   ? -5.827  6.210   12.090  1.00 42.75  ? 304 HOH B O   1 
HETATM 1204 O O   . HOH I 4 .   ? -9.609  2.675   4.821   1.00 43.91  ? 305 HOH B O   1 
HETATM 1205 O O   . HOH I 4 .   ? -0.446  -4.777  -16.077 1.00 62.29  ? 306 HOH B O   1 
HETATM 1206 O O   . HOH I 4 .   ? -2.140  17.063  6.327   1.00 52.91  ? 307 HOH B O   1 
HETATM 1207 O O   . HOH I 4 .   ? -9.492  8.076   9.745   1.00 55.67  ? 308 HOH B O   1 
HETATM 1208 O O   . HOH I 4 .   ? -5.151  10.706  12.818  1.00 52.01  ? 309 HOH B O   1 
HETATM 1209 O O   . HOH I 4 .   ? 4.092   -23.726 -8.653  1.00 70.13  ? 310 HOH B O   1 
HETATM 1210 O O   . HOH I 4 .   ? -11.763 -0.348  2.213   1.00 46.94  ? 311 HOH B O   1 
HETATM 1211 O O   . HOH I 4 .   ? -0.693  -0.130  -1.560  1.00 30.04  ? 312 HOH B O   1 
HETATM 1212 O O   . HOH I 4 .   ? 2.853   14.117  -10.008 1.00 64.28  ? 313 HOH B O   1 
HETATM 1213 O O   . HOH I 4 .   ? 13.989  1.068   7.912   1.00 50.59  ? 314 HOH B O   1 
HETATM 1214 O O   . HOH I 4 .   ? 6.487   -14.398 -6.637  1.00 58.74  ? 315 HOH B O   1 
HETATM 1215 O O   . HOH I 4 .   ? 15.103  0.604   5.057   1.00 44.87  ? 316 HOH B O   1 
HETATM 1216 O O   . HOH I 4 .   ? 1.257   14.143  12.624  1.00 64.41  ? 317 HOH B O   1 
HETATM 1217 O O   . HOH I 4 .   ? -1.867  17.780  -7.200  1.00 71.95  ? 318 HOH B O   1 
HETATM 1218 O O   . HOH I 4 .   ? -13.428 4.033   -3.328  1.00 64.73  ? 319 HOH B O   1 
HETATM 1219 O O   . HOH I 4 .   ? 9.834   9.170   -10.008 1.00 53.68  ? 320 HOH B O   1 
HETATM 1220 O O   . HOH I 4 .   ? 5.326   12.358  -6.649  1.00 37.62  ? 321 HOH B O   1 
HETATM 1221 O O   . HOH I 4 .   ? -8.796  13.846  -3.960  1.00 61.44  ? 322 HOH B O   1 
HETATM 1222 O O   . HOH I 4 .   ? -2.556  12.687  11.945  1.00 45.65  ? 323 HOH B O   1 
HETATM 1223 O O   . HOH I 4 .   ? -11.245 -3.723  -12.024 1.00 61.16  ? 324 HOH B O   1 
HETATM 1224 O O   . HOH I 4 .   ? 14.899  2.278   11.708  1.00 53.51  ? 325 HOH B O   1 
HETATM 1225 O O   . HOH I 4 .   ? -10.297 1.137   -13.406 1.00 66.19  ? 326 HOH B O   1 
HETATM 1226 O O   . HOH I 4 .   ? 11.523  10.630  5.678   1.00 56.46  ? 327 HOH B O   1 
HETATM 1227 O O   . HOH I 4 .   ? 7.612   4.039   -9.589  1.00 46.93  ? 328 HOH B O   1 
HETATM 1228 O O   . HOH I 4 .   ? 18.979  2.564   6.083   1.00 55.64  ? 329 HOH B O   1 
HETATM 1229 O O   . HOH I 4 .   ? -9.668  -5.585  -12.147 1.00 61.76  ? 330 HOH B O   1 
# 
